data_2R26
#
_entry.id   2R26
#
_cell.length_a   67.705
_cell.length_b   74.221
_cell.length_c   89.874
_cell.angle_alpha   99.340
_cell.angle_beta   98.340
_cell.angle_gamma   114.380
#
_symmetry.space_group_name_H-M   'P 1'
#
loop_
_entity.id
_entity.type
_entity.pdbx_description
1 polymer 'Citrate Synthase'
2 non-polymer 'OXALOACETATE ION'
3 non-polymer 'CARBOXYMETHYL COENZYME *A'
4 water water
#
_entity_poly.entity_id   1
_entity_poly.type   'polypeptide(L)'
_entity_poly.pdbx_seq_one_letter_code
;PETEEISKGLEDVNIKWTRLTTIDGNKGILRYGGYSVEDIIASGAQDEEIQYLFLYGNLPTEQELRKYKETVQKGYKIPD
FVINAIRQLPRESDAVAMQMAAVAAMAASETKFKWNKDTDRDVAAEMIGRMSAITVNVYRHIMNMPAELPKPSDSYAESF
LNAAFGRKATKEEIDAMNTALILYTDHEVPASTTAGLVAVSTLSDMYSGITAALAALKGPLHGGAAEAAIAQFDEIKDPA
MVEKWFNDNIINGKKRLMGFGHRVYKTYDPRAKIFKGIAEKLSSKKPEVHKVYEIATKLEDFGIKAFGSKGIYPNTDYFS
GIVYMSIGFPLRNNIYTALFALSRVTGWQAHFIEYVEEQQRLIRPRAVYVGPAERKYVPIAERK
;
_entity_poly.pdbx_strand_id   A,B,C,D
#
# COMPACT_ATOMS: atom_id res chain seq x y z
N THR A 3 39.68 21.08 -21.31
CA THR A 3 38.21 20.91 -21.19
C THR A 3 37.45 22.12 -21.77
N GLU A 4 37.11 22.02 -23.05
CA GLU A 4 36.34 23.05 -23.78
C GLU A 4 35.70 22.53 -25.09
N GLU A 5 35.77 21.21 -25.29
CA GLU A 5 35.25 20.58 -26.49
C GLU A 5 33.89 19.92 -26.29
N ILE A 6 32.97 20.14 -27.23
CA ILE A 6 31.60 19.61 -27.13
C ILE A 6 31.48 18.18 -27.70
N SER A 7 30.99 17.27 -26.86
CA SER A 7 30.64 15.92 -27.28
C SER A 7 29.23 15.94 -27.86
N LYS A 8 29.14 16.26 -29.15
CA LYS A 8 27.85 16.41 -29.82
C LYS A 8 27.04 15.11 -29.84
N GLY A 9 25.89 15.14 -29.18
CA GLY A 9 25.01 13.98 -29.04
C GLY A 9 25.57 12.91 -28.12
N LEU A 10 26.66 13.25 -27.44
CA LEU A 10 27.44 12.31 -26.62
C LEU A 10 27.93 11.10 -27.42
N GLU A 11 28.24 11.33 -28.69
CA GLU A 11 28.71 10.26 -29.57
C GLU A 11 30.04 9.67 -29.08
N ASP A 12 30.05 8.34 -28.94
CA ASP A 12 31.22 7.57 -28.49
C ASP A 12 31.65 7.82 -27.05
N VAL A 13 30.87 8.60 -26.31
CA VAL A 13 31.11 8.79 -24.88
C VAL A 13 30.53 7.61 -24.11
N ASN A 14 31.35 7.00 -23.25
CA ASN A 14 30.90 5.88 -22.43
C ASN A 14 30.35 6.35 -21.09
N ILE A 15 29.05 6.10 -20.87
CA ILE A 15 28.35 6.57 -19.68
C ILE A 15 28.35 5.55 -18.54
N LYS A 16 28.58 4.28 -18.88
CA LYS A 16 28.63 3.17 -17.92
C LYS A 16 29.27 1.94 -18.54
N TRP A 17 29.52 0.92 -17.71
CA TRP A 17 29.81 -0.42 -18.23
C TRP A 17 28.55 -1.26 -18.10
N THR A 18 28.39 -2.24 -18.99
CA THR A 18 27.24 -3.14 -18.93
C THR A 18 27.59 -4.61 -19.19
N ARG A 19 26.80 -5.49 -18.59
CA ARG A 19 26.90 -6.94 -18.82
C ARG A 19 25.73 -7.47 -19.64
N LEU A 20 24.82 -6.57 -20.01
CA LEU A 20 23.50 -6.97 -20.51
C LEU A 20 23.36 -7.08 -22.01
N THR A 21 23.98 -6.17 -22.74
CA THR A 21 23.78 -6.05 -24.19
C THR A 21 25.03 -5.56 -24.88
N THR A 22 25.36 -6.19 -26.01
CA THR A 22 26.48 -5.75 -26.83
C THR A 22 26.03 -5.52 -28.26
N ILE A 23 26.58 -4.50 -28.90
CA ILE A 23 26.19 -4.13 -30.25
C ILE A 23 27.40 -4.04 -31.17
N ASP A 24 27.32 -4.77 -32.27
CA ASP A 24 28.29 -4.61 -33.34
C ASP A 24 27.62 -3.79 -34.45
N GLY A 25 27.92 -2.50 -34.48
CA GLY A 25 27.34 -1.58 -35.45
C GLY A 25 27.83 -1.82 -36.86
N ASN A 26 29.07 -2.30 -36.99
CA ASN A 26 29.67 -2.58 -38.29
C ASN A 26 29.12 -3.83 -38.96
N LYS A 27 29.09 -4.94 -38.25
CA LYS A 27 28.62 -6.21 -38.81
C LYS A 27 27.14 -6.53 -38.52
N GLY A 28 26.49 -5.69 -37.71
CA GLY A 28 25.07 -5.84 -37.41
C GLY A 28 24.75 -6.99 -36.48
N ILE A 29 25.47 -7.07 -35.36
CA ILE A 29 25.26 -8.14 -34.38
C ILE A 29 24.73 -7.57 -33.06
N LEU A 30 23.60 -8.12 -32.62
CA LEU A 30 23.00 -7.78 -31.33
C LEU A 30 22.91 -9.01 -30.43
N ARG A 31 23.49 -8.92 -29.24
CA ARG A 31 23.43 -10.02 -28.28
C ARG A 31 22.79 -9.59 -26.95
N TYR A 32 22.01 -10.50 -26.38
CA TYR A 32 21.48 -10.34 -25.03
C TYR A 32 22.20 -11.31 -24.09
N GLY A 33 23.03 -10.76 -23.21
CA GLY A 33 23.82 -11.54 -22.26
C GLY A 33 24.68 -12.60 -22.93
N GLY A 34 25.23 -12.27 -24.10
CA GLY A 34 26.04 -13.20 -24.88
C GLY A 34 25.28 -13.96 -25.96
N TYR A 35 23.96 -14.06 -25.80
CA TYR A 35 23.11 -14.79 -26.76
C TYR A 35 22.62 -13.88 -27.89
N SER A 36 22.97 -14.22 -29.12
CA SER A 36 22.56 -13.43 -30.29
C SER A 36 21.06 -13.47 -30.49
N VAL A 37 20.51 -12.32 -30.91
CA VAL A 37 19.07 -12.14 -31.06
C VAL A 37 18.43 -13.09 -32.10
N GLU A 38 19.23 -13.54 -33.06
CA GLU A 38 18.78 -14.51 -34.07
C GLU A 38 18.64 -15.90 -33.45
N ASP A 39 19.65 -16.28 -32.66
CA ASP A 39 19.67 -17.56 -31.94
C ASP A 39 18.47 -17.69 -30.99
N ILE A 40 18.15 -16.60 -30.30
CA ILE A 40 17.04 -16.55 -29.34
C ILE A 40 15.68 -16.80 -29.99
N ILE A 41 15.48 -16.20 -31.17
CA ILE A 41 14.25 -16.38 -31.94
C ILE A 41 14.21 -17.76 -32.58
N ALA A 42 15.34 -18.21 -33.11
CA ALA A 42 15.46 -19.54 -33.73
C ALA A 42 15.04 -20.65 -32.76
N SER A 43 15.46 -20.51 -31.50
CA SER A 43 15.13 -21.47 -30.46
C SER A 43 13.68 -21.36 -29.98
N GLY A 44 12.98 -20.33 -30.44
CA GLY A 44 11.58 -20.10 -30.10
C GLY A 44 11.34 -19.82 -28.62
N ALA A 45 12.28 -19.09 -28.01
CA ALA A 45 12.24 -18.78 -26.58
C ALA A 45 11.07 -17.89 -26.20
N GLN A 46 10.57 -18.07 -24.99
CA GLN A 46 9.57 -17.18 -24.42
C GLN A 46 10.22 -15.88 -23.95
N ASP A 47 9.43 -14.81 -23.85
CA ASP A 47 9.93 -13.52 -23.42
C ASP A 47 10.34 -13.52 -21.96
N GLU A 48 9.59 -14.27 -21.14
CA GLU A 48 9.84 -14.36 -19.69
C GLU A 48 11.23 -14.88 -19.38
N GLU A 49 11.75 -15.74 -20.26
CA GLU A 49 13.10 -16.28 -20.12
C GLU A 49 14.14 -15.18 -20.35
N ILE A 50 13.87 -14.34 -21.34
CA ILE A 50 14.76 -13.24 -21.69
C ILE A 50 14.67 -12.14 -20.64
N GLN A 51 13.44 -11.87 -20.18
CA GLN A 51 13.20 -10.98 -19.05
C GLN A 51 14.04 -11.41 -17.85
N TYR A 52 13.95 -12.69 -17.51
CA TYR A 52 14.70 -13.27 -16.40
C TYR A 52 16.20 -13.12 -16.60
N LEU A 53 16.64 -13.31 -17.85
CA LEU A 53 18.06 -13.19 -18.20
C LEU A 53 18.61 -11.81 -17.87
N PHE A 54 17.84 -10.77 -18.17
CA PHE A 54 18.29 -9.38 -17.94
C PHE A 54 18.35 -9.00 -16.48
N LEU A 55 17.46 -9.56 -15.67
CA LEU A 55 17.40 -9.23 -14.25
C LEU A 55 18.38 -10.03 -13.41
N TYR A 56 18.69 -11.25 -13.85
CA TYR A 56 19.47 -12.19 -13.04
C TYR A 56 20.85 -12.55 -13.58
N GLY A 57 20.99 -12.59 -14.91
CA GLY A 57 22.30 -12.81 -15.52
C GLY A 57 22.44 -14.07 -16.36
N ASN A 58 21.57 -15.05 -16.13
CA ASN A 58 21.52 -16.27 -16.92
C ASN A 58 20.08 -16.70 -17.18
N LEU A 59 19.90 -17.65 -18.09
CA LEU A 59 18.58 -18.16 -18.45
C LEU A 59 18.02 -19.04 -17.31
N PRO A 60 16.69 -18.95 -17.06
CA PRO A 60 16.09 -19.64 -15.91
C PRO A 60 15.87 -21.13 -16.12
N THR A 61 16.10 -21.91 -15.06
CA THR A 61 15.69 -23.31 -15.03
C THR A 61 14.17 -23.36 -14.88
N GLU A 62 13.57 -24.52 -15.12
CA GLU A 62 12.11 -24.70 -15.07
C GLU A 62 11.48 -24.18 -13.78
N GLN A 63 12.18 -24.41 -12.66
CA GLN A 63 11.74 -23.96 -11.33
C GLN A 63 11.77 -22.43 -11.19
N GLU A 64 12.87 -21.81 -11.62
CA GLU A 64 13.06 -20.37 -11.51
C GLU A 64 12.13 -19.58 -12.44
N LEU A 65 11.87 -20.13 -13.63
CA LEU A 65 10.94 -19.50 -14.58
C LEU A 65 9.51 -19.45 -14.04
N ARG A 66 9.09 -20.55 -13.41
CA ARG A 66 7.75 -20.65 -12.82
C ARG A 66 7.59 -19.69 -11.65
N LYS A 67 8.65 -19.55 -10.86
CA LYS A 67 8.71 -18.57 -9.76
C LYS A 67 8.65 -17.13 -10.31
N TYR A 68 9.38 -16.89 -11.40
CA TYR A 68 9.45 -15.56 -12.02
C TYR A 68 8.09 -15.09 -12.56
N LYS A 69 7.32 -15.99 -13.18
CA LYS A 69 6.02 -15.65 -13.75
C LYS A 69 5.01 -15.17 -12.72
N GLU A 70 5.03 -15.82 -11.55
CA GLU A 70 4.12 -15.49 -10.45
C GLU A 70 4.42 -14.12 -9.87
N THR A 71 5.71 -13.74 -9.88
CA THR A 71 6.14 -12.42 -9.45
C THR A 71 5.71 -11.35 -10.46
N VAL A 72 5.75 -11.69 -11.75
CA VAL A 72 5.28 -10.81 -12.82
C VAL A 72 3.77 -10.62 -12.75
N GLN A 73 3.04 -11.73 -12.58
CA GLN A 73 1.58 -11.74 -12.57
C GLN A 73 0.97 -10.93 -11.42
N LYS A 74 1.76 -10.73 -10.36
CA LYS A 74 1.39 -9.83 -9.28
C LYS A 74 1.13 -8.43 -9.83
N GLY A 75 1.89 -8.06 -10.86
CA GLY A 75 1.76 -6.77 -11.51
C GLY A 75 0.52 -6.60 -12.37
N TYR A 76 -0.21 -7.69 -12.60
CA TYR A 76 -1.45 -7.63 -13.37
C TYR A 76 -2.57 -6.95 -12.58
N LYS A 77 -2.41 -6.92 -11.26
CA LYS A 77 -3.33 -6.21 -10.38
C LYS A 77 -2.73 -4.85 -10.05
N ILE A 78 -3.39 -3.79 -10.51
CA ILE A 78 -2.94 -2.42 -10.28
C ILE A 78 -4.08 -1.56 -9.69
N PRO A 79 -3.72 -0.55 -8.86
CA PRO A 79 -4.71 0.31 -8.20
C PRO A 79 -5.64 1.04 -9.17
N ASP A 80 -6.81 1.45 -8.67
CA ASP A 80 -7.80 2.13 -9.49
C ASP A 80 -7.34 3.51 -9.94
N PHE A 81 -6.59 4.21 -9.10
CA PHE A 81 -6.07 5.53 -9.45
C PHE A 81 -5.00 5.46 -10.54
N VAL A 82 -4.31 4.31 -10.62
CA VAL A 82 -3.36 4.05 -11.69
C VAL A 82 -4.08 3.88 -13.03
N ILE A 83 -5.13 3.07 -13.04
CA ILE A 83 -6.00 2.93 -14.21
C ILE A 83 -6.59 4.28 -14.57
N ASN A 84 -7.13 4.97 -13.56
CA ASN A 84 -7.78 6.26 -13.75
C ASN A 84 -6.84 7.34 -14.28
N ALA A 85 -5.55 7.21 -13.96
CA ALA A 85 -4.52 8.12 -14.46
C ALA A 85 -4.48 8.13 -15.99
N ILE A 86 -4.78 6.97 -16.58
CA ILE A 86 -4.95 6.86 -18.03
C ILE A 86 -6.33 7.36 -18.44
N ARG A 87 -7.36 6.79 -17.81
CA ARG A 87 -8.75 6.95 -18.26
C ARG A 87 -9.35 8.36 -18.07
N GLN A 88 -8.72 9.20 -17.26
CA GLN A 88 -9.22 10.57 -17.06
C GLN A 88 -8.57 11.59 -18.00
N LEU A 89 -7.70 11.10 -18.89
CA LEU A 89 -7.04 11.92 -19.90
C LEU A 89 -7.86 11.97 -21.18
N PRO A 90 -7.72 13.06 -21.97
CA PRO A 90 -8.41 13.12 -23.25
C PRO A 90 -8.07 11.92 -24.12
N ARG A 91 -9.08 11.33 -24.74
CA ARG A 91 -8.94 10.10 -25.53
C ARG A 91 -7.95 10.23 -26.69
N GLU A 92 -7.84 11.43 -27.25
CA GLU A 92 -6.95 11.68 -28.39
C GLU A 92 -5.48 11.90 -28.02
N SER A 93 -5.14 11.62 -26.76
CA SER A 93 -3.78 11.81 -26.25
C SER A 93 -2.79 10.75 -26.78
N ASP A 94 -1.51 11.05 -26.64
CA ASP A 94 -0.43 10.15 -27.03
C ASP A 94 -0.36 8.95 -26.08
N ALA A 95 -0.24 7.76 -26.66
CA ALA A 95 -0.24 6.51 -25.90
C ALA A 95 0.95 6.36 -24.95
N VAL A 96 2.11 6.86 -25.35
CA VAL A 96 3.33 6.77 -24.54
C VAL A 96 3.24 7.72 -23.35
N ALA A 97 2.67 8.90 -23.58
CA ALA A 97 2.45 9.88 -22.53
C ALA A 97 1.39 9.40 -21.53
N MET A 98 0.44 8.61 -22.01
CA MET A 98 -0.52 7.94 -21.14
C MET A 98 0.19 6.93 -20.24
N GLN A 99 1.10 6.15 -20.83
CA GLN A 99 1.95 5.23 -20.06
C GLN A 99 2.80 6.01 -19.06
N MET A 100 3.28 7.18 -19.49
CA MET A 100 4.05 8.09 -18.64
C MET A 100 3.23 8.50 -17.41
N ALA A 101 1.99 8.93 -17.64
CA ALA A 101 1.09 9.40 -16.60
C ALA A 101 0.79 8.32 -15.56
N ALA A 102 0.63 7.09 -16.05
CA ALA A 102 0.34 5.95 -15.19
C ALA A 102 1.52 5.59 -14.30
N VAL A 103 2.73 5.55 -14.88
CA VAL A 103 3.93 5.24 -14.10
C VAL A 103 4.27 6.36 -13.12
N ALA A 104 4.00 7.60 -13.51
CA ALA A 104 4.17 8.74 -12.61
C ALA A 104 3.33 8.60 -11.34
N ALA A 105 2.12 8.07 -11.48
CA ALA A 105 1.24 7.78 -10.35
C ALA A 105 1.85 6.74 -9.41
N MET A 106 2.55 5.78 -9.98
CA MET A 106 3.28 4.78 -9.20
C MET A 106 4.47 5.40 -8.47
N ALA A 107 5.23 6.23 -9.18
CA ALA A 107 6.37 6.94 -8.58
C ALA A 107 5.93 7.74 -7.35
N ALA A 108 4.73 8.31 -7.43
CA ALA A 108 4.15 9.09 -6.34
C ALA A 108 3.68 8.21 -5.19
N SER A 109 2.91 7.16 -5.51
CA SER A 109 2.26 6.32 -4.50
C SER A 109 3.24 5.41 -3.79
N GLU A 110 4.26 4.94 -4.51
CA GLU A 110 5.23 3.99 -3.97
C GLU A 110 6.22 4.65 -3.01
N THR A 111 5.72 5.05 -1.85
CA THR A 111 6.51 5.81 -0.86
C THR A 111 7.52 4.97 -0.09
N LYS A 112 7.49 3.66 -0.30
CA LYS A 112 8.36 2.73 0.43
C LYS A 112 9.50 2.14 -0.40
N PHE A 113 9.58 2.51 -1.69
CA PHE A 113 10.65 2.03 -2.56
C PHE A 113 12.02 2.49 -2.07
N LYS A 114 12.96 1.54 -2.03
CA LYS A 114 14.35 1.83 -1.70
C LYS A 114 15.25 0.91 -2.52
N TRP A 115 16.36 1.45 -2.99
CA TRP A 115 17.33 0.68 -3.77
C TRP A 115 18.05 -0.32 -2.88
N ASN A 116 17.87 -1.60 -3.19
CA ASN A 116 18.40 -2.70 -2.39
C ASN A 116 18.55 -3.95 -3.22
N LYS A 117 19.74 -4.56 -3.17
CA LYS A 117 20.07 -5.71 -4.02
C LYS A 117 19.19 -6.93 -3.80
N ASP A 118 18.58 -7.02 -2.62
CA ASP A 118 17.70 -8.13 -2.28
C ASP A 118 16.31 -7.99 -2.91
N THR A 119 15.85 -6.76 -3.07
CA THR A 119 14.48 -6.49 -3.49
C THR A 119 14.33 -5.95 -4.92
N ASP A 120 15.44 -5.48 -5.50
CA ASP A 120 15.41 -4.80 -6.79
C ASP A 120 14.72 -5.60 -7.91
N ARG A 121 15.16 -6.85 -8.08
CA ARG A 121 14.68 -7.70 -9.16
C ARG A 121 13.20 -8.06 -9.05
N ASP A 122 12.73 -8.23 -7.81
CA ASP A 122 11.31 -8.48 -7.57
C ASP A 122 10.45 -7.26 -7.90
N VAL A 123 10.90 -6.07 -7.47
CA VAL A 123 10.25 -4.81 -7.83
C VAL A 123 10.20 -4.65 -9.36
N ALA A 124 11.31 -5.02 -10.01
CA ALA A 124 11.42 -4.95 -11.46
C ALA A 124 10.47 -5.92 -12.15
N ALA A 125 10.50 -7.18 -11.72
CA ALA A 125 9.65 -8.24 -12.28
C ALA A 125 8.17 -7.92 -12.18
N GLU A 126 7.74 -7.36 -11.04
CA GLU A 126 6.34 -6.97 -10.86
C GLU A 126 5.96 -5.78 -11.73
N MET A 127 6.89 -4.86 -11.93
CA MET A 127 6.65 -3.68 -12.77
C MET A 127 6.46 -4.06 -14.24
N ILE A 128 7.23 -5.05 -14.71
CA ILE A 128 7.07 -5.60 -16.06
C ILE A 128 5.63 -6.11 -16.25
N GLY A 129 5.07 -6.71 -15.19
CA GLY A 129 3.65 -7.09 -15.17
C GLY A 129 2.74 -5.87 -15.12
N ARG A 130 3.13 -4.88 -14.33
CA ARG A 130 2.37 -3.63 -14.21
C ARG A 130 2.33 -2.87 -15.54
N MET A 131 3.43 -2.92 -16.28
CA MET A 131 3.50 -2.30 -17.60
C MET A 131 2.46 -2.91 -18.54
N SER A 132 2.31 -4.23 -18.51
CA SER A 132 1.30 -4.93 -19.31
C SER A 132 -0.09 -4.43 -18.97
N ALA A 133 -0.41 -4.45 -17.68
CA ALA A 133 -1.69 -3.96 -17.18
C ALA A 133 -1.94 -2.51 -17.58
N ILE A 134 -0.87 -1.70 -17.55
CA ILE A 134 -0.96 -0.29 -17.95
C ILE A 134 -1.26 -0.16 -19.45
N THR A 135 -0.50 -0.89 -20.27
CA THR A 135 -0.63 -0.84 -21.72
C THR A 135 -2.02 -1.29 -22.22
N VAL A 136 -2.51 -2.41 -21.66
CA VAL A 136 -3.88 -2.87 -21.94
C VAL A 136 -4.86 -1.70 -21.78
N ASN A 137 -4.79 -1.04 -20.64
CA ASN A 137 -5.71 0.04 -20.32
C ASN A 137 -5.47 1.33 -21.11
N VAL A 138 -4.23 1.57 -21.50
CA VAL A 138 -3.90 2.65 -22.43
C VAL A 138 -4.62 2.41 -23.78
N TYR A 139 -4.42 1.22 -24.34
CA TYR A 139 -5.08 0.85 -25.59
C TYR A 139 -6.61 0.87 -25.49
N ARG A 140 -7.14 0.33 -24.39
CA ARG A 140 -8.59 0.25 -24.18
C ARG A 140 -9.27 1.61 -24.07
N HIS A 141 -8.60 2.52 -23.37
CA HIS A 141 -9.08 3.89 -23.21
C HIS A 141 -9.12 4.63 -24.55
N ILE A 142 -8.06 4.48 -25.34
CA ILE A 142 -7.99 5.07 -26.67
C ILE A 142 -9.11 4.56 -27.59
N MET A 143 -9.37 3.26 -27.54
CA MET A 143 -10.37 2.61 -28.38
C MET A 143 -11.81 2.74 -27.86
N ASN A 144 -11.99 3.59 -26.84
CA ASN A 144 -13.28 3.85 -26.20
C ASN A 144 -13.89 2.65 -25.47
N MET A 145 -13.06 1.65 -25.19
CA MET A 145 -13.51 0.41 -24.54
C MET A 145 -13.53 0.56 -23.01
N PRO A 146 -14.27 -0.34 -22.31
CA PRO A 146 -14.18 -0.38 -20.85
C PRO A 146 -12.83 -0.90 -20.40
N ALA A 147 -12.45 -0.59 -19.16
CA ALA A 147 -11.18 -1.02 -18.60
C ALA A 147 -11.16 -2.52 -18.31
N GLU A 148 -9.98 -3.12 -18.44
CA GLU A 148 -9.78 -4.54 -18.12
C GLU A 148 -8.33 -4.80 -17.68
N LEU A 149 -8.15 -5.82 -16.85
CA LEU A 149 -6.84 -6.24 -16.40
C LEU A 149 -6.44 -7.57 -17.04
N PRO A 150 -5.14 -7.76 -17.35
CA PRO A 150 -4.67 -9.06 -17.83
C PRO A 150 -4.79 -10.15 -16.77
N LYS A 151 -5.20 -11.34 -17.20
CA LYS A 151 -5.29 -12.52 -16.34
C LYS A 151 -4.07 -13.41 -16.57
N PRO A 152 -3.63 -14.15 -15.55
CA PRO A 152 -2.55 -15.13 -15.74
C PRO A 152 -2.88 -16.16 -16.81
N SER A 153 -1.89 -16.53 -17.61
CA SER A 153 -2.05 -17.55 -18.64
C SER A 153 -0.74 -18.28 -18.94
N ASP A 154 -0.71 -19.00 -20.06
CA ASP A 154 0.48 -19.76 -20.48
C ASP A 154 1.66 -18.85 -20.83
N SER A 155 1.38 -17.63 -21.30
CA SER A 155 2.43 -16.70 -21.68
C SER A 155 2.09 -15.23 -21.39
N TYR A 156 3.13 -14.45 -21.13
CA TYR A 156 3.03 -13.00 -20.94
C TYR A 156 2.40 -12.33 -22.17
N ALA A 157 2.89 -12.71 -23.35
CA ALA A 157 2.36 -12.21 -24.61
C ALA A 157 0.86 -12.48 -24.78
N GLU A 158 0.44 -13.69 -24.46
CA GLU A 158 -0.97 -14.06 -24.53
C GLU A 158 -1.80 -13.29 -23.51
N SER A 159 -1.33 -13.24 -22.26
CA SER A 159 -1.99 -12.51 -21.18
C SER A 159 -2.27 -11.06 -21.58
N PHE A 160 -1.29 -10.44 -22.25
CA PHE A 160 -1.44 -9.08 -22.75
C PHE A 160 -2.45 -8.96 -23.89
N LEU A 161 -2.26 -9.79 -24.92
CA LEU A 161 -3.13 -9.76 -26.11
C LEU A 161 -4.59 -10.05 -25.79
N ASN A 162 -4.84 -11.02 -24.91
CA ASN A 162 -6.20 -11.39 -24.50
C ASN A 162 -6.97 -10.25 -23.85
N ALA A 163 -6.30 -9.49 -22.99
CA ALA A 163 -6.92 -8.38 -22.29
C ALA A 163 -7.09 -7.14 -23.16
N ALA A 164 -6.11 -6.91 -24.04
CA ALA A 164 -6.14 -5.75 -24.91
C ALA A 164 -7.31 -5.77 -25.89
N PHE A 165 -7.52 -6.91 -26.54
CA PHE A 165 -8.58 -7.04 -27.54
C PHE A 165 -9.90 -7.56 -26.99
N GLY A 166 -9.84 -8.23 -25.83
CA GLY A 166 -11.03 -8.81 -25.21
C GLY A 166 -11.50 -10.06 -25.94
N ARG A 167 -10.55 -10.88 -26.38
CA ARG A 167 -10.83 -12.13 -27.07
C ARG A 167 -9.62 -13.07 -26.91
N LYS A 168 -9.81 -14.33 -27.26
CA LYS A 168 -8.70 -15.28 -27.27
C LYS A 168 -7.84 -15.00 -28.50
N ALA A 169 -6.55 -14.78 -28.28
CA ALA A 169 -5.60 -14.55 -29.36
C ALA A 169 -5.16 -15.88 -29.96
N THR A 170 -4.88 -15.88 -31.26
CA THR A 170 -4.45 -17.10 -31.96
C THR A 170 -2.98 -17.40 -31.67
N LYS A 171 -2.59 -18.65 -31.89
CA LYS A 171 -1.21 -19.10 -31.70
C LYS A 171 -0.22 -18.21 -32.48
N GLU A 172 -0.59 -17.90 -33.72
CA GLU A 172 0.21 -17.07 -34.61
C GLU A 172 0.33 -15.63 -34.10
N GLU A 173 -0.77 -15.11 -33.53
CA GLU A 173 -0.80 -13.77 -32.97
C GLU A 173 0.08 -13.67 -31.72
N ILE A 174 -0.07 -14.64 -30.82
CA ILE A 174 0.71 -14.72 -29.58
C ILE A 174 2.21 -14.80 -29.89
N ASP A 175 2.55 -15.62 -30.87
CA ASP A 175 3.95 -15.85 -31.25
C ASP A 175 4.64 -14.61 -31.83
N ALA A 176 3.90 -13.84 -32.63
CA ALA A 176 4.45 -12.63 -33.25
C ALA A 176 4.68 -11.53 -32.20
N MET A 177 3.75 -11.41 -31.26
CA MET A 177 3.88 -10.48 -30.14
C MET A 177 5.06 -10.88 -29.24
N ASN A 178 5.24 -12.19 -29.08
CA ASN A 178 6.35 -12.72 -28.29
C ASN A 178 7.71 -12.39 -28.90
N THR A 179 7.77 -12.37 -30.24
CA THR A 179 8.99 -11.99 -30.95
C THR A 179 9.26 -10.50 -30.78
N ALA A 180 8.23 -9.69 -30.98
CA ALA A 180 8.32 -8.24 -30.79
C ALA A 180 8.78 -7.84 -29.38
N LEU A 181 8.28 -8.54 -28.36
CA LEU A 181 8.70 -8.29 -26.97
C LEU A 181 10.17 -8.61 -26.75
N ILE A 182 10.64 -9.73 -27.32
CA ILE A 182 12.05 -10.08 -27.25
C ILE A 182 12.90 -9.05 -28.01
N LEU A 183 12.49 -8.72 -29.23
CA LEU A 183 13.28 -7.86 -30.10
C LEU A 183 13.49 -6.44 -29.57
N TYR A 184 12.50 -5.91 -28.86
CA TYR A 184 12.58 -4.56 -28.29
C TYR A 184 13.07 -4.53 -26.84
N THR A 185 13.47 -5.68 -26.30
CA THR A 185 13.80 -5.80 -24.87
C THR A 185 14.84 -4.78 -24.39
N ASP A 186 15.95 -4.69 -25.11
CA ASP A 186 17.02 -3.75 -24.76
C ASP A 186 17.88 -3.40 -25.96
N HIS A 187 18.62 -2.30 -25.85
CA HIS A 187 19.59 -1.92 -26.86
C HIS A 187 20.72 -1.07 -26.29
N GLU A 188 21.29 -1.56 -25.19
CA GLU A 188 22.38 -0.89 -24.48
C GLU A 188 21.88 0.44 -23.88
N VAL A 189 22.44 1.56 -24.32
CA VAL A 189 22.09 2.87 -23.74
C VAL A 189 21.61 3.90 -24.79
N PRO A 190 20.44 3.66 -25.40
CA PRO A 190 19.82 4.69 -26.25
C PRO A 190 19.30 5.87 -25.44
N ALA A 191 18.64 6.82 -26.10
CA ALA A 191 18.17 8.05 -25.47
C ALA A 191 17.23 7.81 -24.29
N SER A 192 16.29 6.87 -24.45
CA SER A 192 15.34 6.55 -23.38
C SER A 192 16.07 6.01 -22.15
N THR A 193 16.86 4.95 -22.36
CA THR A 193 17.62 4.32 -21.29
C THR A 193 18.55 5.31 -20.60
N THR A 194 19.17 6.19 -21.40
CA THR A 194 20.05 7.25 -20.89
C THR A 194 19.29 8.20 -19.96
N ALA A 195 18.16 8.72 -20.44
CA ALA A 195 17.33 9.61 -19.65
C ALA A 195 16.99 8.98 -18.30
N GLY A 196 16.55 7.72 -18.33
CA GLY A 196 16.20 6.99 -17.12
C GLY A 196 17.38 6.82 -16.18
N LEU A 197 18.55 6.54 -16.76
CA LEU A 197 19.80 6.40 -16.00
C LEU A 197 20.24 7.69 -15.32
N VAL A 198 20.04 8.82 -16.01
CA VAL A 198 20.35 10.13 -15.46
C VAL A 198 19.50 10.40 -14.21
N ALA A 199 18.22 10.05 -14.29
CA ALA A 199 17.29 10.24 -13.19
C ALA A 199 17.64 9.36 -12.00
N VAL A 200 17.85 8.08 -12.30
CA VAL A 200 18.18 7.08 -11.28
C VAL A 200 19.56 7.33 -10.66
N SER A 201 20.42 8.07 -11.36
CA SER A 201 21.74 8.44 -10.86
C SER A 201 21.67 9.42 -9.68
N THR A 202 20.53 10.10 -9.54
CA THR A 202 20.30 10.99 -8.40
C THR A 202 19.78 10.20 -7.18
N LEU A 203 19.60 8.90 -7.37
CA LEU A 203 19.00 7.98 -6.38
C LEU A 203 17.48 8.16 -6.26
N SER A 204 16.88 8.67 -7.33
CA SER A 204 15.43 8.70 -7.45
C SER A 204 14.93 7.28 -7.73
N ASP A 205 13.63 7.06 -7.58
CA ASP A 205 13.05 5.72 -7.64
C ASP A 205 13.02 5.12 -9.06
N MET A 206 12.82 3.80 -9.13
CA MET A 206 12.73 3.05 -10.38
C MET A 206 11.66 3.59 -11.34
N TYR A 207 10.49 3.91 -10.78
CA TYR A 207 9.34 4.35 -11.54
C TYR A 207 9.56 5.73 -12.17
N SER A 208 10.32 6.58 -11.47
CA SER A 208 10.74 7.87 -12.00
C SER A 208 11.67 7.66 -13.19
N GLY A 209 12.61 6.73 -13.05
CA GLY A 209 13.51 6.34 -14.14
C GLY A 209 12.77 5.89 -15.39
N ILE A 210 11.74 5.06 -15.19
CA ILE A 210 10.90 4.57 -16.28
C ILE A 210 10.12 5.71 -16.93
N THR A 211 9.68 6.67 -16.10
CA THR A 211 8.93 7.83 -16.57
C THR A 211 9.80 8.74 -17.45
N ALA A 212 11.03 8.99 -17.00
CA ALA A 212 12.01 9.77 -17.76
C ALA A 212 12.36 9.07 -19.07
N ALA A 213 12.46 7.74 -19.00
CA ALA A 213 12.71 6.93 -20.20
C ALA A 213 11.58 7.06 -21.21
N LEU A 214 10.34 6.91 -20.73
CA LEU A 214 9.16 7.04 -21.57
C LEU A 214 9.09 8.40 -22.27
N ALA A 215 9.43 9.46 -21.53
CA ALA A 215 9.45 10.83 -22.06
C ALA A 215 10.36 10.96 -23.29
N ALA A 216 11.53 10.33 -23.23
CA ALA A 216 12.46 10.32 -24.35
C ALA A 216 11.97 9.43 -25.48
N LEU A 217 11.50 8.23 -25.14
CA LEU A 217 11.06 7.24 -26.14
C LEU A 217 9.94 7.76 -27.05
N LYS A 218 9.16 8.68 -26.52
CA LYS A 218 8.01 9.27 -27.23
C LYS A 218 8.42 10.02 -28.48
N GLY A 219 9.68 10.48 -28.52
CA GLY A 219 10.15 11.35 -29.60
C GLY A 219 10.36 10.68 -30.94
N PRO A 220 10.08 11.41 -32.04
CA PRO A 220 10.16 10.95 -33.44
C PRO A 220 11.51 10.36 -33.85
N LEU A 221 12.61 10.87 -33.28
CA LEU A 221 13.95 10.36 -33.60
C LEU A 221 14.30 9.09 -32.83
N HIS A 222 13.44 8.74 -31.88
CA HIS A 222 13.61 7.52 -31.09
C HIS A 222 12.43 6.59 -31.37
N GLY A 223 11.78 6.11 -30.32
CA GLY A 223 10.68 5.16 -30.43
C GLY A 223 9.48 5.65 -31.22
N GLY A 224 9.34 6.97 -31.32
CA GLY A 224 8.26 7.58 -32.12
C GLY A 224 8.27 7.17 -33.59
N ALA A 225 9.43 6.72 -34.05
CA ALA A 225 9.58 6.25 -35.44
C ALA A 225 8.76 5.00 -35.72
N ALA A 226 8.47 4.23 -34.68
CA ALA A 226 7.63 3.02 -34.77
C ALA A 226 6.27 3.32 -35.40
N GLU A 227 5.75 4.52 -35.15
CA GLU A 227 4.55 4.99 -35.84
C GLU A 227 4.88 5.84 -37.06
N ALA A 228 5.90 6.70 -36.94
CA ALA A 228 6.23 7.68 -37.98
C ALA A 228 6.73 7.05 -39.30
N ALA A 229 7.32 5.86 -39.22
CA ALA A 229 7.76 5.13 -40.41
C ALA A 229 6.57 4.57 -41.19
N ILE A 230 5.69 3.85 -40.49
CA ILE A 230 4.52 3.25 -41.14
C ILE A 230 3.53 4.32 -41.62
N ALA A 231 3.52 5.47 -40.94
CA ALA A 231 2.74 6.62 -41.38
C ALA A 231 3.16 7.06 -42.79
N GLN A 232 4.44 6.93 -43.11
CA GLN A 232 4.94 7.20 -44.47
C GLN A 232 4.28 6.28 -45.48
N PHE A 233 4.20 4.99 -45.13
CA PHE A 233 3.59 3.98 -46.00
C PHE A 233 2.10 4.25 -46.21
N ASP A 234 1.43 4.62 -45.13
CA ASP A 234 0.01 4.97 -45.14
C ASP A 234 -0.28 6.19 -46.02
N GLU A 235 0.71 7.07 -46.12
CA GLU A 235 0.58 8.35 -46.80
C GLU A 235 0.72 8.23 -48.33
N ILE A 236 1.46 7.22 -48.79
CA ILE A 236 1.77 7.08 -50.23
C ILE A 236 0.60 6.50 -51.02
N LYS A 237 -0.14 5.58 -50.40
CA LYS A 237 -1.36 4.99 -50.97
C LYS A 237 -1.13 4.08 -52.19
N ASP A 238 -0.67 4.66 -53.30
CA ASP A 238 -0.42 3.93 -54.53
C ASP A 238 1.05 3.52 -54.61
N PRO A 239 1.32 2.21 -54.82
CA PRO A 239 2.69 1.71 -54.92
C PRO A 239 3.51 2.36 -56.05
N ALA A 240 2.85 2.78 -57.13
CA ALA A 240 3.53 3.45 -58.23
C ALA A 240 3.96 4.88 -57.87
N MET A 241 3.32 5.44 -56.84
CA MET A 241 3.63 6.80 -56.35
C MET A 241 4.89 6.88 -55.49
N VAL A 242 5.46 5.73 -55.13
CA VAL A 242 6.55 5.67 -54.14
C VAL A 242 7.77 6.55 -54.51
N GLU A 243 8.27 6.39 -55.74
CA GLU A 243 9.37 7.21 -56.25
C GLU A 243 9.12 8.70 -56.07
N LYS A 244 7.95 9.15 -56.54
CA LYS A 244 7.57 10.56 -56.48
C LYS A 244 7.57 11.05 -55.04
N TRP A 245 6.99 10.26 -54.14
CA TRP A 245 6.94 10.62 -52.73
C TRP A 245 8.35 10.75 -52.14
N PHE A 246 9.21 9.80 -52.46
CA PHE A 246 10.57 9.78 -51.97
C PHE A 246 11.37 11.00 -52.44
N ASN A 247 11.29 11.29 -53.74
CA ASN A 247 11.93 12.48 -54.30
C ASN A 247 11.33 13.78 -53.75
N ASP A 248 10.01 13.79 -53.54
CA ASP A 248 9.29 14.96 -53.03
C ASP A 248 9.56 15.28 -51.56
N ASN A 249 9.79 14.25 -50.75
CA ASN A 249 9.87 14.43 -49.29
C ASN A 249 11.26 14.29 -48.69
N ILE A 250 12.04 13.34 -49.21
CA ILE A 250 13.34 13.03 -48.62
C ILE A 250 14.51 13.62 -49.41
N ILE A 251 14.56 13.32 -50.70
CA ILE A 251 15.69 13.67 -51.56
C ILE A 251 15.87 15.19 -51.72
N ASN A 252 14.77 15.91 -51.87
CA ASN A 252 14.79 17.37 -51.90
C ASN A 252 15.27 17.99 -50.57
N GLY A 253 15.48 17.14 -49.56
CA GLY A 253 16.01 17.55 -48.26
C GLY A 253 14.97 18.08 -47.28
N LYS A 254 13.70 17.79 -47.52
CA LYS A 254 12.63 18.29 -46.67
C LYS A 254 12.54 17.55 -45.34
N LYS A 255 12.54 16.21 -45.39
CA LYS A 255 12.33 15.36 -44.21
C LYS A 255 13.33 14.21 -44.21
N ARG A 256 13.57 13.65 -43.03
CA ARG A 256 14.38 12.43 -42.90
C ARG A 256 13.54 11.21 -43.22
N LEU A 257 14.19 10.14 -43.66
CA LEU A 257 13.51 8.88 -43.97
C LEU A 257 13.26 8.10 -42.68
N MET A 258 12.01 8.09 -42.22
CA MET A 258 11.66 7.46 -40.94
C MET A 258 11.76 5.94 -41.03
N GLY A 259 12.39 5.33 -40.03
CA GLY A 259 12.65 3.89 -40.03
C GLY A 259 14.04 3.55 -40.56
N PHE A 260 14.77 4.58 -40.97
CA PHE A 260 16.12 4.45 -41.51
C PHE A 260 17.10 5.22 -40.63
N GLY A 261 18.32 4.69 -40.51
CA GLY A 261 19.37 5.38 -39.78
C GLY A 261 19.48 4.95 -38.33
N HIS A 262 20.70 5.07 -37.80
CA HIS A 262 20.99 4.65 -36.44
C HIS A 262 22.31 5.30 -36.01
N ARG A 263 22.42 5.61 -34.71
CA ARG A 263 23.65 6.13 -34.14
C ARG A 263 24.74 5.06 -34.10
N VAL A 264 24.32 3.81 -33.91
CA VAL A 264 25.29 2.71 -33.79
C VAL A 264 25.43 1.93 -35.10
N TYR A 265 24.34 1.37 -35.60
CA TYR A 265 24.36 0.56 -36.82
C TYR A 265 24.66 1.36 -38.09
N LYS A 266 25.76 1.01 -38.74
CA LYS A 266 26.08 1.55 -40.06
C LYS A 266 25.72 0.53 -41.14
N THR A 267 25.02 -0.51 -40.73
CA THR A 267 24.54 -1.56 -41.62
C THR A 267 23.08 -1.87 -41.31
N TYR A 268 22.50 -2.83 -42.01
CA TYR A 268 21.13 -3.30 -41.77
C TYR A 268 20.95 -3.76 -40.32
N ASP A 269 19.90 -3.24 -39.67
CA ASP A 269 19.59 -3.56 -38.27
C ASP A 269 19.14 -5.01 -38.15
N PRO A 270 19.83 -5.82 -37.32
CA PRO A 270 19.49 -7.21 -37.05
C PRO A 270 18.01 -7.44 -36.73
N ARG A 271 17.43 -6.59 -35.87
CA ARG A 271 16.03 -6.69 -35.50
C ARG A 271 15.12 -6.36 -36.68
N ALA A 272 15.60 -5.51 -37.58
CA ALA A 272 14.88 -5.16 -38.80
C ALA A 272 14.73 -6.34 -39.75
N LYS A 273 15.74 -7.22 -39.79
CA LYS A 273 15.65 -8.46 -40.58
C LYS A 273 14.50 -9.30 -40.07
N ILE A 274 14.54 -9.60 -38.77
CA ILE A 274 13.54 -10.47 -38.13
C ILE A 274 12.12 -9.87 -38.24
N PHE A 275 11.99 -8.57 -37.95
CA PHE A 275 10.70 -7.86 -38.06
C PHE A 275 10.14 -7.87 -39.48
N LYS A 276 11.01 -7.80 -40.50
CA LYS A 276 10.59 -7.81 -41.90
C LYS A 276 10.00 -9.17 -42.28
N GLY A 277 10.75 -10.24 -42.03
CA GLY A 277 10.31 -11.60 -42.31
C GLY A 277 8.95 -11.91 -41.71
N ILE A 278 8.73 -11.43 -40.48
CA ILE A 278 7.47 -11.61 -39.78
C ILE A 278 6.40 -10.66 -40.35
N ALA A 279 6.83 -9.46 -40.73
CA ALA A 279 5.92 -8.49 -41.38
C ALA A 279 5.43 -9.04 -42.72
N GLU A 280 6.33 -9.70 -43.44
CA GLU A 280 6.02 -10.32 -44.72
C GLU A 280 5.02 -11.47 -44.55
N LYS A 281 5.27 -12.32 -43.55
CA LYS A 281 4.43 -13.50 -43.31
C LYS A 281 3.01 -13.17 -42.90
N LEU A 282 2.87 -12.28 -41.91
CA LEU A 282 1.56 -11.95 -41.35
C LEU A 282 0.72 -11.01 -42.22
N SER A 283 1.38 -10.05 -42.87
CA SER A 283 0.69 -9.10 -43.75
C SER A 283 0.16 -9.77 -45.02
N SER A 284 0.84 -10.82 -45.47
CA SER A 284 0.39 -11.58 -46.64
C SER A 284 -0.90 -12.36 -46.40
N LYS A 285 -1.37 -12.39 -45.16
CA LYS A 285 -2.66 -12.98 -44.81
C LYS A 285 -3.80 -11.96 -44.80
N LYS A 286 -3.45 -10.68 -44.72
CA LYS A 286 -4.42 -9.58 -44.76
C LYS A 286 -4.10 -8.63 -45.93
N PRO A 287 -4.87 -8.71 -47.02
CA PRO A 287 -4.55 -8.00 -48.27
C PRO A 287 -4.35 -6.49 -48.10
N GLU A 288 -5.13 -5.85 -47.24
CA GLU A 288 -5.03 -4.41 -47.05
C GLU A 288 -3.78 -4.04 -46.25
N VAL A 289 -3.33 -4.94 -45.38
CA VAL A 289 -2.09 -4.75 -44.65
C VAL A 289 -0.88 -5.05 -45.57
N HIS A 290 -1.02 -6.05 -46.43
CA HIS A 290 0.06 -6.42 -47.36
C HIS A 290 0.40 -5.29 -48.33
N LYS A 291 -0.62 -4.52 -48.71
CA LYS A 291 -0.43 -3.33 -49.54
C LYS A 291 0.50 -2.31 -48.88
N VAL A 292 0.42 -2.23 -47.55
CA VAL A 292 1.35 -1.41 -46.77
C VAL A 292 2.78 -1.94 -46.88
N TYR A 293 2.94 -3.26 -46.67
CA TYR A 293 4.23 -3.92 -46.77
C TYR A 293 4.90 -3.77 -48.16
N GLU A 294 4.10 -3.82 -49.22
CA GLU A 294 4.63 -3.73 -50.58
C GLU A 294 5.03 -2.32 -50.99
N ILE A 295 4.43 -1.32 -50.34
CA ILE A 295 4.91 0.05 -50.43
C ILE A 295 6.21 0.16 -49.63
N ALA A 296 6.23 -0.43 -48.44
CA ALA A 296 7.38 -0.38 -47.52
C ALA A 296 8.66 -0.92 -48.15
N THR A 297 8.58 -2.11 -48.75
CA THR A 297 9.73 -2.74 -49.37
C THR A 297 10.23 -1.95 -50.58
N LYS A 298 9.31 -1.36 -51.32
CA LYS A 298 9.64 -0.55 -52.48
C LYS A 298 10.43 0.69 -52.07
N LEU A 299 9.95 1.38 -51.04
CA LEU A 299 10.63 2.54 -50.47
C LEU A 299 11.96 2.16 -49.83
N GLU A 300 12.00 0.97 -49.20
CA GLU A 300 13.22 0.43 -48.60
C GLU A 300 14.35 0.32 -49.63
N ASP A 301 14.01 -0.11 -50.83
CA ASP A 301 14.95 -0.23 -51.94
C ASP A 301 15.52 1.12 -52.39
N PHE A 302 14.65 2.11 -52.54
CA PHE A 302 15.08 3.47 -52.88
C PHE A 302 15.91 4.06 -51.75
N GLY A 303 15.53 3.74 -50.51
CA GLY A 303 16.26 4.19 -49.33
C GLY A 303 17.66 3.62 -49.22
N ILE A 304 17.78 2.31 -49.41
CA ILE A 304 19.08 1.62 -49.33
C ILE A 304 20.05 2.12 -50.40
N LYS A 305 19.54 2.32 -51.62
CA LYS A 305 20.35 2.83 -52.72
C LYS A 305 20.83 4.26 -52.51
N ALA A 306 19.93 5.11 -52.00
CA ALA A 306 20.23 6.53 -51.79
C ALA A 306 21.08 6.81 -50.55
N PHE A 307 20.91 6.00 -49.50
CA PHE A 307 21.54 6.29 -48.21
C PHE A 307 22.56 5.25 -47.72
N GLY A 308 22.58 4.08 -48.35
CA GLY A 308 23.48 2.99 -47.95
C GLY A 308 24.95 3.34 -47.86
N SER A 309 25.43 4.14 -48.82
CA SER A 309 26.83 4.57 -48.86
C SER A 309 27.20 5.47 -47.67
N LYS A 310 26.20 6.12 -47.08
CA LYS A 310 26.40 6.96 -45.89
C LYS A 310 26.16 6.19 -44.59
N GLY A 311 25.93 4.88 -44.72
CA GLY A 311 25.69 4.02 -43.57
C GLY A 311 24.31 4.14 -42.98
N ILE A 312 23.37 4.73 -43.73
CA ILE A 312 21.97 4.81 -43.30
C ILE A 312 21.18 3.65 -43.86
N TYR A 313 20.76 2.75 -42.95
CA TYR A 313 20.05 1.53 -43.30
C TYR A 313 18.77 1.37 -42.45
N PRO A 314 17.83 0.52 -42.90
CA PRO A 314 16.59 0.36 -42.13
C PRO A 314 16.85 0.00 -40.67
N ASN A 315 16.13 0.63 -39.75
CA ASN A 315 16.24 0.27 -38.33
C ASN A 315 15.04 -0.58 -37.85
N THR A 316 15.05 -0.92 -36.57
CA THR A 316 14.04 -1.80 -35.97
C THR A 316 12.58 -1.28 -36.03
N ASP A 317 12.42 0.01 -36.32
CA ASP A 317 11.11 0.64 -36.37
C ASP A 317 10.47 0.65 -37.75
N TYR A 318 11.24 0.31 -38.77
CA TYR A 318 10.75 0.39 -40.16
C TYR A 318 9.66 -0.62 -40.46
N PHE A 319 9.79 -1.84 -39.91
CA PHE A 319 8.83 -2.91 -40.20
C PHE A 319 7.95 -3.27 -39.00
N SER A 320 8.42 -2.95 -37.81
CA SER A 320 7.74 -3.32 -36.56
C SER A 320 6.27 -2.93 -36.53
N GLY A 321 5.95 -1.75 -37.05
CA GLY A 321 4.59 -1.25 -37.11
C GLY A 321 3.65 -2.09 -37.96
N ILE A 322 4.19 -2.68 -39.03
CA ILE A 322 3.41 -3.57 -39.91
C ILE A 322 3.04 -4.85 -39.15
N VAL A 323 3.99 -5.35 -38.35
CA VAL A 323 3.79 -6.54 -37.51
C VAL A 323 2.64 -6.30 -36.53
N TYR A 324 2.64 -5.15 -35.87
CA TYR A 324 1.59 -4.81 -34.92
C TYR A 324 0.23 -4.63 -35.59
N MET A 325 0.22 -4.04 -36.78
CA MET A 325 -1.01 -3.86 -37.55
C MET A 325 -1.60 -5.21 -37.95
N SER A 326 -0.71 -6.14 -38.30
CA SER A 326 -1.09 -7.52 -38.63
C SER A 326 -1.66 -8.27 -37.43
N ILE A 327 -1.19 -7.91 -36.22
CA ILE A 327 -1.67 -8.49 -34.96
C ILE A 327 -3.07 -7.98 -34.62
N GLY A 328 -3.33 -6.72 -34.97
CA GLY A 328 -4.66 -6.12 -34.75
C GLY A 328 -4.65 -4.67 -34.32
N PHE A 329 -3.48 -4.15 -33.97
CA PHE A 329 -3.36 -2.77 -33.46
C PHE A 329 -3.38 -1.72 -34.58
N PRO A 330 -4.22 -0.67 -34.42
CA PRO A 330 -4.39 0.34 -35.46
C PRO A 330 -3.26 1.37 -35.50
N LEU A 331 -3.15 2.07 -36.63
CA LEU A 331 -2.19 3.16 -36.77
C LEU A 331 -2.82 4.46 -36.26
N ARG A 332 -2.64 4.71 -34.97
CA ARG A 332 -3.20 5.88 -34.30
C ARG A 332 -2.58 6.08 -32.93
N ASN A 333 -2.58 7.32 -32.45
CA ASN A 333 -2.21 7.66 -31.06
C ASN A 333 -0.84 7.17 -30.57
N ASN A 334 0.05 6.83 -31.50
CA ASN A 334 1.40 6.38 -31.15
C ASN A 334 1.42 5.04 -30.40
N ILE A 335 0.41 4.21 -30.64
CA ILE A 335 0.25 2.90 -29.97
C ILE A 335 1.45 1.99 -30.20
N TYR A 336 1.99 1.99 -31.42
CA TYR A 336 3.14 1.15 -31.75
C TYR A 336 4.37 1.47 -30.88
N THR A 337 4.55 2.75 -30.58
CA THR A 337 5.63 3.19 -29.67
C THR A 337 5.34 2.72 -28.25
N ALA A 338 4.06 2.65 -27.89
CA ALA A 338 3.63 2.17 -26.58
C ALA A 338 3.85 0.66 -26.41
N LEU A 339 3.74 -0.08 -27.51
CA LEU A 339 4.03 -1.52 -27.52
C LEU A 339 5.54 -1.75 -27.49
N PHE A 340 6.29 -0.85 -28.12
CA PHE A 340 7.74 -0.77 -28.00
C PHE A 340 8.08 -0.62 -26.50
N ALA A 341 7.52 0.42 -25.88
CA ALA A 341 7.72 0.72 -24.46
C ALA A 341 7.34 -0.44 -23.55
N LEU A 342 6.24 -1.11 -23.86
CA LEU A 342 5.80 -2.30 -23.15
C LEU A 342 6.92 -3.33 -23.03
N SER A 343 7.72 -3.45 -24.09
CA SER A 343 8.86 -4.37 -24.13
C SER A 343 10.13 -3.83 -23.48
N ARG A 344 10.45 -2.57 -23.76
CA ARG A 344 11.71 -1.97 -23.33
C ARG A 344 11.83 -1.74 -21.83
N VAL A 345 10.70 -1.73 -21.12
CA VAL A 345 10.70 -1.58 -19.65
C VAL A 345 11.66 -2.56 -18.94
N THR A 346 11.76 -3.78 -19.47
CA THR A 346 12.67 -4.81 -18.94
C THR A 346 14.13 -4.37 -19.04
N GLY A 347 14.53 -3.93 -20.24
CA GLY A 347 15.86 -3.40 -20.46
C GLY A 347 16.14 -2.16 -19.64
N TRP A 348 15.20 -1.21 -19.66
CA TRP A 348 15.30 0.01 -18.86
C TRP A 348 15.62 -0.30 -17.41
N GLN A 349 14.80 -1.16 -16.80
CA GLN A 349 14.94 -1.49 -15.38
C GLN A 349 16.24 -2.24 -15.08
N ALA A 350 16.60 -3.18 -15.93
CA ALA A 350 17.83 -3.95 -15.74
C ALA A 350 19.07 -3.03 -15.76
N HIS A 351 19.02 -1.98 -16.59
CA HIS A 351 20.11 -0.99 -16.66
C HIS A 351 20.19 -0.07 -15.44
N PHE A 352 19.05 0.32 -14.88
CA PHE A 352 19.04 1.17 -13.69
C PHE A 352 19.57 0.44 -12.47
N ILE A 353 19.22 -0.84 -12.37
CA ILE A 353 19.67 -1.70 -11.26
C ILE A 353 21.18 -1.91 -11.33
N GLU A 354 21.67 -2.21 -12.54
CA GLU A 354 23.09 -2.41 -12.79
C GLU A 354 23.92 -1.16 -12.53
N TYR A 355 23.30 0.01 -12.69
CA TYR A 355 23.98 1.26 -12.46
C TYR A 355 24.08 1.60 -10.96
N VAL A 356 22.96 1.50 -10.25
CA VAL A 356 22.90 1.85 -8.83
C VAL A 356 23.66 0.86 -7.94
N GLU A 357 23.44 -0.43 -8.15
CA GLU A 357 24.07 -1.46 -7.34
C GLU A 357 25.60 -1.42 -7.42
N GLU A 358 26.12 -1.38 -8.64
CA GLU A 358 27.52 -1.71 -8.88
C GLU A 358 28.41 -0.59 -9.42
N GLN A 359 27.83 0.56 -9.78
CA GLN A 359 28.61 1.66 -10.36
C GLN A 359 27.97 3.04 -10.18
N GLN A 360 27.36 3.26 -9.02
CA GLN A 360 26.60 4.48 -8.75
C GLN A 360 27.46 5.75 -8.73
N ARG A 361 27.02 6.75 -9.49
CA ARG A 361 27.54 8.11 -9.42
C ARG A 361 26.57 9.05 -10.14
N LEU A 362 26.32 10.21 -9.54
CA LEU A 362 25.45 11.22 -10.13
C LEU A 362 25.93 11.59 -11.54
N ILE A 363 24.99 11.72 -12.47
CA ILE A 363 25.31 12.14 -13.82
C ILE A 363 25.08 13.65 -13.97
N ARG A 364 26.17 14.38 -14.20
CA ARG A 364 26.14 15.83 -14.21
C ARG A 364 27.23 16.37 -15.13
N PRO A 365 26.90 16.60 -16.42
CA PRO A 365 27.89 17.08 -17.39
C PRO A 365 28.14 18.59 -17.27
N ARG A 366 28.82 19.17 -18.25
CA ARG A 366 29.00 20.62 -18.33
C ARG A 366 28.57 21.17 -19.68
N ALA A 367 28.61 22.49 -19.81
CA ALA A 367 28.35 23.16 -21.08
C ALA A 367 29.41 24.23 -21.28
N VAL A 368 29.79 24.49 -22.53
CA VAL A 368 30.72 25.57 -22.82
C VAL A 368 29.95 26.87 -22.92
N TYR A 369 30.28 27.83 -22.05
CA TYR A 369 29.58 29.10 -22.04
C TYR A 369 29.99 29.94 -23.25
N VAL A 370 28.98 30.45 -23.96
CA VAL A 370 29.19 31.25 -25.17
C VAL A 370 28.32 32.51 -25.15
N GLY A 371 27.78 32.83 -23.97
CA GLY A 371 26.84 33.94 -23.84
C GLY A 371 27.44 35.27 -23.45
N PRO A 372 26.59 36.23 -23.06
CA PRO A 372 27.02 37.60 -22.75
C PRO A 372 28.04 37.66 -21.63
N ALA A 373 29.05 38.52 -21.79
CA ALA A 373 30.09 38.69 -20.79
C ALA A 373 29.54 39.30 -19.48
N GLU A 374 30.36 39.31 -18.44
CA GLU A 374 30.00 39.94 -17.17
C GLU A 374 29.50 41.37 -17.40
N ARG A 375 28.38 41.71 -16.78
CA ARG A 375 27.77 43.03 -16.94
C ARG A 375 26.95 43.46 -15.72
N LYS A 376 26.88 44.76 -15.51
CA LYS A 376 26.15 45.35 -14.38
C LYS A 376 24.65 45.26 -14.59
N TYR A 377 23.92 44.96 -13.53
CA TYR A 377 22.46 44.95 -13.58
C TYR A 377 21.90 46.36 -13.69
N VAL A 378 20.94 46.54 -14.60
CA VAL A 378 20.31 47.84 -14.85
C VAL A 378 18.84 47.80 -14.43
N PRO A 379 18.43 48.67 -13.47
CA PRO A 379 17.06 48.71 -13.00
C PRO A 379 16.06 48.95 -14.12
N ILE A 380 14.90 48.29 -14.03
CA ILE A 380 13.92 48.27 -15.11
C ILE A 380 13.43 49.67 -15.51
N ALA A 381 13.44 50.60 -14.55
CA ALA A 381 12.99 51.98 -14.79
C ALA A 381 13.78 52.70 -15.89
N GLU A 382 15.08 52.43 -15.95
CA GLU A 382 15.97 53.07 -16.92
C GLU A 382 16.38 52.15 -18.08
N ARG A 383 15.60 51.10 -18.29
CA ARG A 383 15.76 50.22 -19.43
C ARG A 383 14.93 50.71 -20.62
N GLU B 4 39.56 4.33 -25.49
CA GLU B 4 38.85 5.20 -24.49
C GLU B 4 37.87 4.37 -23.66
N GLU B 5 37.56 4.85 -22.46
CA GLU B 5 36.55 4.19 -21.64
C GLU B 5 35.59 5.13 -20.91
N ILE B 6 35.27 4.81 -19.66
CA ILE B 6 34.10 5.39 -18.99
C ILE B 6 34.30 6.81 -18.46
N SER B 7 33.43 7.71 -18.92
CA SER B 7 33.30 9.04 -18.36
C SER B 7 32.33 8.92 -17.18
N LYS B 8 32.87 8.54 -16.01
CA LYS B 8 32.05 8.32 -14.82
C LYS B 8 31.29 9.57 -14.37
N GLY B 9 29.96 9.49 -14.43
CA GLY B 9 29.08 10.61 -14.08
C GLY B 9 29.10 11.72 -15.12
N LEU B 10 29.78 11.48 -16.24
CA LEU B 10 29.97 12.45 -17.32
C LEU B 10 30.70 13.73 -16.89
N GLU B 11 31.63 13.59 -15.94
CA GLU B 11 32.35 14.73 -15.40
C GLU B 11 33.22 15.39 -16.46
N ASP B 12 33.02 16.71 -16.62
CA ASP B 12 33.80 17.55 -17.54
C ASP B 12 33.54 17.27 -19.02
N VAL B 13 32.56 16.41 -19.30
CA VAL B 13 32.08 16.18 -20.66
C VAL B 13 31.06 17.28 -20.99
N ASN B 14 31.31 17.99 -22.09
CA ASN B 14 30.40 19.04 -22.53
C ASN B 14 29.30 18.49 -23.43
N ILE B 15 28.05 18.78 -23.05
CA ILE B 15 26.88 18.20 -23.70
C ILE B 15 26.25 19.18 -24.70
N LYS B 16 26.54 20.47 -24.50
CA LYS B 16 26.00 21.54 -25.32
C LYS B 16 26.78 22.82 -25.07
N TRP B 17 26.47 23.87 -25.81
CA TRP B 17 26.92 25.22 -25.45
C TRP B 17 25.73 25.98 -24.87
N THR B 18 26.00 27.00 -24.06
CA THR B 18 24.91 27.81 -23.53
C THR B 18 25.23 29.30 -23.47
N ARG B 19 24.18 30.11 -23.58
CA ARG B 19 24.25 31.54 -23.36
C ARG B 19 23.56 31.92 -22.05
N LEU B 20 23.07 30.91 -21.34
CA LEU B 20 22.14 31.13 -20.21
C LEU B 20 22.80 31.32 -18.85
N THR B 21 23.77 30.46 -18.52
CA THR B 21 24.32 30.39 -17.17
C THR B 21 25.82 30.07 -17.16
N THR B 22 26.55 30.76 -16.27
CA THR B 22 27.96 30.51 -16.06
C THR B 22 28.24 30.11 -14.61
N ILE B 23 29.15 29.14 -14.44
CA ILE B 23 29.55 28.69 -13.12
C ILE B 23 31.08 28.59 -13.01
N ASP B 24 31.64 29.31 -12.06
CA ASP B 24 33.04 29.10 -11.68
C ASP B 24 33.04 28.33 -10.38
N GLY B 25 33.32 27.03 -10.46
CA GLY B 25 33.29 26.16 -9.30
C GLY B 25 34.36 26.46 -8.27
N ASN B 26 35.47 27.05 -8.73
CA ASN B 26 36.61 27.35 -7.86
C ASN B 26 36.45 28.64 -7.06
N LYS B 27 35.81 29.64 -7.64
CA LYS B 27 35.59 30.92 -6.96
C LYS B 27 34.20 31.04 -6.32
N GLY B 28 33.27 30.22 -6.78
CA GLY B 28 31.89 30.26 -6.29
C GLY B 28 31.10 31.40 -6.91
N ILE B 29 31.14 31.47 -8.24
CA ILE B 29 30.47 32.53 -8.99
C ILE B 29 29.36 31.95 -9.86
N LEU B 30 28.18 32.54 -9.75
CA LEU B 30 27.04 32.18 -10.59
C LEU B 30 26.46 33.41 -11.26
N ARG B 31 26.35 33.36 -12.59
CA ARG B 31 25.76 34.44 -13.37
C ARG B 31 24.64 33.95 -14.28
N TYR B 32 23.58 34.76 -14.38
CA TYR B 32 22.52 34.52 -15.34
C TYR B 32 22.62 35.55 -16.45
N GLY B 33 22.92 35.07 -17.67
CA GLY B 33 23.09 35.94 -18.84
C GLY B 33 24.06 37.09 -18.60
N GLY B 34 25.11 36.82 -17.81
CA GLY B 34 26.13 37.82 -17.52
C GLY B 34 25.90 38.62 -16.24
N TYR B 35 24.69 38.52 -15.68
CA TYR B 35 24.38 39.19 -14.42
C TYR B 35 24.62 38.25 -13.26
N SER B 36 25.44 38.68 -12.30
CA SER B 36 25.68 37.88 -11.11
C SER B 36 24.41 37.75 -10.29
N VAL B 37 24.24 36.60 -9.67
CA VAL B 37 23.08 36.33 -8.81
C VAL B 37 22.96 37.34 -7.65
N GLU B 38 24.10 37.79 -7.13
CA GLU B 38 24.14 38.83 -6.08
C GLU B 38 23.63 40.20 -6.56
N ASP B 39 23.97 40.57 -7.80
CA ASP B 39 23.45 41.81 -8.41
C ASP B 39 21.94 41.81 -8.50
N ILE B 40 21.38 40.70 -8.99
CA ILE B 40 19.95 40.54 -9.18
C ILE B 40 19.17 40.68 -7.87
N ILE B 41 19.59 39.94 -6.85
CA ILE B 41 18.94 39.95 -5.53
C ILE B 41 19.01 41.34 -4.88
N ALA B 42 20.22 41.93 -4.86
CA ALA B 42 20.42 43.27 -4.30
C ALA B 42 19.53 44.31 -4.96
N SER B 43 19.28 44.16 -6.26
CA SER B 43 18.50 45.11 -7.03
C SER B 43 17.01 45.06 -6.73
N GLY B 44 16.57 43.97 -6.10
CA GLY B 44 15.16 43.76 -5.81
C GLY B 44 14.38 43.40 -7.05
N ALA B 45 15.07 42.79 -8.02
CA ALA B 45 14.49 42.38 -9.29
C ALA B 45 13.34 41.40 -9.11
N GLN B 46 12.30 41.58 -9.93
CA GLN B 46 11.18 40.65 -9.98
C GLN B 46 11.60 39.35 -10.68
N ASP B 47 11.06 38.23 -10.19
CA ASP B 47 11.32 36.92 -10.78
C ASP B 47 10.97 36.88 -12.27
N GLU B 48 9.89 37.56 -12.63
CA GLU B 48 9.42 37.61 -14.02
C GLU B 48 10.45 38.25 -14.95
N GLU B 49 11.21 39.22 -14.43
CA GLU B 49 12.30 39.85 -15.18
C GLU B 49 13.36 38.80 -15.54
N ILE B 50 13.68 37.95 -14.57
CA ILE B 50 14.68 36.89 -14.75
C ILE B 50 14.13 35.75 -15.62
N GLN B 51 12.84 35.47 -15.47
CA GLN B 51 12.13 34.57 -16.37
C GLN B 51 12.29 35.04 -17.82
N TYR B 52 11.94 36.31 -18.05
CA TYR B 52 12.08 36.95 -19.35
C TYR B 52 13.52 36.87 -19.89
N LEU B 53 14.48 37.12 -19.00
CA LEU B 53 15.90 37.05 -19.34
C LEU B 53 16.27 35.69 -19.92
N PHE B 54 15.75 34.63 -19.30
CA PHE B 54 16.05 33.26 -19.76
C PHE B 54 15.37 32.87 -21.06
N LEU B 55 14.14 33.35 -21.28
CA LEU B 55 13.40 33.03 -22.50
C LEU B 55 13.82 33.86 -23.71
N TYR B 56 14.15 35.14 -23.47
CA TYR B 56 14.37 36.09 -24.57
C TYR B 56 15.81 36.52 -24.78
N GLY B 57 16.65 36.36 -23.76
CA GLY B 57 18.09 36.63 -23.89
C GLY B 57 18.55 37.99 -23.35
N ASN B 58 17.59 38.84 -23.00
CA ASN B 58 17.89 40.11 -22.34
C ASN B 58 16.82 40.49 -21.30
N LEU B 59 17.13 41.51 -20.51
CA LEU B 59 16.19 42.02 -19.51
C LEU B 59 15.04 42.78 -20.18
N PRO B 60 13.81 42.60 -19.66
CA PRO B 60 12.66 43.25 -20.30
C PRO B 60 12.57 44.74 -19.98
N THR B 61 11.97 45.50 -20.89
CA THR B 61 11.53 46.86 -20.59
C THR B 61 10.19 46.76 -19.86
N GLU B 62 9.78 47.84 -19.21
CA GLU B 62 8.52 47.87 -18.49
C GLU B 62 7.33 47.46 -19.37
N GLN B 63 7.35 47.90 -20.63
CA GLN B 63 6.31 47.55 -21.60
C GLN B 63 6.31 46.05 -21.93
N GLU B 64 7.53 45.50 -22.06
CA GLU B 64 7.70 44.08 -22.38
C GLU B 64 7.36 43.17 -21.20
N LEU B 65 7.57 43.68 -19.99
CA LEU B 65 7.25 42.95 -18.76
C LEU B 65 5.74 42.84 -18.55
N ARG B 66 5.02 43.87 -18.99
CA ARG B 66 3.55 43.88 -18.92
C ARG B 66 3.00 42.83 -19.89
N LYS B 67 3.54 42.82 -21.10
CA LYS B 67 3.18 41.85 -22.12
C LYS B 67 3.50 40.43 -21.65
N TYR B 68 4.68 40.24 -21.06
CA TYR B 68 5.12 38.92 -20.60
C TYR B 68 4.23 38.35 -19.48
N LYS B 69 3.90 39.18 -18.49
CA LYS B 69 3.03 38.77 -17.38
C LYS B 69 1.67 38.27 -17.86
N GLU B 70 1.16 38.89 -18.92
CA GLU B 70 -0.10 38.48 -19.55
C GLU B 70 -0.04 37.03 -20.05
N THR B 71 1.10 36.64 -20.63
CA THR B 71 1.28 35.30 -21.16
C THR B 71 1.45 34.26 -20.06
N VAL B 72 2.18 34.62 -19.00
CA VAL B 72 2.41 33.73 -17.86
C VAL B 72 1.10 33.41 -17.16
N GLN B 73 0.31 34.45 -16.91
CA GLN B 73 -0.99 34.34 -16.24
C GLN B 73 -1.99 33.42 -16.94
N LYS B 74 -1.80 33.19 -18.24
CA LYS B 74 -2.66 32.27 -19.00
C LYS B 74 -2.60 30.87 -18.40
N GLY B 75 -1.41 30.52 -17.91
CA GLY B 75 -1.16 29.24 -17.27
C GLY B 75 -1.77 29.11 -15.88
N TYR B 76 -2.33 30.19 -15.36
CA TYR B 76 -3.02 30.14 -14.06
C TYR B 76 -4.34 29.38 -14.16
N LYS B 77 -4.82 29.20 -15.38
CA LYS B 77 -5.95 28.32 -15.66
C LYS B 77 -5.47 27.04 -16.31
N ILE B 78 -5.68 25.93 -15.62
CA ILE B 78 -5.31 24.61 -16.12
C ILE B 78 -6.52 23.68 -16.10
N PRO B 79 -6.58 22.69 -17.02
CA PRO B 79 -7.73 21.78 -17.08
C PRO B 79 -7.90 20.95 -15.80
N ASP B 80 -9.14 20.52 -15.55
CA ASP B 80 -9.49 19.81 -14.34
C ASP B 80 -8.82 18.44 -14.21
N PHE B 81 -8.49 17.83 -15.34
CA PHE B 81 -7.83 16.53 -15.32
C PHE B 81 -6.37 16.65 -14.90
N VAL B 82 -5.78 17.81 -15.15
CA VAL B 82 -4.42 18.11 -14.66
C VAL B 82 -4.44 18.29 -13.14
N ILE B 83 -5.45 19.00 -12.64
CA ILE B 83 -5.66 19.15 -11.20
C ILE B 83 -6.01 17.78 -10.59
N ASN B 84 -6.86 17.04 -11.28
CA ASN B 84 -7.24 15.69 -10.83
C ASN B 84 -6.10 14.68 -10.93
N ALA B 85 -5.17 14.90 -11.85
CA ALA B 85 -3.95 14.06 -11.94
C ALA B 85 -3.14 14.15 -10.65
N ILE B 86 -3.33 15.25 -9.92
CA ILE B 86 -2.72 15.45 -8.62
C ILE B 86 -3.61 14.85 -7.52
N ARG B 87 -4.87 15.28 -7.49
CA ARG B 87 -5.79 15.01 -6.38
C ARG B 87 -6.26 13.57 -6.23
N GLN B 88 -6.10 12.77 -7.29
CA GLN B 88 -6.54 11.37 -7.26
C GLN B 88 -5.48 10.44 -6.65
N LEU B 89 -4.32 11.00 -6.31
CA LEU B 89 -3.21 10.24 -5.76
C LEU B 89 -3.27 10.26 -4.23
N PRO B 90 -2.75 9.20 -3.57
CA PRO B 90 -2.63 9.22 -2.11
C PRO B 90 -1.92 10.47 -1.61
N ARG B 91 -2.44 11.05 -0.53
CA ARG B 91 -1.91 12.31 0.00
C ARG B 91 -0.48 12.19 0.55
N GLU B 92 -0.08 11.00 0.96
CA GLU B 92 1.28 10.78 1.48
C GLU B 92 2.32 10.64 0.35
N SER B 93 1.88 10.85 -0.90
CA SER B 93 2.75 10.81 -2.07
C SER B 93 3.77 11.95 -2.07
N ASP B 94 4.93 11.66 -2.65
CA ASP B 94 5.99 12.64 -2.87
C ASP B 94 5.46 13.80 -3.74
N ALA B 95 5.78 15.02 -3.32
CA ALA B 95 5.25 16.23 -3.97
C ALA B 95 5.77 16.45 -5.39
N VAL B 96 7.05 16.13 -5.61
CA VAL B 96 7.68 16.27 -6.92
C VAL B 96 7.12 15.23 -7.89
N ALA B 97 6.92 14.01 -7.38
CA ALA B 97 6.29 12.95 -8.15
C ALA B 97 4.85 13.29 -8.52
N MET B 98 4.20 14.07 -7.66
CA MET B 98 2.86 14.57 -7.93
C MET B 98 2.86 15.63 -9.04
N GLN B 99 3.94 16.40 -9.09
CA GLN B 99 4.15 17.38 -10.17
C GLN B 99 4.37 16.65 -11.49
N MET B 100 5.15 15.57 -11.44
CA MET B 100 5.37 14.70 -12.59
C MET B 100 4.06 14.26 -13.21
N ALA B 101 3.16 13.75 -12.38
CA ALA B 101 1.87 13.25 -12.82
C ALA B 101 1.07 14.33 -13.55
N ALA B 102 1.08 15.54 -13.00
CA ALA B 102 0.38 16.68 -13.57
C ALA B 102 0.94 17.06 -14.93
N VAL B 103 2.26 17.28 -15.00
CA VAL B 103 2.93 17.64 -16.25
C VAL B 103 2.84 16.51 -17.28
N ALA B 104 2.86 15.26 -16.79
CA ALA B 104 2.70 14.08 -17.66
C ALA B 104 1.36 14.10 -18.38
N ALA B 105 0.31 14.52 -17.65
CA ALA B 105 -1.03 14.67 -18.20
C ALA B 105 -1.08 15.74 -19.28
N MET B 106 -0.32 16.82 -19.11
CA MET B 106 -0.21 17.86 -20.13
C MET B 106 0.48 17.34 -21.39
N ALA B 107 1.61 16.66 -21.19
CA ALA B 107 2.35 16.02 -22.29
C ALA B 107 1.46 15.13 -23.13
N ALA B 108 0.50 14.47 -22.49
CA ALA B 108 -0.48 13.62 -23.15
C ALA B 108 -1.46 14.45 -23.98
N SER B 109 -2.13 15.39 -23.32
CA SER B 109 -3.20 16.18 -23.93
C SER B 109 -2.72 17.19 -24.97
N GLU B 110 -1.51 17.73 -24.78
CA GLU B 110 -0.99 18.74 -25.70
C GLU B 110 -0.50 18.12 -27.00
N THR B 111 -1.46 17.59 -27.77
CA THR B 111 -1.16 16.85 -29.00
C THR B 111 -0.72 17.75 -30.16
N LYS B 112 -0.89 19.06 -30.00
CA LYS B 112 -0.56 20.02 -31.06
C LYS B 112 0.76 20.75 -30.82
N PHE B 113 1.54 20.29 -29.84
CA PHE B 113 2.85 20.89 -29.59
C PHE B 113 3.85 20.60 -30.71
N LYS B 114 4.47 21.66 -31.19
CA LYS B 114 5.53 21.57 -32.18
C LYS B 114 6.70 22.43 -31.72
N TRP B 115 7.91 21.92 -31.89
CA TRP B 115 9.11 22.73 -31.70
C TRP B 115 9.17 23.75 -32.82
N ASN B 116 9.05 25.02 -32.46
CA ASN B 116 8.92 26.10 -33.43
C ASN B 116 9.50 27.42 -32.93
N LYS B 117 10.36 28.02 -33.75
CA LYS B 117 10.99 29.30 -33.47
C LYS B 117 9.97 30.36 -33.00
N ASP B 118 8.82 30.39 -33.65
CA ASP B 118 7.80 31.41 -33.42
C ASP B 118 6.93 31.18 -32.18
N THR B 119 6.77 29.93 -31.75
CA THR B 119 5.85 29.62 -30.65
C THR B 119 6.49 29.22 -29.32
N ASP B 120 7.72 28.71 -29.37
CA ASP B 120 8.39 28.11 -28.19
C ASP B 120 8.35 28.94 -26.90
N ARG B 121 8.62 30.24 -27.02
CA ARG B 121 8.74 31.12 -25.86
C ARG B 121 7.42 31.39 -25.16
N ASP B 122 6.34 31.51 -25.94
CA ASP B 122 5.00 31.69 -25.40
C ASP B 122 4.50 30.44 -24.70
N VAL B 123 4.85 29.27 -25.27
CA VAL B 123 4.52 27.98 -24.66
C VAL B 123 5.17 27.89 -23.29
N ALA B 124 6.46 28.25 -23.24
CA ALA B 124 7.26 28.19 -22.03
C ALA B 124 6.78 29.17 -20.97
N ALA B 125 6.45 30.39 -21.39
CA ALA B 125 5.89 31.41 -20.50
C ALA B 125 4.58 30.93 -19.85
N GLU B 126 3.70 30.35 -20.68
CA GLU B 126 2.45 29.79 -20.19
C GLU B 126 2.66 28.61 -19.25
N MET B 127 3.67 27.78 -19.54
CA MET B 127 3.98 26.64 -18.68
C MET B 127 4.52 27.09 -17.31
N ILE B 128 5.33 28.14 -17.30
CA ILE B 128 5.82 28.73 -16.06
C ILE B 128 4.64 29.07 -15.14
N GLY B 129 3.62 29.71 -15.71
CA GLY B 129 2.37 29.95 -15.01
C GLY B 129 1.72 28.66 -14.57
N ARG B 130 1.63 27.69 -15.48
CA ARG B 130 1.03 26.37 -15.19
C ARG B 130 1.74 25.65 -14.04
N MET B 131 3.05 25.79 -13.95
CA MET B 131 3.83 25.19 -12.87
C MET B 131 3.45 25.78 -11.51
N SER B 132 3.06 27.05 -11.52
CA SER B 132 2.54 27.72 -10.33
C SER B 132 1.22 27.09 -9.90
N ALA B 133 0.31 26.93 -10.86
CA ALA B 133 -0.98 26.27 -10.63
C ALA B 133 -0.80 24.85 -10.07
N ILE B 134 0.08 24.09 -10.69
CA ILE B 134 0.39 22.72 -10.28
C ILE B 134 0.88 22.66 -8.83
N THR B 135 1.84 23.53 -8.49
CA THR B 135 2.47 23.51 -7.17
C THR B 135 1.51 23.91 -6.05
N VAL B 136 0.69 24.93 -6.32
CA VAL B 136 -0.40 25.32 -5.43
C VAL B 136 -1.25 24.08 -5.10
N ASN B 137 -1.68 23.38 -6.14
CA ASN B 137 -2.55 22.22 -5.99
C ASN B 137 -1.87 20.99 -5.41
N VAL B 138 -0.58 20.85 -5.68
CA VAL B 138 0.21 19.78 -5.06
C VAL B 138 0.26 20.01 -3.54
N TYR B 139 0.56 21.25 -3.13
CA TYR B 139 0.62 21.59 -1.71
C TYR B 139 -0.74 21.45 -1.03
N ARG B 140 -1.79 21.89 -1.71
CA ARG B 140 -3.13 21.87 -1.13
C ARG B 140 -3.68 20.47 -0.88
N HIS B 141 -3.52 19.61 -1.89
CA HIS B 141 -3.94 18.21 -1.81
C HIS B 141 -3.24 17.47 -0.68
N ILE B 142 -1.92 17.67 -0.56
CA ILE B 142 -1.12 17.07 0.53
C ILE B 142 -1.65 17.48 1.90
N MET B 143 -1.99 18.77 2.04
CA MET B 143 -2.47 19.32 3.31
C MET B 143 -3.96 19.05 3.53
N ASN B 144 -4.59 18.37 2.57
CA ASN B 144 -6.02 18.07 2.60
C ASN B 144 -6.87 19.35 2.58
N MET B 145 -6.68 20.14 1.54
CA MET B 145 -7.40 21.39 1.33
C MET B 145 -8.09 21.37 -0.03
N PRO B 146 -9.11 22.22 -0.23
CA PRO B 146 -9.77 22.31 -1.54
C PRO B 146 -8.82 22.81 -2.63
N ALA B 147 -9.14 22.46 -3.88
CA ALA B 147 -8.39 22.92 -5.04
C ALA B 147 -8.47 24.44 -5.16
N GLU B 148 -7.38 25.06 -5.58
CA GLU B 148 -7.32 26.50 -5.77
C GLU B 148 -6.34 26.86 -6.89
N LEU B 149 -6.64 27.93 -7.62
CA LEU B 149 -5.77 28.42 -8.67
C LEU B 149 -5.16 29.76 -8.30
N PRO B 150 -3.94 30.06 -8.82
CA PRO B 150 -3.36 31.39 -8.62
C PRO B 150 -4.13 32.46 -9.40
N LYS B 151 -4.17 33.65 -8.82
CA LYS B 151 -4.86 34.79 -9.43
C LYS B 151 -3.85 35.86 -9.79
N PRO B 152 -4.10 36.61 -10.88
CA PRO B 152 -3.22 37.74 -11.23
C PRO B 152 -3.04 38.71 -10.05
N SER B 153 -1.82 39.22 -9.89
CA SER B 153 -1.52 40.23 -8.87
C SER B 153 -0.29 41.05 -9.27
N ASP B 154 0.36 41.67 -8.29
CA ASP B 154 1.58 42.43 -8.53
C ASP B 154 2.74 41.52 -8.91
N SER B 155 2.94 40.44 -8.14
CA SER B 155 4.05 39.53 -8.41
C SER B 155 3.64 38.05 -8.48
N TYR B 156 4.41 37.30 -9.27
CA TYR B 156 4.26 35.86 -9.46
C TYR B 156 4.37 35.12 -8.13
N ALA B 157 5.32 35.54 -7.30
CA ALA B 157 5.52 34.96 -5.97
C ALA B 157 4.30 35.17 -5.08
N GLU B 158 3.76 36.39 -5.08
CA GLU B 158 2.57 36.71 -4.31
C GLU B 158 1.38 35.86 -4.76
N SER B 159 1.17 35.82 -6.07
CA SER B 159 0.12 34.99 -6.68
C SER B 159 0.25 33.51 -6.31
N PHE B 160 1.48 33.02 -6.20
CA PHE B 160 1.70 31.63 -5.78
C PHE B 160 1.40 31.44 -4.28
N LEU B 161 1.97 32.29 -3.43
CA LEU B 161 1.82 32.17 -1.97
C LEU B 161 0.37 32.34 -1.51
N ASN B 162 -0.28 33.40 -1.98
CA ASN B 162 -1.68 33.67 -1.67
C ASN B 162 -2.56 32.45 -1.92
N ALA B 163 -2.45 31.88 -3.12
CA ALA B 163 -3.28 30.75 -3.54
C ALA B 163 -2.96 29.47 -2.77
N ALA B 164 -1.67 29.26 -2.48
CA ALA B 164 -1.24 28.07 -1.74
C ALA B 164 -1.80 28.05 -0.33
N PHE B 165 -1.75 29.18 0.35
CA PHE B 165 -2.18 29.25 1.76
C PHE B 165 -3.63 29.68 1.92
N GLY B 166 -4.15 30.41 0.94
CA GLY B 166 -5.53 30.90 1.00
C GLY B 166 -5.66 32.16 1.82
N ARG B 167 -4.53 32.77 2.16
CA ARG B 167 -4.50 34.02 2.92
C ARG B 167 -3.63 35.06 2.21
N LYS B 168 -3.62 36.28 2.74
CA LYS B 168 -2.79 37.33 2.18
C LYS B 168 -1.38 37.18 2.73
N ALA B 169 -0.42 37.06 1.82
CA ALA B 169 0.97 36.92 2.21
C ALA B 169 1.59 38.28 2.55
N THR B 170 2.37 38.30 3.63
CA THR B 170 3.05 39.53 4.06
C THR B 170 4.22 39.88 3.14
N LYS B 171 4.57 41.16 3.09
CA LYS B 171 5.66 41.68 2.25
C LYS B 171 6.97 40.92 2.45
N GLU B 172 7.23 40.46 3.68
CA GLU B 172 8.44 39.70 4.00
C GLU B 172 8.43 38.35 3.29
N GLU B 173 7.28 37.66 3.35
CA GLU B 173 7.09 36.36 2.72
C GLU B 173 7.21 36.43 1.19
N ILE B 174 6.70 37.51 0.61
CA ILE B 174 6.71 37.69 -0.84
C ILE B 174 8.13 37.91 -1.37
N ASP B 175 8.91 38.73 -0.68
CA ASP B 175 10.29 39.00 -1.07
C ASP B 175 11.18 37.76 -0.92
N ALA B 176 10.97 37.02 0.17
CA ALA B 176 11.70 35.79 0.44
C ALA B 176 11.48 34.74 -0.66
N MET B 177 10.21 34.58 -1.06
CA MET B 177 9.83 33.64 -2.11
C MET B 177 10.40 34.06 -3.47
N ASN B 178 10.23 35.35 -3.79
CA ASN B 178 10.81 35.94 -5.00
C ASN B 178 12.30 35.63 -5.15
N THR B 179 13.06 35.81 -4.08
CA THR B 179 14.49 35.51 -4.08
C THR B 179 14.77 34.03 -4.29
N ALA B 180 14.02 33.17 -3.60
CA ALA B 180 14.12 31.72 -3.75
C ALA B 180 13.84 31.30 -5.19
N LEU B 181 12.87 31.95 -5.83
CA LEU B 181 12.55 31.68 -7.23
C LEU B 181 13.70 32.05 -8.17
N ILE B 182 14.36 33.18 -7.90
CA ILE B 182 15.52 33.57 -8.70
C ILE B 182 16.70 32.62 -8.48
N LEU B 183 16.97 32.29 -7.21
CA LEU B 183 18.13 31.46 -6.85
C LEU B 183 18.09 30.02 -7.39
N TYR B 184 16.88 29.52 -7.64
CA TYR B 184 16.72 28.18 -8.17
C TYR B 184 16.41 28.14 -9.66
N THR B 185 16.32 29.32 -10.29
CA THR B 185 15.91 29.44 -11.70
C THR B 185 16.64 28.48 -12.63
N ASP B 186 17.97 28.47 -12.55
CA ASP B 186 18.80 27.62 -13.40
C ASP B 186 20.14 27.36 -12.76
N HIS B 187 20.79 26.27 -13.18
CA HIS B 187 22.17 26.00 -12.78
C HIS B 187 22.95 25.23 -13.84
N GLU B 188 22.87 25.73 -15.08
CA GLU B 188 23.53 25.15 -16.26
C GLU B 188 22.92 23.78 -16.63
N VAL B 189 23.73 22.73 -16.69
CA VAL B 189 23.22 21.39 -17.03
C VAL B 189 23.38 20.35 -15.89
N PRO B 190 22.63 20.53 -14.77
CA PRO B 190 22.65 19.52 -13.72
C PRO B 190 21.86 18.29 -14.17
N ALA B 191 21.81 17.27 -13.31
CA ALA B 191 21.13 16.00 -13.62
C ALA B 191 19.71 16.17 -14.18
N SER B 192 18.89 16.96 -13.50
CA SER B 192 17.52 17.21 -13.95
C SER B 192 17.48 17.79 -15.36
N THR B 193 18.10 18.95 -15.55
CA THR B 193 18.17 19.60 -16.87
C THR B 193 18.71 18.67 -17.96
N THR B 194 19.75 17.90 -17.63
CA THR B 194 20.33 16.92 -18.55
C THR B 194 19.32 15.84 -18.93
N ALA B 195 18.67 15.24 -17.93
CA ALA B 195 17.62 14.24 -18.14
C ALA B 195 16.54 14.77 -19.07
N GLY B 196 16.20 16.05 -18.90
CA GLY B 196 15.25 16.71 -19.78
C GLY B 196 15.77 16.94 -21.18
N LEU B 197 17.06 17.23 -21.30
CA LEU B 197 17.70 17.47 -22.60
C LEU B 197 17.80 16.18 -23.40
N VAL B 198 18.10 15.08 -22.71
CA VAL B 198 18.11 13.76 -23.35
C VAL B 198 16.73 13.48 -23.96
N ALA B 199 15.68 13.78 -23.20
CA ALA B 199 14.30 13.61 -23.68
C ALA B 199 14.00 14.44 -24.92
N VAL B 200 14.34 15.73 -24.89
CA VAL B 200 13.98 16.63 -26.00
C VAL B 200 14.85 16.45 -27.25
N SER B 201 16.00 15.80 -27.09
CA SER B 201 16.89 15.52 -28.23
C SER B 201 16.31 14.48 -29.19
N THR B 202 15.25 13.80 -28.75
CA THR B 202 14.51 12.88 -29.60
C THR B 202 13.40 13.64 -30.34
N LEU B 203 13.34 14.95 -30.08
CA LEU B 203 12.29 15.86 -30.57
C LEU B 203 10.93 15.57 -29.92
N SER B 204 10.98 14.97 -28.74
CA SER B 204 9.83 14.84 -27.87
C SER B 204 9.48 16.21 -27.32
N ASP B 205 8.28 16.34 -26.75
CA ASP B 205 7.72 17.63 -26.39
C ASP B 205 8.29 18.24 -25.11
N MET B 206 8.19 19.56 -25.00
CA MET B 206 8.59 20.34 -23.83
C MET B 206 8.16 19.71 -22.50
N TYR B 207 6.88 19.34 -22.41
CA TYR B 207 6.29 18.82 -21.17
C TYR B 207 6.95 17.50 -20.72
N SER B 208 7.12 16.58 -21.66
CA SER B 208 7.89 15.35 -21.44
C SER B 208 9.33 15.65 -21.02
N GLY B 209 9.91 16.71 -21.58
CA GLY B 209 11.23 17.18 -21.15
C GLY B 209 11.22 17.58 -19.69
N ILE B 210 10.21 18.34 -19.29
CA ILE B 210 10.04 18.74 -17.90
C ILE B 210 9.81 17.53 -16.99
N THR B 211 8.95 16.61 -17.44
CA THR B 211 8.66 15.37 -16.73
C THR B 211 9.93 14.57 -16.43
N ALA B 212 10.78 14.37 -17.44
CA ALA B 212 12.06 13.70 -17.28
C ALA B 212 12.95 14.41 -16.25
N ALA B 213 13.02 15.74 -16.36
CA ALA B 213 13.77 16.58 -15.42
C ALA B 213 13.25 16.45 -13.99
N LEU B 214 11.92 16.45 -13.83
CA LEU B 214 11.28 16.27 -12.52
C LEU B 214 11.62 14.92 -11.87
N ALA B 215 11.68 13.86 -12.68
CA ALA B 215 12.03 12.53 -12.22
C ALA B 215 13.44 12.51 -11.62
N ALA B 216 14.35 13.28 -12.23
CA ALA B 216 15.73 13.37 -11.78
C ALA B 216 15.88 14.29 -10.58
N LEU B 217 15.09 15.36 -10.53
CA LEU B 217 15.15 16.33 -9.44
C LEU B 217 14.67 15.75 -8.11
N LYS B 218 13.81 14.73 -8.19
CA LYS B 218 13.26 14.06 -7.01
C LYS B 218 14.38 13.49 -6.14
N GLY B 219 15.37 12.85 -6.76
CA GLY B 219 16.45 12.15 -6.06
C GLY B 219 17.17 12.95 -4.98
N PRO B 220 17.55 12.27 -3.89
CA PRO B 220 18.23 12.91 -2.75
C PRO B 220 19.61 13.50 -3.08
N LEU B 221 20.28 12.96 -4.09
CA LEU B 221 21.59 13.50 -4.49
C LEU B 221 21.44 14.81 -5.26
N HIS B 222 20.22 15.08 -5.71
CA HIS B 222 19.91 16.29 -6.47
C HIS B 222 18.99 17.18 -5.63
N GLY B 223 17.85 17.57 -6.20
CA GLY B 223 16.90 18.47 -5.54
C GLY B 223 16.29 17.93 -4.25
N GLY B 224 16.19 16.61 -4.14
CA GLY B 224 15.72 15.96 -2.92
C GLY B 224 16.45 16.39 -1.65
N ALA B 225 17.66 16.90 -1.81
CA ALA B 225 18.46 17.40 -0.67
C ALA B 225 17.86 18.65 -0.05
N ALA B 226 16.96 19.32 -0.78
CA ALA B 226 16.24 20.46 -0.26
C ALA B 226 15.40 20.08 0.97
N GLU B 227 15.04 18.80 1.06
CA GLU B 227 14.36 18.30 2.26
C GLU B 227 15.28 17.44 3.13
N ALA B 228 16.17 16.68 2.50
CA ALA B 228 17.06 15.78 3.24
C ALA B 228 18.05 16.53 4.13
N ALA B 229 18.45 17.72 3.70
CA ALA B 229 19.33 18.59 4.48
C ALA B 229 18.65 19.06 5.76
N ILE B 230 17.47 19.66 5.63
CA ILE B 230 16.71 20.15 6.77
C ILE B 230 16.21 19.01 7.69
N ALA B 231 15.97 17.84 7.11
CA ALA B 231 15.62 16.64 7.86
C ALA B 231 16.68 16.30 8.91
N GLN B 232 17.95 16.52 8.56
CA GLN B 232 19.07 16.31 9.48
C GLN B 232 18.97 17.21 10.72
N PHE B 233 18.54 18.46 10.51
CA PHE B 233 18.42 19.43 11.61
C PHE B 233 17.27 19.05 12.53
N ASP B 234 16.23 18.45 11.95
CA ASP B 234 15.04 18.02 12.67
C ASP B 234 15.35 16.81 13.58
N GLU B 235 16.24 15.93 13.11
CA GLU B 235 16.66 14.76 13.89
C GLU B 235 17.44 15.15 15.15
N ILE B 236 18.22 16.22 15.06
CA ILE B 236 19.13 16.63 16.13
C ILE B 236 18.40 17.18 17.36
N LYS B 237 17.41 18.06 17.14
CA LYS B 237 16.57 18.65 18.20
C LYS B 237 17.29 19.56 19.20
N ASP B 238 18.47 19.15 19.65
CA ASP B 238 19.24 19.88 20.65
C ASP B 238 20.62 20.26 20.11
N PRO B 239 20.90 21.57 20.00
CA PRO B 239 22.21 22.07 19.59
C PRO B 239 23.40 21.41 20.31
N ALA B 240 23.18 20.99 21.55
CA ALA B 240 24.20 20.28 22.34
C ALA B 240 24.55 18.91 21.78
N MET B 241 23.59 18.29 21.09
CA MET B 241 23.77 16.96 20.48
C MET B 241 24.16 17.00 19.00
N VAL B 242 24.62 18.16 18.54
CA VAL B 242 25.10 18.31 17.15
C VAL B 242 26.35 17.47 16.91
N GLU B 243 27.34 17.62 17.78
CA GLU B 243 28.62 16.92 17.66
C GLU B 243 28.47 15.39 17.63
N LYS B 244 27.60 14.87 18.50
CA LYS B 244 27.36 13.43 18.57
C LYS B 244 26.72 12.89 17.29
N TRP B 245 25.72 13.61 16.78
CA TRP B 245 25.05 13.24 15.52
C TRP B 245 26.03 13.25 14.35
N PHE B 246 26.90 14.25 14.31
CA PHE B 246 27.90 14.37 13.26
C PHE B 246 28.99 13.29 13.37
N ASN B 247 29.27 12.86 14.60
CA ASN B 247 30.24 11.79 14.83
C ASN B 247 29.69 10.41 14.55
N ASP B 248 28.43 10.18 14.91
CA ASP B 248 27.81 8.86 14.77
C ASP B 248 27.38 8.55 13.34
N ASN B 249 26.80 9.54 12.66
CA ASN B 249 26.17 9.34 11.35
C ASN B 249 27.08 9.58 10.15
N ILE B 250 27.96 10.58 10.24
CA ILE B 250 28.79 10.97 9.11
C ILE B 250 30.19 10.34 9.15
N ILE B 251 30.90 10.55 10.25
CA ILE B 251 32.29 10.09 10.39
C ILE B 251 32.37 8.59 10.69
N ASN B 252 31.36 8.06 11.38
CA ASN B 252 31.30 6.62 11.65
C ASN B 252 30.40 5.89 10.67
N GLY B 253 29.16 6.37 10.53
CA GLY B 253 28.16 5.74 9.67
C GLY B 253 28.41 5.87 8.18
N LYS B 254 29.28 6.81 7.81
CA LYS B 254 29.66 7.05 6.40
C LYS B 254 28.57 7.67 5.52
N LYS B 255 27.40 7.94 6.11
CA LYS B 255 26.33 8.65 5.41
C LYS B 255 26.80 10.04 5.00
N ARG B 256 26.32 10.52 3.86
CA ARG B 256 26.73 11.82 3.35
C ARG B 256 25.97 12.94 4.06
N LEU B 257 26.66 14.04 4.32
CA LEU B 257 26.07 15.23 4.91
C LEU B 257 25.29 15.99 3.85
N MET B 258 23.96 15.99 3.98
CA MET B 258 23.07 16.56 2.97
C MET B 258 23.04 18.09 3.01
N GLY B 259 23.07 18.70 1.84
CA GLY B 259 23.25 20.15 1.73
C GLY B 259 24.72 20.52 1.66
N PHE B 260 25.58 19.51 1.54
CA PHE B 260 27.02 19.70 1.42
C PHE B 260 27.56 19.02 0.17
N GLY B 261 28.42 19.74 -0.54
CA GLY B 261 29.09 19.19 -1.72
C GLY B 261 28.39 19.54 -3.02
N HIS B 262 29.10 19.32 -4.11
CA HIS B 262 28.63 19.72 -5.43
C HIS B 262 29.52 19.10 -6.50
N ARG B 263 28.97 18.92 -7.69
CA ARG B 263 29.75 18.45 -8.84
C ARG B 263 30.71 19.54 -9.33
N VAL B 264 30.25 20.79 -9.34
CA VAL B 264 31.05 21.89 -9.88
C VAL B 264 31.74 22.74 -8.80
N TYR B 265 30.97 23.24 -7.84
CA TYR B 265 31.53 24.07 -6.76
C TYR B 265 32.50 23.28 -5.89
N LYS B 266 33.71 23.81 -5.74
CA LYS B 266 34.68 23.26 -4.80
C LYS B 266 34.93 24.27 -3.69
N THR B 267 33.97 25.18 -3.55
CA THR B 267 33.97 26.19 -2.51
C THR B 267 32.52 26.50 -2.11
N TYR B 268 32.33 27.52 -1.27
CA TYR B 268 31.00 27.90 -0.79
C TYR B 268 30.07 28.27 -1.95
N ASP B 269 28.91 27.63 -1.99
CA ASP B 269 27.90 27.89 -3.01
C ASP B 269 27.36 29.30 -2.82
N PRO B 270 27.46 30.15 -3.87
CA PRO B 270 26.97 31.53 -3.80
C PRO B 270 25.49 31.62 -3.39
N ARG B 271 24.65 30.72 -3.93
CA ARG B 271 23.23 30.66 -3.57
C ARG B 271 23.02 30.31 -2.09
N ALA B 272 23.81 29.38 -1.59
CA ALA B 272 23.79 28.99 -0.18
C ALA B 272 24.03 30.20 0.72
N LYS B 273 25.04 30.98 0.37
CA LYS B 273 25.42 32.20 1.09
C LYS B 273 24.24 33.17 1.20
N ILE B 274 23.52 33.35 0.10
CA ILE B 274 22.34 34.23 0.08
C ILE B 274 21.18 33.61 0.87
N PHE B 275 20.92 32.32 0.63
CA PHE B 275 19.91 31.57 1.39
C PHE B 275 20.14 31.61 2.90
N LYS B 276 21.40 31.55 3.31
CA LYS B 276 21.76 31.57 4.73
C LYS B 276 21.30 32.87 5.41
N GLY B 277 21.59 34.00 4.76
CA GLY B 277 21.23 35.33 5.28
C GLY B 277 19.75 35.51 5.48
N ILE B 278 18.96 34.98 4.54
CA ILE B 278 17.50 35.05 4.61
C ILE B 278 16.97 34.08 5.68
N ALA B 279 17.57 32.89 5.77
CA ALA B 279 17.20 31.93 6.79
C ALA B 279 17.39 32.53 8.18
N GLU B 280 18.45 33.31 8.34
CA GLU B 280 18.71 34.03 9.58
C GLU B 280 17.63 35.09 9.88
N LYS B 281 17.36 35.92 8.89
CA LYS B 281 16.44 37.06 9.03
C LYS B 281 15.01 36.59 9.34
N LEU B 282 14.60 35.51 8.69
CA LEU B 282 13.22 35.02 8.79
C LEU B 282 12.97 34.12 9.99
N SER B 283 13.97 33.35 10.39
CA SER B 283 13.81 32.37 11.48
C SER B 283 13.88 33.00 12.87
N SER B 284 14.73 34.02 13.01
CA SER B 284 14.95 34.71 14.29
C SER B 284 13.67 35.24 14.95
N LYS B 285 12.65 35.51 14.14
CA LYS B 285 11.41 36.09 14.63
C LYS B 285 10.44 35.04 15.19
N LYS B 286 10.51 33.82 14.66
CA LYS B 286 9.68 32.70 15.11
C LYS B 286 10.52 31.60 15.77
N PRO B 287 10.39 31.44 17.10
CA PRO B 287 11.28 30.64 17.96
C PRO B 287 11.58 29.22 17.49
N GLU B 288 10.57 28.48 17.03
CA GLU B 288 10.74 27.07 16.66
C GLU B 288 11.56 26.86 15.38
N VAL B 289 11.51 27.85 14.48
CA VAL B 289 12.30 27.82 13.26
C VAL B 289 13.71 28.35 13.52
N HIS B 290 13.83 29.33 14.41
CA HIS B 290 15.12 29.93 14.76
C HIS B 290 16.13 28.89 15.25
N LYS B 291 15.67 27.97 16.09
CA LYS B 291 16.58 26.97 16.65
C LYS B 291 16.94 25.86 15.66
N VAL B 292 16.15 25.72 14.60
CA VAL B 292 16.49 24.83 13.48
C VAL B 292 17.67 25.44 12.73
N TYR B 293 17.65 26.76 12.55
CA TYR B 293 18.76 27.51 11.97
C TYR B 293 20.01 27.43 12.85
N GLU B 294 19.81 27.48 14.17
CA GLU B 294 20.90 27.38 15.14
C GLU B 294 21.57 26.01 15.09
N ILE B 295 20.79 24.96 14.88
CA ILE B 295 21.31 23.60 14.67
C ILE B 295 22.07 23.53 13.34
N ALA B 296 21.52 24.18 12.31
CA ALA B 296 22.11 24.19 10.97
C ALA B 296 23.49 24.84 10.92
N THR B 297 23.63 25.99 11.56
CA THR B 297 24.91 26.73 11.57
C THR B 297 25.97 26.06 12.43
N LYS B 298 25.55 25.32 13.45
CA LYS B 298 26.46 24.58 14.32
C LYS B 298 26.97 23.32 13.62
N LEU B 299 26.09 22.68 12.85
CA LEU B 299 26.47 21.52 12.01
C LEU B 299 27.35 21.96 10.82
N GLU B 300 27.16 23.19 10.37
CA GLU B 300 27.95 23.78 9.29
C GLU B 300 29.45 23.84 9.62
N ASP B 301 29.77 24.27 10.84
CA ASP B 301 31.16 24.37 11.28
C ASP B 301 31.87 23.03 11.30
N PHE B 302 31.20 22.00 11.83
CA PHE B 302 31.71 20.64 11.79
C PHE B 302 31.87 20.15 10.35
N GLY B 303 30.94 20.55 9.48
CA GLY B 303 30.97 20.20 8.07
C GLY B 303 32.18 20.76 7.34
N ILE B 304 32.43 22.05 7.50
CA ILE B 304 33.56 22.72 6.83
C ILE B 304 34.91 22.23 7.36
N LYS B 305 35.01 22.10 8.68
CA LYS B 305 36.24 21.61 9.33
C LYS B 305 36.63 20.21 8.82
N ALA B 306 35.62 19.40 8.52
CA ALA B 306 35.84 18.03 8.07
C ALA B 306 35.98 17.90 6.55
N PHE B 307 35.17 18.64 5.80
CA PHE B 307 35.08 18.42 4.36
C PHE B 307 35.59 19.56 3.47
N GLY B 308 35.76 20.74 4.06
CA GLY B 308 36.22 21.93 3.33
C GLY B 308 37.57 21.78 2.64
N SER B 309 38.44 20.96 3.21
CA SER B 309 39.75 20.68 2.62
C SER B 309 39.65 19.70 1.45
N LYS B 310 38.50 19.03 1.33
CA LYS B 310 38.24 18.08 0.25
C LYS B 310 37.36 18.70 -0.85
N GLY B 311 37.14 20.01 -0.76
CA GLY B 311 36.36 20.75 -1.75
C GLY B 311 34.86 20.60 -1.57
N ILE B 312 34.43 20.27 -0.35
CA ILE B 312 33.04 19.98 -0.07
C ILE B 312 32.47 20.98 0.95
N TYR B 313 31.66 21.91 0.46
CA TYR B 313 31.13 23.03 1.23
C TYR B 313 29.59 23.05 1.17
N PRO B 314 28.93 23.90 1.99
CA PRO B 314 27.48 24.01 1.89
C PRO B 314 27.04 24.32 0.47
N ASN B 315 26.03 23.59 0.00
CA ASN B 315 25.39 23.90 -1.28
C ASN B 315 24.05 24.59 -1.06
N THR B 316 23.38 24.93 -2.17
CA THR B 316 22.13 25.69 -2.17
C THR B 316 20.99 25.06 -1.36
N ASP B 317 20.98 23.74 -1.22
CA ASP B 317 19.89 23.05 -0.56
C ASP B 317 19.98 23.11 0.97
N TYR B 318 21.17 23.42 1.48
CA TYR B 318 21.42 23.41 2.93
C TYR B 318 20.55 24.38 3.73
N PHE B 319 20.35 25.59 3.22
CA PHE B 319 19.62 26.62 3.95
C PHE B 319 18.22 26.94 3.40
N SER B 320 17.97 26.56 2.15
CA SER B 320 16.70 26.89 1.48
C SER B 320 15.49 26.32 2.23
N GLY B 321 15.63 25.09 2.73
CA GLY B 321 14.56 24.42 3.50
C GLY B 321 14.07 25.27 4.66
N ILE B 322 15.00 25.83 5.42
CA ILE B 322 14.68 26.74 6.52
C ILE B 322 13.94 27.97 6.00
N VAL B 323 14.35 28.49 4.85
CA VAL B 323 13.70 29.66 4.23
C VAL B 323 12.24 29.35 3.85
N TYR B 324 11.99 28.17 3.29
CA TYR B 324 10.63 27.75 2.97
C TYR B 324 9.78 27.51 4.23
N MET B 325 10.40 26.91 5.25
CA MET B 325 9.75 26.68 6.53
C MET B 325 9.32 27.99 7.21
N SER B 326 10.16 29.01 7.11
CA SER B 326 9.87 30.32 7.69
C SER B 326 8.73 31.03 6.95
N ILE B 327 8.65 30.82 5.64
CA ILE B 327 7.55 31.33 4.82
C ILE B 327 6.24 30.62 5.19
N GLY B 328 6.35 29.39 5.69
CA GLY B 328 5.20 28.66 6.23
C GLY B 328 4.93 27.30 5.62
N PHE B 329 5.89 26.76 4.89
CA PHE B 329 5.74 25.43 4.29
C PHE B 329 6.28 24.34 5.21
N PRO B 330 5.46 23.29 5.43
CA PRO B 330 5.83 22.24 6.38
C PRO B 330 6.89 21.29 5.84
N LEU B 331 7.64 20.68 6.76
CA LEU B 331 8.70 19.76 6.43
C LEU B 331 8.13 18.35 6.27
N ARG B 332 7.55 18.10 5.09
CA ARG B 332 6.93 16.82 4.77
C ARG B 332 6.78 16.65 3.26
N ASN B 333 6.61 15.41 2.82
CA ASN B 333 6.30 15.05 1.43
C ASN B 333 7.21 15.62 0.33
N ASN B 334 8.44 15.98 0.68
CA ASN B 334 9.36 16.65 -0.25
C ASN B 334 8.78 17.91 -0.88
N ILE B 335 8.03 18.68 -0.08
CA ILE B 335 7.47 19.94 -0.52
C ILE B 335 8.57 20.93 -0.94
N TYR B 336 9.69 20.94 -0.21
CA TYR B 336 10.76 21.89 -0.47
C TYR B 336 11.44 21.64 -1.82
N THR B 337 11.50 20.36 -2.22
CA THR B 337 12.02 19.98 -3.53
C THR B 337 11.04 20.38 -4.63
N ALA B 338 9.75 20.36 -4.31
CA ALA B 338 8.70 20.78 -5.23
C ALA B 338 8.75 22.29 -5.50
N LEU B 339 9.17 23.06 -4.49
CA LEU B 339 9.32 24.51 -4.63
C LEU B 339 10.57 24.86 -5.45
N PHE B 340 11.61 24.06 -5.28
CA PHE B 340 12.80 24.08 -6.14
C PHE B 340 12.33 23.93 -7.60
N ALA B 341 11.57 22.86 -7.86
CA ALA B 341 11.04 22.56 -9.19
C ALA B 341 10.23 23.71 -9.78
N LEU B 342 9.34 24.27 -8.97
CA LEU B 342 8.51 25.40 -9.38
C LEU B 342 9.36 26.50 -10.00
N SER B 343 10.52 26.75 -9.40
CA SER B 343 11.44 27.75 -9.90
C SER B 343 12.21 27.25 -11.12
N ARG B 344 12.79 26.06 -11.00
CA ARG B 344 13.71 25.51 -12.00
C ARG B 344 13.10 25.33 -13.39
N VAL B 345 11.77 25.21 -13.46
CA VAL B 345 11.06 25.00 -14.73
C VAL B 345 11.40 26.07 -15.79
N THR B 346 11.77 27.26 -15.32
CA THR B 346 12.19 28.33 -16.22
C THR B 346 13.54 27.99 -16.86
N GLY B 347 14.50 27.55 -16.05
CA GLY B 347 15.80 27.14 -16.54
C GLY B 347 15.75 25.92 -17.44
N TRP B 348 14.97 24.91 -17.01
CA TRP B 348 14.74 23.71 -17.81
C TRP B 348 14.27 24.07 -19.23
N GLN B 349 13.19 24.83 -19.30
CA GLN B 349 12.57 25.18 -20.58
C GLN B 349 13.48 25.99 -21.49
N ALA B 350 14.18 26.98 -20.91
CA ALA B 350 15.16 27.77 -21.64
C ALA B 350 16.26 26.93 -22.29
N HIS B 351 16.74 25.92 -21.56
CA HIS B 351 17.76 25.00 -22.08
C HIS B 351 17.23 24.11 -23.19
N PHE B 352 16.00 23.60 -23.02
CA PHE B 352 15.40 22.72 -24.04
C PHE B 352 15.20 23.48 -25.35
N ILE B 353 14.66 24.69 -25.26
CA ILE B 353 14.49 25.56 -26.43
C ILE B 353 15.86 25.84 -27.09
N GLU B 354 16.83 26.25 -26.28
CA GLU B 354 18.18 26.54 -26.75
C GLU B 354 18.79 25.36 -27.49
N TYR B 355 18.61 24.15 -26.94
CA TYR B 355 19.19 22.96 -27.54
C TYR B 355 18.51 22.53 -28.84
N VAL B 356 17.18 22.57 -28.87
CA VAL B 356 16.42 22.11 -30.03
C VAL B 356 16.52 23.10 -31.20
N GLU B 357 16.40 24.39 -30.91
CA GLU B 357 16.46 25.44 -31.95
C GLU B 357 17.79 25.51 -32.70
N GLU B 358 18.90 25.49 -31.94
CA GLU B 358 20.19 25.93 -32.50
C GLU B 358 21.34 24.92 -32.46
N GLN B 359 21.14 23.77 -31.83
CA GLN B 359 22.20 22.74 -31.75
C GLN B 359 21.64 21.32 -31.62
N GLN B 360 20.54 21.06 -32.34
CA GLN B 360 19.82 19.79 -32.23
C GLN B 360 20.62 18.60 -32.74
N ARG B 361 20.79 17.61 -31.86
CA ARG B 361 21.27 16.29 -32.23
C ARG B 361 20.85 15.30 -31.15
N LEU B 362 20.53 14.07 -31.56
CA LEU B 362 20.08 13.02 -30.65
C LEU B 362 21.17 12.66 -29.64
N ILE B 363 20.82 12.72 -28.36
CA ILE B 363 21.75 12.32 -27.31
C ILE B 363 21.70 10.79 -27.14
N ARG B 364 22.77 10.15 -27.57
CA ARG B 364 22.89 8.69 -27.58
C ARG B 364 24.34 8.29 -27.31
N PRO B 365 24.68 8.03 -26.02
CA PRO B 365 26.02 7.63 -25.64
C PRO B 365 26.25 6.12 -25.82
N ARG B 366 27.39 5.63 -25.35
CA ARG B 366 27.71 4.21 -25.41
C ARG B 366 28.02 3.64 -24.01
N ALA B 367 28.17 2.32 -23.96
CA ALA B 367 28.58 1.64 -22.75
C ALA B 367 29.72 0.68 -23.06
N VAL B 368 30.55 0.40 -22.06
CA VAL B 368 31.62 -0.58 -22.17
C VAL B 368 31.08 -1.96 -21.79
N TYR B 369 31.28 -2.94 -22.66
CA TYR B 369 30.78 -4.29 -22.40
C TYR B 369 31.78 -5.12 -21.58
N VAL B 370 31.33 -5.60 -20.43
CA VAL B 370 32.14 -6.49 -19.59
C VAL B 370 31.42 -7.82 -19.34
N GLY B 371 30.32 -8.03 -20.05
CA GLY B 371 29.47 -9.20 -19.84
C GLY B 371 29.95 -10.48 -20.49
N PRO B 372 29.17 -11.56 -20.35
CA PRO B 372 29.52 -12.89 -20.87
C PRO B 372 29.81 -12.90 -22.37
N ALA B 373 30.84 -13.65 -22.75
CA ALA B 373 31.25 -13.77 -24.15
C ALA B 373 30.21 -14.49 -24.98
N GLU B 374 30.36 -14.42 -26.30
CA GLU B 374 29.46 -15.06 -27.25
C GLU B 374 29.20 -16.52 -26.88
N ARG B 375 27.92 -16.88 -26.81
CA ARG B 375 27.51 -18.23 -26.45
C ARG B 375 26.21 -18.65 -27.14
N LYS B 376 26.14 -19.94 -27.49
CA LYS B 376 24.97 -20.53 -28.12
C LYS B 376 23.82 -20.66 -27.12
N TYR B 377 22.58 -20.47 -27.60
CA TYR B 377 21.40 -20.56 -26.76
C TYR B 377 21.23 -21.95 -26.16
N VAL B 378 21.45 -22.03 -24.84
CA VAL B 378 21.42 -23.29 -24.09
C VAL B 378 19.99 -23.84 -23.98
N PRO B 379 19.81 -25.15 -24.20
CA PRO B 379 18.54 -25.83 -23.88
C PRO B 379 18.18 -25.71 -22.39
N ILE B 380 16.88 -25.76 -22.09
CA ILE B 380 16.36 -25.39 -20.77
C ILE B 380 16.87 -26.23 -19.57
N ALA B 381 17.31 -27.46 -19.83
CA ALA B 381 17.69 -28.37 -18.75
C ALA B 381 19.19 -28.57 -18.60
N GLU B 382 19.98 -27.55 -18.96
CA GLU B 382 21.45 -27.65 -18.91
C GLU B 382 22.30 -26.35 -18.89
N ARG B 383 21.99 -25.31 -18.10
CA ARG B 383 20.91 -25.17 -17.09
C ARG B 383 20.73 -26.29 -16.07
N GLU C 5 -13.60 -35.17 29.74
CA GLU C 5 -12.62 -34.48 30.62
C GLU C 5 -12.35 -33.05 30.17
N ILE C 6 -13.10 -32.11 30.72
CA ILE C 6 -13.10 -30.73 30.26
C ILE C 6 -12.01 -29.89 30.94
N SER C 7 -11.24 -29.18 30.12
CA SER C 7 -10.28 -28.19 30.58
C SER C 7 -11.02 -26.88 30.84
N LYS C 8 -11.69 -26.82 32.00
CA LYS C 8 -12.57 -25.71 32.36
C LYS C 8 -11.83 -24.37 32.34
N GLY C 9 -12.31 -23.44 31.50
CA GLY C 9 -11.69 -22.14 31.31
C GLY C 9 -10.27 -22.20 30.75
N LEU C 10 -9.92 -23.35 30.16
CA LEU C 10 -8.57 -23.65 29.66
C LEU C 10 -7.45 -23.43 30.68
N GLU C 11 -7.80 -23.53 31.96
CA GLU C 11 -6.82 -23.32 33.04
C GLU C 11 -5.69 -24.33 32.94
N ASP C 12 -4.46 -23.82 33.04
CA ASP C 12 -3.22 -24.62 33.02
C ASP C 12 -2.88 -25.27 31.68
N VAL C 13 -3.65 -24.97 30.64
CA VAL C 13 -3.36 -25.46 29.29
C VAL C 13 -2.46 -24.46 28.57
N ASN C 14 -1.35 -24.95 28.03
CA ASN C 14 -0.41 -24.12 27.28
C ASN C 14 -0.77 -24.01 25.81
N ILE C 15 -0.93 -22.78 25.32
CA ILE C 15 -1.40 -22.54 23.96
C ILE C 15 -0.26 -22.22 22.98
N LYS C 16 0.87 -21.79 23.55
CA LYS C 16 2.05 -21.41 22.78
C LYS C 16 3.26 -21.30 23.72
N TRP C 17 4.45 -21.16 23.13
CA TRP C 17 5.60 -20.70 23.89
C TRP C 17 5.77 -19.21 23.64
N THR C 18 6.40 -18.50 24.57
CA THR C 18 6.60 -17.06 24.40
C THR C 18 7.94 -16.55 24.93
N ARG C 19 8.50 -15.58 24.22
CA ARG C 19 9.72 -14.90 24.65
C ARG C 19 9.41 -13.55 25.27
N LEU C 20 8.13 -13.18 25.27
CA LEU C 20 7.71 -11.80 25.51
C LEU C 20 7.47 -11.42 26.98
N THR C 21 6.72 -12.24 27.70
CA THR C 21 6.24 -11.89 29.04
C THR C 21 6.24 -13.07 30.02
N THR C 22 6.73 -12.83 31.23
CA THR C 22 6.68 -13.81 32.31
C THR C 22 5.78 -13.30 33.43
N ILE C 23 5.03 -14.22 34.02
CA ILE C 23 4.20 -13.93 35.19
C ILE C 23 4.46 -14.96 36.28
N ASP C 24 4.87 -14.49 37.45
CA ASP C 24 4.86 -15.31 38.64
C ASP C 24 3.64 -14.92 39.47
N GLY C 25 2.63 -15.78 39.44
CA GLY C 25 1.37 -15.54 40.15
C GLY C 25 1.48 -15.62 41.65
N ASN C 26 2.41 -16.44 42.15
CA ASN C 26 2.63 -16.59 43.58
C ASN C 26 3.42 -15.45 44.22
N LYS C 27 4.46 -15.01 43.54
CA LYS C 27 5.30 -13.92 44.04
C LYS C 27 4.79 -12.54 43.63
N GLY C 28 4.02 -12.49 42.53
CA GLY C 28 3.54 -11.24 41.98
C GLY C 28 4.63 -10.53 41.19
N ILE C 29 5.30 -11.27 40.31
CA ILE C 29 6.35 -10.70 39.46
C ILE C 29 5.93 -10.73 37.99
N LEU C 30 5.97 -9.56 37.36
CA LEU C 30 5.69 -9.43 35.93
C LEU C 30 6.92 -8.90 35.20
N ARG C 31 7.31 -9.58 34.12
CA ARG C 31 8.46 -9.17 33.32
C ARG C 31 8.16 -9.02 31.83
N TYR C 32 8.74 -7.98 31.23
CA TYR C 32 8.66 -7.77 29.80
C TYR C 32 10.05 -8.00 29.20
N GLY C 33 10.23 -9.14 28.55
CA GLY C 33 11.51 -9.48 27.92
C GLY C 33 12.68 -9.56 28.89
N GLY C 34 12.40 -10.05 30.09
CA GLY C 34 13.41 -10.15 31.14
C GLY C 34 13.40 -8.98 32.10
N TYR C 35 13.00 -7.80 31.60
CA TYR C 35 12.98 -6.59 32.40
C TYR C 35 11.75 -6.51 33.32
N SER C 36 11.99 -6.38 34.62
CA SER C 36 10.94 -6.20 35.61
C SER C 36 10.18 -4.89 35.35
N VAL C 37 8.88 -4.91 35.61
CA VAL C 37 8.01 -3.75 35.40
C VAL C 37 8.31 -2.59 36.36
N GLU C 38 8.63 -2.93 37.62
CA GLU C 38 9.06 -1.94 38.62
C GLU C 38 10.36 -1.29 38.18
N ASP C 39 11.29 -2.13 37.72
CA ASP C 39 12.58 -1.69 37.17
C ASP C 39 12.38 -0.68 36.03
N ILE C 40 11.45 -0.99 35.12
CA ILE C 40 11.18 -0.19 33.92
C ILE C 40 10.60 1.20 34.23
N ILE C 41 9.62 1.25 35.13
CA ILE C 41 8.99 2.52 35.52
C ILE C 41 9.93 3.38 36.36
N ALA C 42 10.65 2.74 37.30
CA ALA C 42 11.66 3.44 38.11
C ALA C 42 12.78 4.05 37.27
N SER C 43 13.01 3.48 36.09
CA SER C 43 14.05 3.94 35.17
C SER C 43 13.60 5.13 34.33
N GLY C 44 12.30 5.37 34.30
CA GLY C 44 11.73 6.43 33.46
C GLY C 44 11.78 6.07 31.99
N ALA C 45 11.57 4.79 31.69
CA ALA C 45 11.53 4.30 30.32
C ALA C 45 10.40 4.96 29.53
N GLN C 46 10.70 5.35 28.30
CA GLN C 46 9.71 5.88 27.37
C GLN C 46 8.89 4.70 26.83
N ASP C 47 7.57 4.87 26.72
CA ASP C 47 6.69 3.77 26.28
C ASP C 47 7.11 3.21 24.92
N GLU C 48 7.52 4.10 24.03
CA GLU C 48 8.05 3.72 22.72
C GLU C 48 9.18 2.71 22.83
N GLU C 49 9.96 2.79 23.91
CA GLU C 49 11.06 1.85 24.16
C GLU C 49 10.56 0.45 24.50
N ILE C 50 9.39 0.37 25.13
CA ILE C 50 8.77 -0.90 25.49
C ILE C 50 8.04 -1.46 24.28
N GLN C 51 7.47 -0.55 23.48
CA GLN C 51 6.87 -0.89 22.18
C GLN C 51 7.89 -1.57 21.27
N TYR C 52 9.10 -1.00 21.20
CA TYR C 52 10.20 -1.58 20.44
C TYR C 52 10.63 -2.92 21.01
N LEU C 53 10.76 -2.97 22.35
CA LEU C 53 11.17 -4.18 23.06
C LEU C 53 10.29 -5.40 22.71
N PHE C 54 9.00 -5.16 22.53
CA PHE C 54 8.05 -6.23 22.25
C PHE C 54 8.11 -6.72 20.81
N LEU C 55 8.33 -5.78 19.88
CA LEU C 55 8.35 -6.10 18.46
C LEU C 55 9.71 -6.58 17.96
N TYR C 56 10.75 -6.40 18.77
CA TYR C 56 12.11 -6.70 18.34
C TYR C 56 12.92 -7.65 19.24
N GLY C 57 12.64 -7.63 20.54
CA GLY C 57 13.32 -8.53 21.47
C GLY C 57 14.29 -7.85 22.42
N ASN C 58 14.83 -6.71 22.00
CA ASN C 58 15.74 -5.92 22.83
C ASN C 58 15.33 -4.45 22.90
N LEU C 59 15.95 -3.72 23.83
CA LEU C 59 15.73 -2.29 23.95
C LEU C 59 16.47 -1.55 22.82
N PRO C 60 15.84 -0.51 22.24
CA PRO C 60 16.40 0.20 21.10
C PRO C 60 17.56 1.14 21.45
N THR C 61 18.45 1.37 20.49
CA THR C 61 19.51 2.37 20.61
C THR C 61 18.93 3.75 20.32
N GLU C 62 19.75 4.79 20.43
CA GLU C 62 19.38 6.15 20.03
C GLU C 62 18.90 6.19 18.58
N GLN C 63 19.56 5.41 17.73
CA GLN C 63 19.28 5.38 16.30
C GLN C 63 18.00 4.60 15.96
N GLU C 64 17.87 3.42 16.56
CA GLU C 64 16.71 2.55 16.33
C GLU C 64 15.38 3.16 16.80
N LEU C 65 15.44 3.90 17.92
CA LEU C 65 14.27 4.60 18.46
C LEU C 65 13.81 5.76 17.57
N ARG C 66 14.76 6.38 16.86
CA ARG C 66 14.46 7.51 15.98
C ARG C 66 13.56 7.09 14.82
N LYS C 67 13.95 6.03 14.13
CA LYS C 67 13.19 5.58 12.96
C LYS C 67 11.94 4.78 13.34
N TYR C 68 11.94 4.17 14.52
CA TYR C 68 10.74 3.48 15.01
C TYR C 68 9.60 4.46 15.26
N LYS C 69 9.91 5.61 15.86
CA LYS C 69 8.93 6.65 16.13
C LYS C 69 8.33 7.21 14.86
N GLU C 70 9.17 7.40 13.84
CA GLU C 70 8.72 7.91 12.55
C GLU C 70 7.75 6.94 11.87
N THR C 71 7.97 5.64 12.07
CA THR C 71 7.10 4.59 11.55
C THR C 71 5.76 4.56 12.31
N VAL C 72 5.83 4.72 13.63
CA VAL C 72 4.63 4.84 14.48
C VAL C 72 3.82 6.07 14.07
N GLN C 73 4.53 7.17 13.84
CA GLN C 73 3.91 8.45 13.46
C GLN C 73 3.22 8.42 12.09
N LYS C 74 3.60 7.48 11.22
CA LYS C 74 2.87 7.24 9.98
C LYS C 74 1.43 6.85 10.27
N GLY C 75 1.23 6.12 11.37
CA GLY C 75 -0.08 5.65 11.80
C GLY C 75 -1.01 6.74 12.30
N TYR C 76 -0.46 7.91 12.61
CA TYR C 76 -1.25 9.06 13.02
C TYR C 76 -2.15 9.56 11.88
N LYS C 77 -1.66 9.38 10.64
CA LYS C 77 -2.46 9.66 9.45
C LYS C 77 -3.36 8.46 9.19
N ILE C 78 -4.67 8.69 9.22
CA ILE C 78 -5.66 7.61 9.14
C ILE C 78 -6.81 7.97 8.18
N PRO C 79 -7.17 7.06 7.26
CA PRO C 79 -8.27 7.29 6.31
C PRO C 79 -9.57 7.71 6.98
N ASP C 80 -10.33 8.55 6.29
CA ASP C 80 -11.52 9.18 6.86
C ASP C 80 -12.73 8.25 6.98
N PHE C 81 -12.70 7.10 6.29
CA PHE C 81 -13.74 6.09 6.47
C PHE C 81 -13.52 5.31 7.77
N VAL C 82 -12.27 5.24 8.21
CA VAL C 82 -11.91 4.66 9.50
C VAL C 82 -12.42 5.57 10.62
N ILE C 83 -12.29 6.89 10.40
CA ILE C 83 -12.83 7.90 11.31
C ILE C 83 -14.36 7.84 11.29
N ASN C 84 -14.94 7.78 10.08
CA ASN C 84 -16.39 7.71 9.91
C ASN C 84 -17.01 6.43 10.49
N ALA C 85 -16.21 5.38 10.57
CA ALA C 85 -16.62 4.12 11.20
C ALA C 85 -16.97 4.32 12.67
N ILE C 86 -16.31 5.29 13.31
CA ILE C 86 -16.60 5.66 14.69
C ILE C 86 -17.74 6.68 14.75
N ARG C 87 -17.58 7.78 14.01
CA ARG C 87 -18.50 8.91 14.10
C ARG C 87 -19.92 8.61 13.61
N GLN C 88 -20.07 7.60 12.77
CA GLN C 88 -21.38 7.14 12.31
C GLN C 88 -22.18 6.42 13.42
N LEU C 89 -21.46 5.76 14.31
CA LEU C 89 -22.06 5.01 15.42
C LEU C 89 -22.78 5.93 16.42
N PRO C 90 -23.87 5.43 17.04
CA PRO C 90 -24.52 6.19 18.10
C PRO C 90 -23.55 6.64 19.19
N ARG C 91 -23.71 7.87 19.65
CA ARG C 91 -22.77 8.52 20.56
C ARG C 91 -22.67 7.82 21.92
N GLU C 92 -23.70 7.07 22.27
CA GLU C 92 -23.78 6.36 23.56
C GLU C 92 -23.14 4.97 23.52
N SER C 93 -22.52 4.61 22.39
CA SER C 93 -21.92 3.29 22.20
C SER C 93 -20.69 3.05 23.08
N ASP C 94 -20.41 1.76 23.33
CA ASP C 94 -19.22 1.32 24.06
C ASP C 94 -17.97 1.72 23.28
N ALA C 95 -16.98 2.27 24.00
CA ALA C 95 -15.76 2.80 23.40
C ALA C 95 -14.86 1.73 22.80
N VAL C 96 -14.83 0.55 23.42
CA VAL C 96 -14.02 -0.58 22.93
C VAL C 96 -14.59 -1.13 21.62
N ALA C 97 -15.92 -1.17 21.55
CA ALA C 97 -16.61 -1.60 20.35
C ALA C 97 -16.48 -0.58 19.22
N MET C 98 -16.39 0.70 19.58
CA MET C 98 -16.07 1.76 18.62
C MET C 98 -14.67 1.53 18.03
N GLN C 99 -13.71 1.17 18.89
CA GLN C 99 -12.38 0.80 18.45
C GLN C 99 -12.46 -0.43 17.55
N MET C 100 -13.26 -1.40 17.98
CA MET C 100 -13.48 -2.65 17.27
C MET C 100 -14.02 -2.42 15.85
N ALA C 101 -14.91 -1.44 15.71
CA ALA C 101 -15.48 -1.08 14.42
C ALA C 101 -14.45 -0.45 13.50
N ALA C 102 -13.61 0.41 14.06
CA ALA C 102 -12.60 1.14 13.30
C ALA C 102 -11.49 0.21 12.82
N VAL C 103 -11.13 -0.75 13.66
CA VAL C 103 -10.12 -1.76 13.30
C VAL C 103 -10.69 -2.75 12.28
N ALA C 104 -11.98 -3.06 12.40
CA ALA C 104 -12.67 -3.93 11.44
C ALA C 104 -12.73 -3.31 10.04
N ALA C 105 -12.86 -1.99 9.98
CA ALA C 105 -12.78 -1.25 8.73
C ALA C 105 -11.40 -1.40 8.07
N MET C 106 -10.36 -1.42 8.89
CA MET C 106 -8.99 -1.62 8.39
C MET C 106 -8.77 -3.05 7.92
N ALA C 107 -9.23 -4.03 8.70
CA ALA C 107 -9.18 -5.43 8.29
C ALA C 107 -9.72 -5.62 6.88
N ALA C 108 -10.84 -4.95 6.59
CA ALA C 108 -11.48 -4.98 5.28
C ALA C 108 -10.65 -4.27 4.20
N SER C 109 -10.19 -3.06 4.50
CA SER C 109 -9.50 -2.21 3.53
C SER C 109 -8.09 -2.69 3.19
N GLU C 110 -7.41 -3.32 4.15
CA GLU C 110 -6.02 -3.73 3.95
C GLU C 110 -5.94 -5.07 3.21
N THR C 111 -6.38 -5.06 1.96
CA THR C 111 -6.48 -6.28 1.14
C THR C 111 -5.12 -6.81 0.69
N LYS C 112 -4.07 -6.03 0.89
CA LYS C 112 -2.73 -6.40 0.48
C LYS C 112 -1.86 -6.95 1.63
N PHE C 113 -2.44 -7.05 2.82
CA PHE C 113 -1.71 -7.60 3.97
C PHE C 113 -1.40 -9.08 3.80
N LYS C 114 -0.17 -9.45 4.14
CA LYS C 114 0.21 -10.86 4.28
C LYS C 114 1.27 -11.03 5.36
N TRP C 115 1.27 -12.20 5.99
CA TRP C 115 2.25 -12.53 7.02
C TRP C 115 3.63 -12.71 6.40
N ASN C 116 4.57 -11.86 6.81
CA ASN C 116 5.91 -11.84 6.26
C ASN C 116 6.90 -11.30 7.29
N LYS C 117 7.93 -12.08 7.58
CA LYS C 117 8.96 -11.70 8.56
C LYS C 117 9.61 -10.34 8.28
N ASP C 118 9.53 -9.89 7.03
CA ASP C 118 10.14 -8.63 6.60
C ASP C 118 9.26 -7.40 6.87
N THR C 119 7.94 -7.58 6.82
CA THR C 119 7.01 -6.46 6.90
C THR C 119 6.20 -6.38 8.19
N ASP C 120 6.12 -7.50 8.92
CA ASP C 120 5.24 -7.61 10.10
C ASP C 120 5.50 -6.57 11.19
N ARG C 121 6.77 -6.27 11.44
CA ARG C 121 7.14 -5.32 12.49
C ARG C 121 6.80 -3.87 12.11
N ASP C 122 6.89 -3.54 10.83
CA ASP C 122 6.50 -2.22 10.35
C ASP C 122 4.97 -2.03 10.32
N VAL C 123 4.24 -3.12 10.08
CA VAL C 123 2.78 -3.11 10.12
C VAL C 123 2.30 -2.84 11.54
N ALA C 124 2.89 -3.56 12.49
CA ALA C 124 2.53 -3.45 13.90
C ALA C 124 2.88 -2.08 14.48
N ALA C 125 4.11 -1.62 14.20
CA ALA C 125 4.57 -0.29 14.60
C ALA C 125 3.63 0.82 14.12
N GLU C 126 3.25 0.74 12.84
CA GLU C 126 2.33 1.71 12.25
C GLU C 126 0.92 1.57 12.84
N MET C 127 0.51 0.33 13.10
CA MET C 127 -0.79 0.06 13.72
C MET C 127 -0.88 0.61 15.15
N ILE C 128 0.23 0.58 15.87
CA ILE C 128 0.32 1.20 17.20
C ILE C 128 0.06 2.71 17.10
N GLY C 129 0.58 3.34 16.05
CA GLY C 129 0.27 4.74 15.77
C GLY C 129 -1.18 4.91 15.38
N ARG C 130 -1.72 3.92 14.68
CA ARG C 130 -3.11 3.93 14.23
C ARG C 130 -4.10 3.80 15.38
N MET C 131 -3.71 3.06 16.42
CA MET C 131 -4.56 2.87 17.60
C MET C 131 -4.79 4.18 18.35
N SER C 132 -3.76 5.02 18.43
CA SER C 132 -3.86 6.35 19.05
C SER C 132 -4.85 7.22 18.31
N ALA C 133 -4.73 7.25 16.98
CA ALA C 133 -5.63 7.99 16.11
C ALA C 133 -7.07 7.57 16.33
N ILE C 134 -7.31 6.24 16.31
CA ILE C 134 -8.62 5.66 16.59
C ILE C 134 -9.14 6.07 17.96
N THR C 135 -8.31 5.91 18.99
CA THR C 135 -8.71 6.21 20.37
C THR C 135 -9.05 7.69 20.57
N VAL C 136 -8.25 8.58 19.98
CA VAL C 136 -8.52 10.02 19.99
C VAL C 136 -9.92 10.29 19.43
N ASN C 137 -10.20 9.68 18.27
CA ASN C 137 -11.46 9.90 17.58
C ASN C 137 -12.66 9.21 18.23
N VAL C 138 -12.41 8.09 18.91
CA VAL C 138 -13.42 7.43 19.73
C VAL C 138 -13.84 8.33 20.89
N TYR C 139 -12.85 8.85 21.63
CA TYR C 139 -13.11 9.77 22.74
C TYR C 139 -13.90 11.02 22.31
N ARG C 140 -13.39 11.68 21.27
CA ARG C 140 -13.98 12.93 20.77
C ARG C 140 -15.40 12.75 20.27
N HIS C 141 -15.66 11.64 19.58
CA HIS C 141 -17.01 11.28 19.15
C HIS C 141 -17.96 11.13 20.34
N ILE C 142 -17.49 10.49 21.41
CA ILE C 142 -18.29 10.32 22.62
C ILE C 142 -18.58 11.66 23.33
N MET C 143 -17.60 12.56 23.33
CA MET C 143 -17.76 13.87 23.97
C MET C 143 -18.41 14.94 23.08
N ASN C 144 -18.87 14.53 21.89
CA ASN C 144 -19.50 15.43 20.91
C ASN C 144 -18.59 16.59 20.48
N MET C 145 -17.33 16.26 20.23
CA MET C 145 -16.35 17.21 19.74
C MET C 145 -16.09 16.91 18.27
N PRO C 146 -15.48 17.85 17.53
CA PRO C 146 -15.05 17.54 16.16
C PRO C 146 -13.97 16.46 16.15
N ALA C 147 -13.72 15.87 14.99
CA ALA C 147 -12.65 14.89 14.82
C ALA C 147 -11.28 15.55 14.92
N GLU C 148 -10.26 14.75 15.21
CA GLU C 148 -8.89 15.21 15.35
C GLU C 148 -7.93 14.05 15.13
N LEU C 149 -6.76 14.35 14.57
CA LEU C 149 -5.69 13.38 14.41
C LEU C 149 -4.55 13.75 15.36
N PRO C 150 -3.85 12.73 15.92
CA PRO C 150 -2.66 13.04 16.72
C PRO C 150 -1.51 13.54 15.86
N LYS C 151 -0.80 14.55 16.35
CA LYS C 151 0.35 15.10 15.65
C LYS C 151 1.63 14.66 16.38
N PRO C 152 2.77 14.63 15.67
CA PRO C 152 4.02 14.28 16.34
C PRO C 152 4.38 15.28 17.44
N SER C 153 4.96 14.78 18.53
CA SER C 153 5.44 15.61 19.62
C SER C 153 6.66 14.94 20.25
N ASP C 154 6.99 15.32 21.48
CA ASP C 154 8.16 14.77 22.17
C ASP C 154 7.95 13.33 22.67
N SER C 155 6.70 12.89 22.74
CA SER C 155 6.37 11.51 23.13
C SER C 155 5.04 11.03 22.56
N TYR C 156 4.91 9.71 22.48
CA TYR C 156 3.68 9.03 22.10
C TYR C 156 2.53 9.35 23.06
N ALA C 157 2.82 9.37 24.37
CA ALA C 157 1.85 9.70 25.40
C ALA C 157 1.28 11.12 25.25
N GLU C 158 2.17 12.09 25.00
CA GLU C 158 1.75 13.49 24.82
C GLU C 158 0.98 13.68 23.52
N SER C 159 1.49 13.12 22.43
CA SER C 159 0.82 13.16 21.13
C SER C 159 -0.64 12.71 21.25
N PHE C 160 -0.87 11.69 22.08
CA PHE C 160 -2.21 11.19 22.32
C PHE C 160 -3.05 12.16 23.15
N LEU C 161 -2.53 12.55 24.30
CA LEU C 161 -3.25 13.44 25.23
C LEU C 161 -3.63 14.77 24.61
N ASN C 162 -2.72 15.35 23.81
CA ASN C 162 -2.96 16.63 23.14
C ASN C 162 -4.14 16.59 22.16
N ALA C 163 -4.18 15.54 21.35
CA ALA C 163 -5.23 15.36 20.36
C ALA C 163 -6.60 15.04 20.98
N ALA C 164 -6.57 14.25 22.05
CA ALA C 164 -7.80 13.81 22.74
C ALA C 164 -8.54 14.96 23.42
N PHE C 165 -7.82 15.72 24.24
CA PHE C 165 -8.42 16.80 25.02
C PHE C 165 -8.52 18.13 24.25
N GLY C 166 -7.71 18.28 23.21
CA GLY C 166 -7.71 19.49 22.39
C GLY C 166 -6.83 20.61 22.93
N ARG C 167 -6.28 20.38 24.13
CA ARG C 167 -5.35 21.33 24.75
C ARG C 167 -4.01 20.65 24.99
N LYS C 168 -3.01 21.42 25.41
CA LYS C 168 -1.67 20.91 25.67
C LYS C 168 -1.59 20.32 27.08
N ALA C 169 -1.22 19.05 27.15
CA ALA C 169 -1.17 18.31 28.42
C ALA C 169 0.05 18.70 29.25
N THR C 170 -0.10 18.67 30.58
CA THR C 170 1.01 18.93 31.50
C THR C 170 1.90 17.70 31.58
N LYS C 171 3.16 17.90 31.99
CA LYS C 171 4.11 16.78 32.07
C LYS C 171 3.73 15.77 33.16
N GLU C 172 2.96 16.22 34.15
CA GLU C 172 2.42 15.34 35.19
C GLU C 172 1.43 14.34 34.55
N GLU C 173 0.56 14.87 33.70
CA GLU C 173 -0.41 14.08 32.95
C GLU C 173 0.29 13.16 31.95
N ILE C 174 1.26 13.72 31.22
CA ILE C 174 2.04 12.97 30.22
C ILE C 174 2.72 11.76 30.84
N ASP C 175 3.45 11.96 31.95
CA ASP C 175 4.16 10.88 32.62
C ASP C 175 3.21 9.78 33.12
N ALA C 176 2.07 10.20 33.67
CA ALA C 176 1.05 9.28 34.17
C ALA C 176 0.46 8.42 33.05
N MET C 177 0.19 9.05 31.90
CA MET C 177 -0.29 8.33 30.72
C MET C 177 0.77 7.39 30.16
N ASN C 178 2.03 7.82 30.24
CA ASN C 178 3.17 7.02 29.81
C ASN C 178 3.33 5.74 30.62
N THR C 179 3.13 5.86 31.95
CA THR C 179 3.16 4.71 32.85
C THR C 179 1.98 3.78 32.58
N ALA C 180 0.79 4.37 32.39
CA ALA C 180 -0.41 3.64 32.03
C ALA C 180 -0.24 2.81 30.74
N LEU C 181 0.47 3.37 29.76
CA LEU C 181 0.76 2.66 28.51
C LEU C 181 1.73 1.49 28.70
N ILE C 182 2.74 1.68 29.53
CA ILE C 182 3.69 0.62 29.84
C ILE C 182 3.02 -0.51 30.65
N LEU C 183 2.28 -0.14 31.69
CA LEU C 183 1.66 -1.12 32.59
C LEU C 183 0.70 -2.07 31.88
N TYR C 184 -0.05 -1.55 30.91
CA TYR C 184 -1.05 -2.33 30.19
C TYR C 184 -0.54 -2.97 28.90
N THR C 185 0.76 -2.81 28.62
CA THR C 185 1.35 -3.28 27.36
C THR C 185 1.02 -4.74 27.04
N ASP C 186 1.24 -5.62 28.01
CA ASP C 186 1.05 -7.05 27.79
C ASP C 186 0.85 -7.82 29.09
N HIS C 187 0.23 -8.99 28.99
CA HIS C 187 0.13 -9.90 30.11
C HIS C 187 0.04 -11.37 29.67
N GLU C 188 0.93 -11.74 28.76
CA GLU C 188 1.04 -13.11 28.24
C GLU C 188 -0.14 -13.47 27.33
N VAL C 189 -0.95 -14.46 27.75
CA VAL C 189 -2.11 -14.88 26.97
C VAL C 189 -3.46 -14.78 27.72
N PRO C 190 -3.88 -13.55 28.07
CA PRO C 190 -5.21 -13.38 28.66
C PRO C 190 -6.31 -13.67 27.65
N ALA C 191 -7.55 -13.48 28.04
CA ALA C 191 -8.69 -13.74 27.17
C ALA C 191 -8.59 -12.97 25.85
N SER C 192 -8.28 -11.68 25.92
CA SER C 192 -8.18 -10.86 24.71
C SER C 192 -7.14 -11.41 23.75
N THR C 193 -5.92 -11.62 24.24
CA THR C 193 -4.82 -12.14 23.43
C THR C 193 -5.11 -13.54 22.88
N THR C 194 -5.76 -14.38 23.69
CA THR C 194 -6.16 -15.71 23.26
C THR C 194 -7.20 -15.63 22.14
N ALA C 195 -8.20 -14.77 22.30
CA ALA C 195 -9.21 -14.55 21.26
C ALA C 195 -8.53 -14.15 19.95
N GLY C 196 -7.57 -13.24 20.05
CA GLY C 196 -6.82 -12.76 18.89
C GLY C 196 -5.91 -13.80 18.28
N LEU C 197 -5.31 -14.65 19.12
CA LEU C 197 -4.47 -15.75 18.66
C LEU C 197 -5.26 -16.79 17.86
N VAL C 198 -6.44 -17.13 18.35
CA VAL C 198 -7.31 -18.09 17.67
C VAL C 198 -7.61 -17.61 16.25
N ALA C 199 -7.92 -16.32 16.12
CA ALA C 199 -8.20 -15.69 14.82
C ALA C 199 -7.05 -15.82 13.84
N VAL C 200 -5.85 -15.42 14.25
CA VAL C 200 -4.69 -15.40 13.37
C VAL C 200 -4.11 -16.80 13.11
N SER C 201 -4.49 -17.78 13.93
CA SER C 201 -4.08 -19.17 13.73
C SER C 201 -4.71 -19.77 12.47
N THR C 202 -5.75 -19.11 11.97
CA THR C 202 -6.36 -19.48 10.68
C THR C 202 -5.63 -18.81 9.53
N LEU C 203 -4.58 -18.05 9.87
CA LEU C 203 -3.83 -17.21 8.92
C LEU C 203 -4.65 -16.01 8.44
N SER C 204 -5.60 -15.60 9.27
CA SER C 204 -6.30 -14.33 9.09
C SER C 204 -5.33 -13.18 9.35
N ASP C 205 -5.75 -11.96 9.05
CA ASP C 205 -4.87 -10.81 9.15
C ASP C 205 -4.71 -10.27 10.58
N MET C 206 -3.69 -9.45 10.79
CA MET C 206 -3.38 -8.82 12.08
C MET C 206 -4.56 -8.03 12.62
N TYR C 207 -5.19 -7.25 11.74
CA TYR C 207 -6.27 -6.34 12.13
C TYR C 207 -7.50 -7.10 12.63
N SER C 208 -7.81 -8.22 12.00
CA SER C 208 -8.88 -9.10 12.46
C SER C 208 -8.55 -9.73 13.80
N GLY C 209 -7.26 -10.00 14.02
CA GLY C 209 -6.78 -10.49 15.30
C GLY C 209 -7.01 -9.50 16.43
N ILE C 210 -6.70 -8.23 16.15
CA ILE C 210 -6.94 -7.14 17.10
C ILE C 210 -8.44 -6.96 17.35
N THR C 211 -9.22 -7.09 16.27
CA THR C 211 -10.67 -6.99 16.33
C THR C 211 -11.29 -8.04 17.28
N ALA C 212 -10.85 -9.29 17.15
CA ALA C 212 -11.30 -10.37 18.01
C ALA C 212 -10.83 -10.16 19.44
N ALA C 213 -9.61 -9.65 19.58
CA ALA C 213 -9.03 -9.33 20.89
C ALA C 213 -9.82 -8.25 21.60
N LEU C 214 -10.28 -7.25 20.85
CA LEU C 214 -11.11 -6.17 21.38
C LEU C 214 -12.46 -6.69 21.88
N ALA C 215 -13.03 -7.66 21.16
CA ALA C 215 -14.30 -8.27 21.49
C ALA C 215 -14.27 -8.98 22.83
N ALA C 216 -13.10 -9.52 23.18
CA ALA C 216 -12.90 -10.17 24.47
C ALA C 216 -12.66 -9.15 25.60
N LEU C 217 -11.75 -8.20 25.35
CA LEU C 217 -11.35 -7.21 26.35
C LEU C 217 -12.52 -6.40 26.91
N LYS C 218 -13.51 -6.16 26.06
CA LYS C 218 -14.73 -5.45 26.41
C LYS C 218 -15.41 -6.02 27.66
N GLY C 219 -15.46 -7.34 27.77
CA GLY C 219 -16.17 -8.03 28.84
C GLY C 219 -15.74 -7.64 30.25
N PRO C 220 -16.71 -7.51 31.17
CA PRO C 220 -16.48 -7.07 32.55
C PRO C 220 -15.48 -7.93 33.33
N LEU C 221 -15.38 -9.21 32.99
CA LEU C 221 -14.43 -10.11 33.64
C LEU C 221 -12.98 -9.86 33.20
N HIS C 222 -12.83 -9.20 32.06
CA HIS C 222 -11.51 -8.87 31.51
C HIS C 222 -11.30 -7.37 31.62
N GLY C 223 -11.11 -6.70 30.49
CA GLY C 223 -10.80 -5.27 30.45
C GLY C 223 -11.93 -4.37 30.92
N GLY C 224 -13.17 -4.85 30.82
CA GLY C 224 -14.36 -4.13 31.28
C GLY C 224 -14.37 -3.81 32.77
N ALA C 225 -13.49 -4.46 33.53
CA ALA C 225 -13.31 -4.19 34.95
C ALA C 225 -12.67 -2.82 35.21
N ALA C 226 -12.00 -2.26 34.19
CA ALA C 226 -11.35 -0.96 34.29
C ALA C 226 -12.36 0.15 34.57
N GLU C 227 -13.59 0.00 34.05
CA GLU C 227 -14.68 0.91 34.37
C GLU C 227 -15.53 0.38 35.53
N ALA C 228 -15.85 -0.92 35.51
CA ALA C 228 -16.74 -1.52 36.51
C ALA C 228 -16.18 -1.53 37.94
N ALA C 229 -14.87 -1.47 38.07
CA ALA C 229 -14.24 -1.37 39.39
C ALA C 229 -14.50 -0.01 40.00
N ILE C 230 -14.15 1.05 39.28
CA ILE C 230 -14.37 2.41 39.73
C ILE C 230 -15.86 2.75 39.84
N ALA C 231 -16.68 2.10 39.02
CA ALA C 231 -18.14 2.23 39.08
C ALA C 231 -18.70 1.85 40.45
N GLN C 232 -18.07 0.87 41.12
CA GLN C 232 -18.44 0.50 42.48
C GLN C 232 -18.21 1.65 43.45
N PHE C 233 -17.06 2.32 43.31
CA PHE C 233 -16.66 3.41 44.22
C PHE C 233 -17.59 4.60 44.07
N ASP C 234 -17.91 4.90 42.82
CA ASP C 234 -18.83 5.97 42.46
C ASP C 234 -20.24 5.67 42.99
N GLU C 235 -20.58 4.39 43.02
CA GLU C 235 -21.89 3.92 43.49
C GLU C 235 -22.03 4.07 45.00
N ILE C 236 -20.94 3.80 45.72
CA ILE C 236 -20.94 3.81 47.20
C ILE C 236 -21.23 5.21 47.76
N LYS C 237 -20.76 6.25 47.07
CA LYS C 237 -21.01 7.66 47.41
C LYS C 237 -20.32 8.20 48.68
N ASP C 238 -20.62 7.61 49.83
CA ASP C 238 -20.03 8.04 51.10
C ASP C 238 -19.12 6.96 51.68
N PRO C 239 -17.91 7.35 52.17
CA PRO C 239 -16.93 6.39 52.71
C PRO C 239 -17.43 5.55 53.88
N ALA C 240 -18.32 6.10 54.71
CA ALA C 240 -18.83 5.39 55.89
C ALA C 240 -19.78 4.24 55.53
N MET C 241 -20.21 4.22 54.26
CA MET C 241 -21.14 3.20 53.76
C MET C 241 -20.43 1.95 53.21
N VAL C 242 -19.10 2.00 53.14
CA VAL C 242 -18.31 0.94 52.49
C VAL C 242 -18.54 -0.46 53.05
N GLU C 243 -18.50 -0.60 54.37
CA GLU C 243 -18.83 -1.88 55.04
C GLU C 243 -20.17 -2.41 54.55
N LYS C 244 -21.21 -1.59 54.70
CA LYS C 244 -22.58 -1.94 54.34
C LYS C 244 -22.68 -2.41 52.89
N TRP C 245 -22.15 -1.59 51.96
CA TRP C 245 -22.18 -1.90 50.54
C TRP C 245 -21.53 -3.25 50.25
N PHE C 246 -20.36 -3.47 50.85
CA PHE C 246 -19.60 -4.70 50.70
C PHE C 246 -20.38 -5.92 51.18
N ASN C 247 -21.01 -5.80 52.35
CA ASN C 247 -21.78 -6.90 52.92
C ASN C 247 -23.09 -7.19 52.18
N ASP C 248 -23.64 -6.16 51.55
CA ASP C 248 -24.90 -6.29 50.81
C ASP C 248 -24.72 -6.74 49.36
N ASN C 249 -23.54 -6.46 48.81
CA ASN C 249 -23.29 -6.73 47.39
C ASN C 249 -22.34 -7.89 47.11
N ILE C 250 -21.37 -8.10 48.00
CA ILE C 250 -20.31 -9.07 47.77
C ILE C 250 -20.38 -10.30 48.68
N ILE C 251 -20.50 -10.09 49.99
CA ILE C 251 -20.40 -11.19 50.96
C ILE C 251 -21.50 -12.25 50.87
N ASN C 252 -22.73 -11.83 50.56
CA ASN C 252 -23.81 -12.80 50.25
C ASN C 252 -23.52 -13.54 48.95
N GLY C 253 -22.97 -12.81 47.98
CA GLY C 253 -22.61 -13.37 46.68
C GLY C 253 -23.53 -12.87 45.59
N LYS C 254 -24.11 -11.68 45.80
CA LYS C 254 -24.98 -11.07 44.81
C LYS C 254 -24.16 -10.89 43.52
N LYS C 255 -23.06 -10.15 43.62
CA LYS C 255 -22.11 -9.99 42.51
C LYS C 255 -20.65 -10.01 42.95
N ARG C 256 -19.74 -10.07 41.99
CA ARG C 256 -18.30 -10.17 42.28
C ARG C 256 -17.64 -8.83 42.60
N LEU C 257 -16.49 -8.90 43.25
CA LEU C 257 -15.71 -7.71 43.57
C LEU C 257 -14.81 -7.36 42.39
N MET C 258 -15.19 -6.30 41.67
CA MET C 258 -14.47 -5.89 40.46
C MET C 258 -13.18 -5.19 40.81
N GLY C 259 -12.13 -5.49 40.06
CA GLY C 259 -10.79 -5.01 40.37
C GLY C 259 -10.06 -5.95 41.32
N PHE C 260 -10.75 -7.02 41.73
CA PHE C 260 -10.16 -8.07 42.56
C PHE C 260 -10.12 -9.41 41.83
N GLY C 261 -9.08 -10.18 42.10
CA GLY C 261 -8.97 -11.53 41.56
C GLY C 261 -8.28 -11.59 40.22
N HIS C 262 -7.70 -12.76 39.93
CA HIS C 262 -6.93 -12.99 38.73
C HIS C 262 -6.78 -14.48 38.48
N ARG C 263 -6.70 -14.87 37.21
CA ARG C 263 -6.50 -16.27 36.85
C ARG C 263 -5.09 -16.76 37.22
N VAL C 264 -4.12 -15.86 37.14
CA VAL C 264 -2.73 -16.21 37.45
C VAL C 264 -2.32 -15.73 38.85
N TYR C 265 -2.39 -14.42 39.08
CA TYR C 265 -2.00 -13.83 40.36
C TYR C 265 -2.82 -14.35 41.54
N LYS C 266 -2.15 -15.14 42.39
CA LYS C 266 -2.71 -15.52 43.68
C LYS C 266 -2.19 -14.59 44.79
N THR C 267 -1.75 -13.41 44.36
CA THR C 267 -1.30 -12.35 45.27
C THR C 267 -1.48 -10.97 44.62
N TYR C 268 -1.16 -9.91 45.37
CA TYR C 268 -1.26 -8.52 44.90
C TYR C 268 -0.61 -8.30 43.54
N ASP C 269 -1.40 -7.83 42.57
CA ASP C 269 -0.92 -7.50 41.23
C ASP C 269 0.14 -6.39 41.31
N PRO C 270 1.35 -6.63 40.75
CA PRO C 270 2.40 -5.61 40.74
C PRO C 270 2.02 -4.32 40.01
N ARG C 271 1.24 -4.44 38.94
CA ARG C 271 0.73 -3.27 38.22
C ARG C 271 -0.21 -2.46 39.08
N ALA C 272 -0.98 -3.16 39.92
CA ALA C 272 -1.88 -2.53 40.89
C ALA C 272 -1.14 -1.68 41.92
N LYS C 273 0.05 -2.14 42.34
CA LYS C 273 0.88 -1.37 43.27
C LYS C 273 1.22 -0.01 42.66
N ILE C 274 1.70 -0.03 41.42
CA ILE C 274 2.12 1.18 40.72
C ILE C 274 0.93 2.09 40.40
N PHE C 275 -0.16 1.49 39.91
CA PHE C 275 -1.39 2.24 39.64
C PHE C 275 -1.93 2.97 40.88
N LYS C 276 -1.81 2.33 42.05
CA LYS C 276 -2.29 2.91 43.32
C LYS C 276 -1.51 4.16 43.71
N GLY C 277 -0.18 4.06 43.66
CA GLY C 277 0.70 5.18 44.00
C GLY C 277 0.38 6.43 43.20
N ILE C 278 0.25 6.26 41.89
CA ILE C 278 -0.13 7.34 40.98
C ILE C 278 -1.53 7.87 41.27
N ALA C 279 -2.49 6.96 41.46
CA ALA C 279 -3.86 7.32 41.81
C ALA C 279 -3.91 8.21 43.06
N GLU C 280 -3.15 7.82 44.07
CA GLU C 280 -3.03 8.58 45.32
C GLU C 280 -2.47 9.98 45.04
N LYS C 281 -1.34 10.03 44.34
CA LYS C 281 -0.63 11.27 44.07
C LYS C 281 -1.41 12.25 43.19
N LEU C 282 -2.24 11.73 42.29
CA LEU C 282 -2.98 12.57 41.36
C LEU C 282 -4.38 12.95 41.84
N SER C 283 -5.08 12.01 42.50
CA SER C 283 -6.44 12.25 42.98
C SER C 283 -6.49 13.29 44.11
N SER C 284 -5.42 13.33 44.91
CA SER C 284 -5.34 14.28 46.03
C SER C 284 -5.33 15.75 45.59
N LYS C 285 -5.02 16.00 44.32
CA LYS C 285 -5.01 17.35 43.76
C LYS C 285 -6.41 17.81 43.36
N LYS C 286 -7.34 16.87 43.26
CA LYS C 286 -8.74 17.16 42.94
C LYS C 286 -9.65 16.49 43.97
N PRO C 287 -10.15 17.27 44.94
CA PRO C 287 -10.85 16.73 46.13
C PRO C 287 -11.98 15.74 45.81
N GLU C 288 -12.72 16.00 44.74
CA GLU C 288 -13.83 15.13 44.32
C GLU C 288 -13.36 13.77 43.81
N VAL C 289 -12.19 13.74 43.16
CA VAL C 289 -11.59 12.50 42.68
C VAL C 289 -10.94 11.75 43.85
N HIS C 290 -10.37 12.51 44.79
CA HIS C 290 -9.73 11.92 45.97
C HIS C 290 -10.73 11.18 46.85
N LYS C 291 -11.97 11.65 46.85
CA LYS C 291 -13.07 10.99 47.55
C LYS C 291 -13.30 9.59 47.00
N VAL C 292 -13.20 9.46 45.67
CA VAL C 292 -13.30 8.17 44.99
C VAL C 292 -12.14 7.26 45.42
N TYR C 293 -10.94 7.84 45.54
CA TYR C 293 -9.76 7.09 45.97
C TYR C 293 -9.89 6.56 47.40
N GLU C 294 -10.47 7.37 48.29
CA GLU C 294 -10.58 7.01 49.69
C GLU C 294 -11.65 5.93 49.93
N ILE C 295 -12.65 5.89 49.06
CA ILE C 295 -13.62 4.79 49.07
C ILE C 295 -12.91 3.51 48.61
N ALA C 296 -12.10 3.64 47.56
CA ALA C 296 -11.35 2.52 46.99
C ALA C 296 -10.44 1.82 47.99
N THR C 297 -9.63 2.59 48.71
CA THR C 297 -8.70 2.04 49.71
C THR C 297 -9.41 1.39 50.90
N LYS C 298 -10.57 1.95 51.26
CA LYS C 298 -11.36 1.41 52.35
C LYS C 298 -11.95 0.06 51.97
N LEU C 299 -12.48 -0.03 50.75
CA LEU C 299 -13.03 -1.27 50.21
C LEU C 299 -11.92 -2.30 49.95
N GLU C 300 -10.75 -1.82 49.54
CA GLU C 300 -9.61 -2.69 49.30
C GLU C 300 -9.24 -3.46 50.55
N ASP C 301 -9.30 -2.76 51.69
CA ASP C 301 -8.97 -3.35 52.98
C ASP C 301 -9.93 -4.47 53.38
N PHE C 302 -11.23 -4.22 53.20
CA PHE C 302 -12.27 -5.21 53.46
C PHE C 302 -12.20 -6.39 52.49
N GLY C 303 -11.76 -6.13 51.26
CA GLY C 303 -11.54 -7.16 50.25
C GLY C 303 -10.38 -8.08 50.58
N ILE C 304 -9.23 -7.49 50.90
CA ILE C 304 -8.02 -8.24 51.25
C ILE C 304 -8.21 -9.14 52.47
N LYS C 305 -8.97 -8.66 53.46
CA LYS C 305 -9.33 -9.48 54.63
C LYS C 305 -10.19 -10.67 54.22
N ALA C 306 -11.18 -10.41 53.36
CA ALA C 306 -12.17 -11.42 52.99
C ALA C 306 -11.64 -12.47 52.02
N PHE C 307 -10.87 -12.04 51.02
CA PHE C 307 -10.51 -12.91 49.89
C PHE C 307 -9.03 -13.29 49.79
N GLY C 308 -8.19 -12.68 50.61
CA GLY C 308 -6.75 -13.00 50.64
C GLY C 308 -6.43 -14.44 51.00
N SER C 309 -7.32 -15.06 51.77
CA SER C 309 -7.22 -16.48 52.10
C SER C 309 -7.47 -17.37 50.88
N LYS C 310 -8.21 -16.84 49.91
CA LYS C 310 -8.54 -17.56 48.68
C LYS C 310 -7.63 -17.14 47.50
N GLY C 311 -6.65 -16.28 47.79
CA GLY C 311 -5.72 -15.80 46.77
C GLY C 311 -6.32 -14.79 45.82
N ILE C 312 -7.41 -14.14 46.26
CA ILE C 312 -8.07 -13.10 45.48
C ILE C 312 -7.63 -11.73 46.01
N TYR C 313 -6.89 -11.00 45.18
CA TYR C 313 -6.27 -9.74 45.56
C TYR C 313 -6.56 -8.65 44.52
N PRO C 314 -6.33 -7.37 44.85
CA PRO C 314 -6.56 -6.30 43.87
C PRO C 314 -5.76 -6.54 42.59
N ASN C 315 -6.43 -6.47 41.45
CA ASN C 315 -5.75 -6.59 40.17
C ASN C 315 -5.46 -5.23 39.53
N THR C 316 -4.96 -5.25 38.30
CA THR C 316 -4.53 -4.04 37.61
C THR C 316 -5.66 -3.04 37.34
N ASP C 317 -6.91 -3.52 37.34
CA ASP C 317 -8.06 -2.69 37.01
C ASP C 317 -8.68 -1.96 38.20
N TYR C 318 -8.20 -2.22 39.41
CA TYR C 318 -8.76 -1.63 40.62
C TYR C 318 -8.52 -0.11 40.75
N PHE C 319 -7.29 0.33 40.47
CA PHE C 319 -6.92 1.74 40.65
C PHE C 319 -6.78 2.53 39.34
N SER C 320 -6.69 1.83 38.22
CA SER C 320 -6.38 2.45 36.92
C SER C 320 -7.43 3.47 36.45
N GLY C 321 -8.69 3.21 36.77
CA GLY C 321 -9.77 4.15 36.48
C GLY C 321 -9.59 5.50 37.15
N ILE C 322 -9.18 5.48 38.42
CA ILE C 322 -8.91 6.71 39.19
C ILE C 322 -7.81 7.56 38.55
N VAL C 323 -6.76 6.89 38.05
CA VAL C 323 -5.66 7.52 37.32
C VAL C 323 -6.16 8.24 36.06
N TYR C 324 -6.99 7.56 35.27
CA TYR C 324 -7.55 8.14 34.05
C TYR C 324 -8.53 9.27 34.35
N MET C 325 -9.18 9.20 35.51
CA MET C 325 -10.08 10.26 35.96
C MET C 325 -9.28 11.50 36.35
N SER C 326 -8.12 11.28 36.96
CA SER C 326 -7.24 12.35 37.39
C SER C 326 -6.58 13.05 36.21
N ILE C 327 -6.29 12.28 35.16
CA ILE C 327 -5.75 12.82 33.92
C ILE C 327 -6.82 13.66 33.21
N GLY C 328 -8.07 13.21 33.27
CA GLY C 328 -9.19 13.98 32.73
C GLY C 328 -10.29 13.20 32.01
N PHE C 329 -10.08 11.89 31.83
CA PHE C 329 -11.07 11.05 31.16
C PHE C 329 -12.24 10.72 32.08
N PRO C 330 -13.49 10.90 31.58
CA PRO C 330 -14.70 10.73 32.39
C PRO C 330 -15.12 9.28 32.59
N LEU C 331 -15.90 9.02 33.64
CA LEU C 331 -16.43 7.69 33.92
C LEU C 331 -17.73 7.44 33.14
N ARG C 332 -17.57 6.96 31.90
CA ARG C 332 -18.70 6.77 30.98
C ARG C 332 -18.25 6.03 29.72
N ASN C 333 -19.22 5.42 29.03
CA ASN C 333 -19.01 4.80 27.71
C ASN C 333 -17.91 3.76 27.62
N ASN C 334 -17.36 3.35 28.76
CA ASN C 334 -16.29 2.36 28.85
C ASN C 334 -14.94 2.86 28.32
N ILE C 335 -14.73 4.18 28.42
CA ILE C 335 -13.51 4.84 27.94
C ILE C 335 -12.23 4.26 28.56
N TYR C 336 -12.27 3.95 29.85
CA TYR C 336 -11.08 3.42 30.56
C TYR C 336 -10.56 2.12 29.95
N THR C 337 -11.47 1.27 29.52
CA THR C 337 -11.12 0.01 28.86
C THR C 337 -10.59 0.27 27.44
N ALA C 338 -11.04 1.35 26.82
CA ALA C 338 -10.54 1.77 25.51
C ALA C 338 -9.09 2.27 25.62
N LEU C 339 -8.76 2.81 26.80
CA LEU C 339 -7.40 3.26 27.11
C LEU C 339 -6.49 2.08 27.43
N PHE C 340 -7.10 1.05 28.03
CA PHE C 340 -6.48 -0.27 28.19
C PHE C 340 -6.12 -0.79 26.80
N ALA C 341 -7.10 -0.79 25.90
CA ALA C 341 -6.93 -1.32 24.55
C ALA C 341 -5.86 -0.56 23.76
N LEU C 342 -5.82 0.75 23.94
CA LEU C 342 -4.78 1.61 23.38
C LEU C 342 -3.38 1.05 23.65
N SER C 343 -3.11 0.74 24.91
CA SER C 343 -1.80 0.23 25.33
C SER C 343 -1.54 -1.23 24.93
N ARG C 344 -2.58 -2.07 25.02
CA ARG C 344 -2.45 -3.53 24.84
C ARG C 344 -2.31 -3.96 23.36
N VAL C 345 -2.62 -3.06 22.44
CA VAL C 345 -2.49 -3.37 21.01
C VAL C 345 -1.05 -3.75 20.61
N THR C 346 -0.09 -3.19 21.33
CA THR C 346 1.32 -3.54 21.17
C THR C 346 1.56 -5.00 21.60
N GLY C 347 1.00 -5.37 22.73
CA GLY C 347 1.11 -6.74 23.24
C GLY C 347 0.43 -7.77 22.35
N TRP C 348 -0.77 -7.42 21.88
CA TRP C 348 -1.54 -8.31 21.00
C TRP C 348 -0.75 -8.66 19.75
N GLN C 349 -0.39 -7.62 19.00
CA GLN C 349 0.33 -7.78 17.73
C GLN C 349 1.60 -8.60 17.90
N ALA C 350 2.36 -8.29 18.94
CA ALA C 350 3.61 -8.98 19.23
C ALA C 350 3.39 -10.48 19.38
N HIS C 351 2.32 -10.87 20.06
CA HIS C 351 1.98 -12.28 20.24
C HIS C 351 1.51 -12.94 18.95
N PHE C 352 0.83 -12.17 18.09
CA PHE C 352 0.38 -12.69 16.81
C PHE C 352 1.57 -12.99 15.89
N ILE C 353 2.49 -12.03 15.81
CA ILE C 353 3.72 -12.20 15.01
C ILE C 353 4.51 -13.43 15.46
N GLU C 354 4.69 -13.56 16.77
CA GLU C 354 5.47 -14.66 17.35
C GLU C 354 4.83 -16.02 17.08
N TYR C 355 3.50 -16.04 17.00
CA TYR C 355 2.77 -17.28 16.76
C TYR C 355 2.83 -17.71 15.29
N VAL C 356 2.45 -16.80 14.39
CA VAL C 356 2.36 -17.09 12.95
C VAL C 356 3.74 -17.37 12.31
N GLU C 357 4.74 -16.57 12.70
CA GLU C 357 6.08 -16.66 12.14
C GLU C 357 6.85 -17.92 12.57
N GLU C 358 6.75 -18.27 13.85
CA GLU C 358 7.61 -19.32 14.43
C GLU C 358 6.94 -20.58 14.99
N GLN C 359 5.61 -20.57 15.16
CA GLN C 359 4.91 -21.72 15.75
C GLN C 359 3.46 -21.90 15.26
N GLN C 360 3.22 -21.60 13.98
CA GLN C 360 1.87 -21.59 13.42
C GLN C 360 1.18 -22.97 13.40
N ARG C 361 -0.07 -22.97 13.84
CA ARG C 361 -1.00 -24.09 13.67
C ARG C 361 -2.41 -23.63 14.02
N LEU C 362 -3.39 -24.10 13.27
CA LEU C 362 -4.80 -23.77 13.52
C LEU C 362 -5.16 -24.11 14.95
N ILE C 363 -5.80 -23.18 15.64
CA ILE C 363 -6.31 -23.46 16.97
C ILE C 363 -7.74 -23.99 16.84
N ARG C 364 -7.89 -25.29 17.11
CA ARG C 364 -9.16 -25.98 16.93
C ARG C 364 -9.31 -27.08 17.99
N PRO C 365 -9.99 -26.77 19.10
CA PRO C 365 -10.15 -27.73 20.19
C PRO C 365 -11.31 -28.69 19.95
N ARG C 366 -11.78 -29.34 21.01
CA ARG C 366 -12.93 -30.24 20.94
C ARG C 366 -13.95 -29.92 22.03
N ALA C 367 -15.09 -30.59 21.97
CA ALA C 367 -16.07 -30.54 23.05
C ALA C 367 -16.53 -31.95 23.38
N VAL C 368 -16.91 -32.17 24.63
CA VAL C 368 -17.50 -33.44 25.05
C VAL C 368 -18.98 -33.39 24.71
N TYR C 369 -19.45 -34.31 23.88
CA TYR C 369 -20.86 -34.33 23.50
C TYR C 369 -21.72 -34.96 24.60
N VAL C 370 -22.79 -34.27 24.96
CA VAL C 370 -23.63 -34.68 26.08
C VAL C 370 -25.13 -34.56 25.73
N GLY C 371 -25.42 -34.32 24.45
CA GLY C 371 -26.80 -34.16 23.97
C GLY C 371 -27.46 -35.45 23.52
N PRO C 372 -28.62 -35.32 22.82
CA PRO C 372 -29.44 -36.46 22.38
C PRO C 372 -28.68 -37.48 21.53
N ALA C 373 -28.98 -38.76 21.76
CA ALA C 373 -28.41 -39.85 20.98
C ALA C 373 -28.95 -39.82 19.54
N GLU C 374 -28.42 -40.71 18.71
CA GLU C 374 -28.83 -40.87 17.32
C GLU C 374 -30.34 -41.13 17.19
N ARG C 375 -31.04 -40.24 16.50
CA ARG C 375 -32.49 -40.34 16.32
C ARG C 375 -32.94 -39.95 14.91
N LYS C 376 -34.03 -40.58 14.45
CA LYS C 376 -34.53 -40.34 13.10
C LYS C 376 -35.25 -39.00 13.04
N TYR C 377 -35.10 -38.31 11.91
CA TYR C 377 -35.77 -37.03 11.70
C TYR C 377 -37.25 -37.25 11.43
N VAL C 378 -38.08 -36.51 12.15
CA VAL C 378 -39.52 -36.57 12.00
C VAL C 378 -39.99 -35.35 11.21
N PRO C 379 -40.70 -35.58 10.08
CA PRO C 379 -41.28 -34.49 9.28
C PRO C 379 -42.18 -33.59 10.11
N ILE C 380 -42.17 -32.29 9.82
CA ILE C 380 -42.86 -31.28 10.65
C ILE C 380 -44.35 -31.56 10.93
N ALA C 381 -44.96 -32.42 10.11
CA ALA C 381 -46.39 -32.69 10.21
C ALA C 381 -46.79 -33.58 11.40
N GLU C 382 -45.83 -34.14 12.12
CA GLU C 382 -46.14 -35.21 13.09
C GLU C 382 -45.21 -35.51 14.31
N ARG C 383 -44.76 -34.55 15.13
CA ARG C 383 -44.92 -33.08 15.06
C ARG C 383 -46.27 -32.54 14.62
N GLU D 5 4.84 -29.80 26.94
CA GLU D 5 3.68 -29.38 27.77
C GLU D 5 2.71 -28.45 27.02
N ILE D 6 3.06 -28.10 25.79
CA ILE D 6 2.23 -27.24 24.94
C ILE D 6 1.20 -28.06 24.15
N SER D 7 -0.06 -27.63 24.22
CA SER D 7 -1.12 -28.18 23.38
C SER D 7 -1.15 -27.44 22.06
N LYS D 8 -0.37 -27.92 21.09
CA LYS D 8 -0.29 -27.27 19.77
C LYS D 8 -1.65 -27.32 19.07
N GLY D 9 -2.15 -26.14 18.71
CA GLY D 9 -3.46 -25.98 18.10
C GLY D 9 -4.64 -26.40 18.97
N LEU D 10 -4.38 -26.56 20.27
CA LEU D 10 -5.34 -27.08 21.25
C LEU D 10 -5.94 -28.44 20.87
N GLU D 11 -5.19 -29.23 20.12
CA GLU D 11 -5.68 -30.52 19.63
C GLU D 11 -6.11 -31.42 20.78
N ASP D 12 -7.32 -31.94 20.68
CA ASP D 12 -7.91 -32.85 21.69
C ASP D 12 -8.20 -32.22 23.06
N VAL D 13 -8.07 -30.90 23.17
CA VAL D 13 -8.39 -30.20 24.40
C VAL D 13 -9.88 -29.89 24.44
N ASN D 14 -10.55 -30.31 25.51
CA ASN D 14 -11.97 -30.03 25.69
C ASN D 14 -12.22 -28.68 26.33
N ILE D 15 -12.87 -27.79 25.57
CA ILE D 15 -13.12 -26.43 26.02
C ILE D 15 -14.49 -26.27 26.68
N LYS D 16 -15.41 -27.17 26.35
CA LYS D 16 -16.78 -27.15 26.87
C LYS D 16 -17.46 -28.50 26.68
N TRP D 17 -18.67 -28.63 27.20
CA TRP D 17 -19.58 -29.71 26.79
C TRP D 17 -20.65 -29.12 25.88
N THR D 18 -21.26 -29.95 25.05
CA THR D 18 -22.33 -29.46 24.17
C THR D 18 -23.42 -30.50 23.92
N ARG D 19 -24.61 -30.01 23.60
CA ARG D 19 -25.74 -30.84 23.25
C ARG D 19 -26.08 -30.64 21.78
N LEU D 20 -25.39 -29.70 21.14
CA LEU D 20 -25.78 -29.17 19.83
C LEU D 20 -25.34 -30.02 18.64
N THR D 21 -24.08 -30.46 18.68
CA THR D 21 -23.44 -31.06 17.51
C THR D 21 -22.52 -32.17 17.96
N THR D 22 -22.54 -33.28 17.22
CA THR D 22 -21.55 -34.33 17.41
C THR D 22 -20.84 -34.65 16.10
N ILE D 23 -19.55 -34.96 16.18
CA ILE D 23 -18.75 -35.28 15.00
C ILE D 23 -17.97 -36.56 15.24
N ASP D 24 -18.09 -37.52 14.33
CA ASP D 24 -17.18 -38.65 14.31
C ASP D 24 -16.20 -38.48 13.14
N GLY D 25 -14.94 -38.23 13.48
CA GLY D 25 -13.89 -37.98 12.49
C GLY D 25 -13.48 -39.18 11.68
N ASN D 26 -13.63 -40.37 12.25
CA ASN D 26 -13.22 -41.61 11.61
C ASN D 26 -14.25 -42.20 10.63
N LYS D 27 -15.53 -42.04 10.93
CA LYS D 27 -16.60 -42.59 10.08
C LYS D 27 -17.29 -41.52 9.23
N GLY D 28 -16.95 -40.26 9.48
CA GLY D 28 -17.49 -39.14 8.72
C GLY D 28 -18.96 -38.91 9.02
N ILE D 29 -19.28 -38.78 10.30
CA ILE D 29 -20.66 -38.57 10.73
C ILE D 29 -20.81 -37.21 11.42
N LEU D 30 -21.76 -36.42 10.91
CA LEU D 30 -22.13 -35.14 11.50
C LEU D 30 -23.60 -35.18 11.89
N ARG D 31 -23.87 -34.88 13.15
CA ARG D 31 -25.25 -34.84 13.65
C ARG D 31 -25.57 -33.50 14.32
N TYR D 32 -26.79 -33.02 14.08
CA TYR D 32 -27.32 -31.85 14.77
C TYR D 32 -28.41 -32.31 15.72
N GLY D 33 -28.11 -32.27 17.01
CA GLY D 33 -29.05 -32.70 18.05
C GLY D 33 -29.50 -34.15 17.93
N GLY D 34 -28.61 -35.00 17.40
CA GLY D 34 -28.92 -36.42 17.20
C GLY D 34 -29.33 -36.76 15.78
N TYR D 35 -29.75 -35.75 15.01
CA TYR D 35 -30.16 -35.95 13.63
C TYR D 35 -28.99 -35.79 12.68
N SER D 36 -28.70 -36.84 11.92
CA SER D 36 -27.63 -36.80 10.93
C SER D 36 -27.95 -35.78 9.84
N VAL D 37 -26.91 -35.15 9.31
CA VAL D 37 -27.06 -34.13 8.29
C VAL D 37 -27.64 -34.70 6.99
N GLU D 38 -27.39 -35.99 6.73
CA GLU D 38 -27.96 -36.70 5.57
C GLU D 38 -29.47 -36.87 5.67
N ASP D 39 -29.94 -37.24 6.86
CA ASP D 39 -31.38 -37.41 7.13
C ASP D 39 -32.12 -36.08 7.00
N ILE D 40 -31.52 -35.01 7.50
CA ILE D 40 -32.09 -33.66 7.43
C ILE D 40 -32.32 -33.20 5.97
N ILE D 41 -31.31 -33.42 5.12
CA ILE D 41 -31.38 -33.00 3.71
C ILE D 41 -32.36 -33.85 2.90
N ALA D 42 -32.29 -35.16 3.09
CA ALA D 42 -33.19 -36.10 2.41
C ALA D 42 -34.65 -35.82 2.75
N SER D 43 -34.90 -35.43 3.99
CA SER D 43 -36.25 -35.10 4.45
C SER D 43 -36.76 -33.77 3.89
N GLY D 44 -35.87 -32.99 3.27
CA GLY D 44 -36.24 -31.71 2.68
C GLY D 44 -36.64 -30.66 3.72
N ALA D 45 -36.04 -30.76 4.91
CA ALA D 45 -36.27 -29.82 5.99
C ALA D 45 -35.94 -28.38 5.58
N GLN D 46 -36.66 -27.42 6.16
CA GLN D 46 -36.35 -26.00 5.99
C GLN D 46 -35.23 -25.62 6.95
N ASP D 47 -34.40 -24.66 6.55
CA ASP D 47 -33.29 -24.19 7.38
C ASP D 47 -33.78 -23.63 8.72
N GLU D 48 -34.93 -22.97 8.70
CA GLU D 48 -35.52 -22.35 9.89
C GLU D 48 -35.83 -23.39 10.96
N GLU D 49 -36.18 -24.61 10.52
CA GLU D 49 -36.41 -25.73 11.41
C GLU D 49 -35.12 -26.13 12.15
N ILE D 50 -34.00 -26.08 11.44
CA ILE D 50 -32.70 -26.37 12.04
C ILE D 50 -32.22 -25.19 12.91
N GLN D 51 -32.49 -23.96 12.47
CA GLN D 51 -32.23 -22.77 13.27
C GLN D 51 -32.91 -22.89 14.64
N TYR D 52 -34.21 -23.18 14.61
CA TYR D 52 -35.01 -23.39 15.82
C TYR D 52 -34.41 -24.53 16.67
N LEU D 53 -34.03 -25.62 16.01
CA LEU D 53 -33.45 -26.78 16.69
C LEU D 53 -32.24 -26.39 17.54
N PHE D 54 -31.39 -25.53 16.99
CA PHE D 54 -30.18 -25.08 17.69
C PHE D 54 -30.47 -24.12 18.84
N LEU D 55 -31.53 -23.32 18.70
CA LEU D 55 -31.86 -22.32 19.71
C LEU D 55 -32.68 -22.86 20.88
N TYR D 56 -33.61 -23.78 20.60
CA TYR D 56 -34.56 -24.25 21.62
C TYR D 56 -34.31 -25.67 22.12
N GLY D 57 -33.49 -26.44 21.37
CA GLY D 57 -33.12 -27.79 21.77
C GLY D 57 -33.94 -28.89 21.11
N ASN D 58 -35.03 -28.49 20.45
CA ASN D 58 -35.90 -29.46 19.77
C ASN D 58 -36.45 -28.92 18.44
N LEU D 59 -36.96 -29.82 17.60
CA LEU D 59 -37.58 -29.44 16.34
C LEU D 59 -38.95 -28.80 16.58
N PRO D 60 -39.27 -27.73 15.84
CA PRO D 60 -40.50 -26.99 16.11
C PRO D 60 -41.75 -27.66 15.53
N THR D 61 -42.90 -27.41 16.17
CA THR D 61 -44.19 -27.73 15.56
C THR D 61 -44.50 -26.66 14.49
N GLU D 62 -45.53 -26.89 13.70
CA GLU D 62 -45.88 -26.01 12.58
C GLU D 62 -46.20 -24.58 13.04
N GLN D 63 -46.79 -24.46 14.23
CA GLN D 63 -47.14 -23.18 14.82
C GLN D 63 -45.93 -22.45 15.38
N GLU D 64 -45.09 -23.18 16.11
CA GLU D 64 -43.85 -22.66 16.68
C GLU D 64 -42.93 -22.11 15.59
N LEU D 65 -42.96 -22.76 14.42
CA LEU D 65 -42.11 -22.37 13.30
C LEU D 65 -42.44 -20.96 12.81
N ARG D 66 -43.69 -20.72 12.43
CA ARG D 66 -44.10 -19.43 11.89
C ARG D 66 -44.00 -18.28 12.90
N LYS D 67 -44.09 -18.61 14.19
CA LYS D 67 -43.83 -17.62 15.23
C LYS D 67 -42.34 -17.27 15.28
N TYR D 68 -41.49 -18.29 15.20
CA TYR D 68 -40.04 -18.11 15.13
C TYR D 68 -39.64 -17.34 13.88
N LYS D 69 -40.24 -17.70 12.75
CA LYS D 69 -40.02 -17.00 11.48
C LYS D 69 -40.30 -15.51 11.59
N GLU D 70 -41.35 -15.15 12.34
CA GLU D 70 -41.68 -13.75 12.59
C GLU D 70 -40.59 -13.04 13.39
N THR D 71 -40.07 -13.71 14.42
CA THR D 71 -38.97 -13.16 15.23
C THR D 71 -37.72 -12.92 14.37
N VAL D 72 -37.39 -13.90 13.54
CA VAL D 72 -36.27 -13.80 12.61
C VAL D 72 -36.45 -12.66 11.62
N GLN D 73 -37.66 -12.54 11.07
CA GLN D 73 -37.98 -11.51 10.08
C GLN D 73 -37.89 -10.08 10.64
N LYS D 74 -37.89 -9.95 11.96
CA LYS D 74 -37.67 -8.67 12.63
C LYS D 74 -36.27 -8.14 12.34
N GLY D 75 -35.35 -9.07 12.10
CA GLY D 75 -33.96 -8.73 11.79
C GLY D 75 -33.73 -8.29 10.35
N TYR D 76 -34.75 -8.40 9.51
CA TYR D 76 -34.64 -7.94 8.12
C TYR D 76 -34.51 -6.42 8.04
N LYS D 77 -34.90 -5.74 9.12
CA LYS D 77 -34.64 -4.31 9.29
C LYS D 77 -33.42 -4.09 10.18
N ILE D 78 -32.45 -3.37 9.63
CA ILE D 78 -31.26 -2.94 10.36
C ILE D 78 -31.05 -1.44 10.15
N PRO D 79 -30.58 -0.73 11.20
CA PRO D 79 -30.38 0.71 11.13
C PRO D 79 -29.48 1.15 9.97
N ASP D 80 -29.68 2.38 9.50
CA ASP D 80 -28.95 2.92 8.36
C ASP D 80 -27.42 2.97 8.55
N PHE D 81 -26.98 3.02 9.80
CA PHE D 81 -25.53 3.06 10.09
C PHE D 81 -24.86 1.68 10.00
N VAL D 82 -25.66 0.62 10.12
CA VAL D 82 -25.19 -0.74 9.92
C VAL D 82 -24.97 -0.99 8.43
N ILE D 83 -25.92 -0.54 7.60
CA ILE D 83 -25.78 -0.63 6.14
C ILE D 83 -24.62 0.24 5.66
N ASN D 84 -24.46 1.40 6.29
CA ASN D 84 -23.37 2.30 5.94
C ASN D 84 -22.00 1.79 6.40
N ALA D 85 -21.96 1.12 7.56
CA ALA D 85 -20.74 0.47 8.05
C ALA D 85 -20.14 -0.41 6.95
N ILE D 86 -21.03 -1.02 6.18
CA ILE D 86 -20.67 -1.81 5.01
C ILE D 86 -20.31 -0.89 3.84
N ARG D 87 -21.21 0.03 3.51
CA ARG D 87 -21.14 0.80 2.26
C ARG D 87 -20.09 1.92 2.21
N GLN D 88 -19.52 2.28 3.36
CA GLN D 88 -18.48 3.30 3.42
C GLN D 88 -17.10 2.72 3.12
N LEU D 89 -17.01 1.39 3.06
CA LEU D 89 -15.75 0.69 2.83
C LEU D 89 -15.44 0.57 1.34
N PRO D 90 -14.15 0.49 0.96
CA PRO D 90 -13.81 0.21 -0.43
C PRO D 90 -14.45 -1.10 -0.87
N ARG D 91 -15.03 -1.14 -2.06
CA ARG D 91 -15.74 -2.34 -2.51
C ARG D 91 -14.80 -3.51 -2.82
N GLU D 92 -13.50 -3.24 -2.86
CA GLU D 92 -12.49 -4.28 -2.99
C GLU D 92 -12.24 -5.00 -1.65
N SER D 93 -12.89 -4.52 -0.59
CA SER D 93 -12.73 -5.07 0.75
C SER D 93 -13.27 -6.49 0.86
N ASP D 94 -12.67 -7.25 1.78
CA ASP D 94 -13.07 -8.62 2.08
C ASP D 94 -14.52 -8.67 2.60
N ALA D 95 -15.34 -9.53 1.99
CA ALA D 95 -16.76 -9.65 2.33
C ALA D 95 -17.01 -10.05 3.79
N VAL D 96 -16.17 -10.94 4.31
CA VAL D 96 -16.26 -11.38 5.70
C VAL D 96 -15.92 -10.24 6.65
N ALA D 97 -14.90 -9.47 6.28
CA ALA D 97 -14.49 -8.30 7.04
C ALA D 97 -15.53 -7.19 6.96
N MET D 98 -16.24 -7.13 5.83
CA MET D 98 -17.38 -6.23 5.69
C MET D 98 -18.52 -6.65 6.64
N GLN D 99 -18.74 -7.96 6.76
CA GLN D 99 -19.67 -8.51 7.76
C GLN D 99 -19.22 -8.16 9.18
N MET D 100 -17.94 -8.37 9.48
CA MET D 100 -17.31 -7.98 10.76
C MET D 100 -17.65 -6.54 11.19
N ALA D 101 -17.46 -5.61 10.26
CA ALA D 101 -17.67 -4.18 10.50
C ALA D 101 -19.12 -3.90 10.84
N ALA D 102 -20.02 -4.61 10.16
CA ALA D 102 -21.45 -4.47 10.40
C ALA D 102 -21.83 -4.96 11.81
N VAL D 103 -21.32 -6.12 12.20
CA VAL D 103 -21.65 -6.67 13.51
C VAL D 103 -21.02 -5.85 14.64
N ALA D 104 -19.85 -5.27 14.35
CA ALA D 104 -19.17 -4.38 15.30
C ALA D 104 -19.96 -3.09 15.58
N ALA D 105 -20.64 -2.59 14.56
CA ALA D 105 -21.56 -1.47 14.71
C ALA D 105 -22.73 -1.82 15.62
N MET D 106 -23.23 -3.05 15.49
CA MET D 106 -24.30 -3.55 16.34
C MET D 106 -23.84 -3.73 17.79
N ALA D 107 -22.66 -4.33 17.95
CA ALA D 107 -22.06 -4.53 19.26
C ALA D 107 -21.91 -3.22 20.02
N ALA D 108 -21.51 -2.18 19.30
CA ALA D 108 -21.38 -0.83 19.84
C ALA D 108 -22.74 -0.26 20.24
N SER D 109 -23.67 -0.25 19.29
CA SER D 109 -24.99 0.37 19.45
C SER D 109 -25.91 -0.31 20.47
N GLU D 110 -25.99 -1.65 20.43
CA GLU D 110 -26.86 -2.41 21.33
C GLU D 110 -26.34 -2.39 22.77
N THR D 111 -26.43 -1.21 23.40
CA THR D 111 -25.87 -0.97 24.72
C THR D 111 -26.64 -1.69 25.83
N LYS D 112 -27.84 -2.15 25.52
CA LYS D 112 -28.73 -2.71 26.53
C LYS D 112 -28.74 -4.23 26.62
N PHE D 113 -27.90 -4.88 25.81
CA PHE D 113 -27.77 -6.33 25.83
C PHE D 113 -27.23 -6.84 27.16
N LYS D 114 -27.88 -7.88 27.68
CA LYS D 114 -27.43 -8.57 28.89
C LYS D 114 -27.70 -10.05 28.66
N TRP D 115 -26.83 -10.90 29.16
CA TRP D 115 -27.03 -12.34 29.09
C TRP D 115 -28.17 -12.76 30.00
N ASN D 116 -29.17 -13.43 29.43
CA ASN D 116 -30.40 -13.73 30.14
C ASN D 116 -31.19 -14.90 29.51
N LYS D 117 -31.50 -15.89 30.34
CA LYS D 117 -32.26 -17.07 29.93
C LYS D 117 -33.52 -16.74 29.13
N ASP D 118 -34.23 -15.70 29.56
CA ASP D 118 -35.52 -15.34 28.98
C ASP D 118 -35.43 -14.61 27.64
N THR D 119 -34.30 -13.94 27.38
CA THR D 119 -34.18 -13.12 26.16
C THR D 119 -33.15 -13.60 25.12
N ASP D 120 -32.23 -14.47 25.53
CA ASP D 120 -31.12 -14.87 24.66
C ASP D 120 -31.54 -15.42 23.30
N ARG D 121 -32.58 -16.25 23.30
CA ARG D 121 -33.09 -16.89 22.09
C ARG D 121 -33.73 -15.92 21.11
N ASP D 122 -34.48 -14.94 21.63
CA ASP D 122 -35.11 -13.93 20.78
C ASP D 122 -34.09 -12.96 20.20
N VAL D 123 -33.03 -12.68 20.97
CA VAL D 123 -31.90 -11.91 20.47
C VAL D 123 -31.22 -12.68 19.34
N ALA D 124 -30.96 -13.97 19.57
CA ALA D 124 -30.28 -14.83 18.60
C ALA D 124 -31.04 -14.97 17.29
N ALA D 125 -32.34 -15.26 17.39
CA ALA D 125 -33.23 -15.38 16.25
C ALA D 125 -33.21 -14.12 15.39
N GLU D 126 -33.32 -12.96 16.04
CA GLU D 126 -33.33 -11.69 15.34
C GLU D 126 -31.98 -11.43 14.67
N MET D 127 -30.89 -11.85 15.32
CA MET D 127 -29.55 -11.69 14.76
C MET D 127 -29.38 -12.54 13.50
N ILE D 128 -29.95 -13.76 13.51
CA ILE D 128 -29.96 -14.62 12.33
C ILE D 128 -30.63 -13.90 11.15
N GLY D 129 -31.72 -13.20 11.45
CA GLY D 129 -32.39 -12.34 10.47
C GLY D 129 -31.53 -11.18 10.02
N ARG D 130 -30.86 -10.53 10.98
CA ARG D 130 -29.95 -9.42 10.68
C ARG D 130 -28.76 -9.83 9.81
N MET D 131 -28.24 -11.04 10.06
CA MET D 131 -27.14 -11.59 9.28
C MET D 131 -27.54 -11.75 7.82
N SER D 132 -28.81 -12.06 7.59
CA SER D 132 -29.38 -12.08 6.25
C SER D 132 -29.26 -10.69 5.63
N ALA D 133 -29.79 -9.68 6.33
CA ALA D 133 -29.75 -8.28 5.87
C ALA D 133 -28.33 -7.77 5.65
N ILE D 134 -27.42 -8.10 6.55
CA ILE D 134 -26.00 -7.74 6.41
C ILE D 134 -25.39 -8.31 5.13
N THR D 135 -25.63 -9.61 4.90
CA THR D 135 -25.00 -10.34 3.80
C THR D 135 -25.53 -9.88 2.44
N VAL D 136 -26.82 -9.53 2.40
CA VAL D 136 -27.41 -8.93 1.21
C VAL D 136 -26.66 -7.66 0.83
N ASN D 137 -26.50 -6.78 1.82
CA ASN D 137 -25.88 -5.47 1.62
C ASN D 137 -24.39 -5.51 1.35
N VAL D 138 -23.73 -6.53 1.89
CA VAL D 138 -22.31 -6.76 1.61
C VAL D 138 -22.14 -7.12 0.14
N TYR D 139 -22.97 -8.06 -0.33
CA TYR D 139 -22.97 -8.46 -1.73
C TYR D 139 -23.26 -7.27 -2.66
N ARG D 140 -24.34 -6.55 -2.35
CA ARG D 140 -24.77 -5.40 -3.17
C ARG D 140 -23.76 -4.25 -3.21
N HIS D 141 -22.95 -4.12 -2.18
CA HIS D 141 -21.90 -3.10 -2.14
C HIS D 141 -20.70 -3.49 -2.99
N ILE D 142 -20.37 -4.79 -2.98
CA ILE D 142 -19.26 -5.33 -3.79
C ILE D 142 -19.62 -5.26 -5.28
N MET D 143 -20.88 -5.56 -5.61
CA MET D 143 -21.36 -5.57 -6.98
C MET D 143 -21.75 -4.18 -7.50
N ASN D 144 -21.65 -3.18 -6.64
CA ASN D 144 -22.01 -1.79 -6.96
C ASN D 144 -23.49 -1.65 -7.30
N MET D 145 -24.32 -2.04 -6.34
CA MET D 145 -25.78 -2.03 -6.50
C MET D 145 -26.40 -1.20 -5.37
N PRO D 146 -27.63 -0.70 -5.57
CA PRO D 146 -28.34 -0.01 -4.49
C PRO D 146 -28.64 -0.95 -3.33
N ALA D 147 -28.53 -0.45 -2.10
CA ALA D 147 -28.82 -1.23 -0.89
C ALA D 147 -30.24 -1.77 -0.89
N GLU D 148 -30.40 -2.99 -0.41
CA GLU D 148 -31.71 -3.64 -0.34
C GLU D 148 -31.85 -4.40 0.98
N LEU D 149 -33.04 -4.33 1.57
CA LEU D 149 -33.35 -5.15 2.73
C LEU D 149 -34.22 -6.34 2.33
N PRO D 150 -33.96 -7.52 2.91
CA PRO D 150 -34.78 -8.72 2.67
C PRO D 150 -36.23 -8.53 3.11
N LYS D 151 -37.15 -9.09 2.34
CA LYS D 151 -38.57 -9.07 2.68
C LYS D 151 -39.02 -10.47 3.05
N PRO D 152 -40.05 -10.59 3.93
CA PRO D 152 -40.57 -11.91 4.29
C PRO D 152 -41.09 -12.68 3.06
N SER D 153 -40.89 -13.99 3.06
CA SER D 153 -41.45 -14.88 2.02
C SER D 153 -41.63 -16.30 2.55
N ASP D 154 -41.70 -17.27 1.63
CA ASP D 154 -41.91 -18.68 1.98
C ASP D 154 -40.77 -19.24 2.82
N SER D 155 -39.53 -18.97 2.40
CA SER D 155 -38.35 -19.48 3.10
C SER D 155 -37.31 -18.40 3.37
N TYR D 156 -36.50 -18.65 4.41
CA TYR D 156 -35.37 -17.80 4.75
C TYR D 156 -34.39 -17.67 3.59
N ALA D 157 -34.16 -18.77 2.89
CA ALA D 157 -33.27 -18.82 1.73
C ALA D 157 -33.74 -17.95 0.57
N GLU D 158 -35.03 -18.00 0.26
CA GLU D 158 -35.60 -17.21 -0.82
C GLU D 158 -35.50 -15.70 -0.55
N SER D 159 -35.88 -15.31 0.67
CA SER D 159 -35.85 -13.91 1.09
C SER D 159 -34.45 -13.33 0.91
N PHE D 160 -33.44 -14.11 1.30
CA PHE D 160 -32.05 -13.71 1.15
C PHE D 160 -31.62 -13.58 -0.32
N LEU D 161 -31.97 -14.58 -1.13
CA LEU D 161 -31.60 -14.59 -2.56
C LEU D 161 -32.24 -13.47 -3.36
N ASN D 162 -33.57 -13.35 -3.26
CA ASN D 162 -34.33 -12.30 -3.94
C ASN D 162 -33.81 -10.89 -3.66
N ALA D 163 -33.46 -10.64 -2.39
CA ALA D 163 -32.94 -9.35 -1.96
C ALA D 163 -31.51 -9.12 -2.46
N ALA D 164 -30.71 -10.19 -2.46
CA ALA D 164 -29.31 -10.09 -2.88
C ALA D 164 -29.17 -9.86 -4.37
N PHE D 165 -29.95 -10.61 -5.17
CA PHE D 165 -29.87 -10.55 -6.63
C PHE D 165 -30.79 -9.50 -7.26
N GLY D 166 -31.87 -9.16 -6.56
CA GLY D 166 -32.86 -8.22 -7.09
C GLY D 166 -33.79 -8.88 -8.08
N ARG D 167 -33.96 -10.20 -7.96
CA ARG D 167 -34.78 -10.98 -8.88
C ARG D 167 -35.36 -12.20 -8.18
N LYS D 168 -36.50 -12.68 -8.68
CA LYS D 168 -37.14 -13.88 -8.15
C LYS D 168 -36.28 -15.12 -8.43
N ALA D 169 -35.87 -15.79 -7.36
CA ALA D 169 -35.02 -16.97 -7.45
C ALA D 169 -35.85 -18.20 -7.82
N THR D 170 -35.24 -19.10 -8.60
CA THR D 170 -35.90 -20.33 -9.02
C THR D 170 -35.90 -21.36 -7.89
N LYS D 171 -36.83 -22.32 -7.96
CA LYS D 171 -36.92 -23.41 -6.98
C LYS D 171 -35.58 -24.12 -6.79
N GLU D 172 -34.87 -24.35 -7.89
CA GLU D 172 -33.56 -25.00 -7.87
C GLU D 172 -32.55 -24.21 -7.05
N GLU D 173 -32.48 -22.90 -7.31
CA GLU D 173 -31.58 -21.99 -6.59
C GLU D 173 -31.89 -21.92 -5.10
N ILE D 174 -33.18 -21.84 -4.79
CA ILE D 174 -33.65 -21.76 -3.40
C ILE D 174 -33.27 -23.00 -2.59
N ASP D 175 -33.51 -24.19 -3.17
CA ASP D 175 -33.21 -25.45 -2.50
C ASP D 175 -31.72 -25.64 -2.22
N ALA D 176 -30.89 -25.28 -3.20
CA ALA D 176 -29.43 -25.35 -3.07
C ALA D 176 -28.93 -24.43 -1.96
N MET D 177 -29.52 -23.25 -1.86
CA MET D 177 -29.16 -22.30 -0.81
C MET D 177 -29.67 -22.78 0.55
N ASN D 178 -30.87 -23.37 0.54
CA ASN D 178 -31.45 -23.95 1.76
C ASN D 178 -30.59 -25.09 2.32
N THR D 179 -30.05 -25.91 1.42
CA THR D 179 -29.16 -27.00 1.79
C THR D 179 -27.81 -26.48 2.28
N ALA D 180 -27.28 -25.47 1.59
CA ALA D 180 -26.01 -24.84 1.94
C ALA D 180 -26.07 -24.19 3.33
N LEU D 181 -27.22 -23.63 3.67
CA LEU D 181 -27.43 -23.01 4.97
C LEU D 181 -27.51 -24.04 6.11
N ILE D 182 -28.05 -25.22 5.82
CA ILE D 182 -28.13 -26.29 6.81
C ILE D 182 -26.75 -26.95 7.01
N LEU D 183 -26.02 -27.16 5.91
CA LEU D 183 -24.73 -27.83 5.97
C LEU D 183 -23.67 -27.05 6.75
N TYR D 184 -23.74 -25.72 6.68
CA TYR D 184 -22.77 -24.85 7.36
C TYR D 184 -23.25 -24.33 8.72
N THR D 185 -24.44 -24.75 9.14
CA THR D 185 -25.04 -24.25 10.38
C THR D 185 -24.06 -24.27 11.55
N ASP D 186 -23.47 -25.44 11.80
CA ASP D 186 -22.59 -25.60 12.95
C ASP D 186 -21.62 -26.76 12.74
N HIS D 187 -20.44 -26.67 13.38
CA HIS D 187 -19.52 -27.79 13.39
C HIS D 187 -18.76 -27.90 14.71
N GLU D 188 -19.51 -27.85 15.81
CA GLU D 188 -18.97 -27.96 17.17
C GLU D 188 -18.12 -26.73 17.54
N VAL D 189 -16.81 -26.92 17.74
CA VAL D 189 -15.94 -25.83 18.18
C VAL D 189 -14.72 -25.58 17.28
N PRO D 190 -14.96 -25.19 16.00
CA PRO D 190 -13.85 -24.82 15.13
C PRO D 190 -13.25 -23.49 15.57
N ALA D 191 -12.24 -23.02 14.83
CA ALA D 191 -11.55 -21.76 15.15
C ALA D 191 -12.51 -20.58 15.33
N SER D 192 -13.45 -20.41 14.41
CA SER D 192 -14.38 -19.28 14.49
C SER D 192 -15.19 -19.35 15.79
N THR D 193 -15.85 -20.48 16.00
CA THR D 193 -16.67 -20.69 17.20
C THR D 193 -15.86 -20.51 18.49
N THR D 194 -14.64 -21.07 18.51
CA THR D 194 -13.73 -20.96 19.64
C THR D 194 -13.38 -19.51 19.98
N ALA D 195 -13.03 -18.72 18.96
CA ALA D 195 -12.69 -17.30 19.10
C ALA D 195 -13.84 -16.51 19.71
N GLY D 196 -15.06 -16.81 19.26
CA GLY D 196 -16.26 -16.22 19.85
C GLY D 196 -16.48 -16.69 21.29
N LEU D 197 -16.22 -17.97 21.54
CA LEU D 197 -16.37 -18.53 22.88
C LEU D 197 -15.45 -17.86 23.90
N VAL D 198 -14.22 -17.56 23.49
CA VAL D 198 -13.27 -16.83 24.31
C VAL D 198 -13.80 -15.44 24.64
N ALA D 199 -14.31 -14.74 23.61
CA ALA D 199 -14.83 -13.38 23.76
C ALA D 199 -16.01 -13.29 24.74
N VAL D 200 -16.97 -14.21 24.60
CA VAL D 200 -18.16 -14.22 25.47
C VAL D 200 -17.87 -14.73 26.88
N SER D 201 -16.75 -15.44 27.04
CA SER D 201 -16.34 -15.96 28.35
C SER D 201 -15.92 -14.83 29.30
N THR D 202 -15.69 -13.64 28.75
CA THR D 202 -15.40 -12.45 29.54
C THR D 202 -16.70 -11.75 29.93
N LEU D 203 -17.81 -12.36 29.55
CA LEU D 203 -19.16 -11.79 29.67
C LEU D 203 -19.41 -10.61 28.72
N SER D 204 -18.62 -10.56 27.64
CA SER D 204 -18.85 -9.61 26.56
C SER D 204 -20.11 -10.02 25.81
N ASP D 205 -20.68 -9.09 25.06
CA ASP D 205 -21.98 -9.29 24.40
C ASP D 205 -21.95 -10.31 23.26
N MET D 206 -23.13 -10.71 22.81
CA MET D 206 -23.33 -11.69 21.73
C MET D 206 -22.71 -11.25 20.40
N TYR D 207 -22.85 -9.96 20.07
CA TYR D 207 -22.34 -9.41 18.81
C TYR D 207 -20.81 -9.35 18.78
N SER D 208 -20.21 -9.07 19.92
CA SER D 208 -18.76 -9.11 20.06
C SER D 208 -18.24 -10.52 19.81
N GLY D 209 -18.99 -11.51 20.31
CA GLY D 209 -18.68 -12.92 20.09
C GLY D 209 -18.69 -13.28 18.62
N ILE D 210 -19.72 -12.82 17.91
CA ILE D 210 -19.86 -13.07 16.47
C ILE D 210 -18.72 -12.40 15.70
N THR D 211 -18.43 -11.16 16.06
CA THR D 211 -17.33 -10.38 15.47
C THR D 211 -15.99 -11.10 15.59
N ALA D 212 -15.68 -11.59 16.78
CA ALA D 212 -14.47 -12.37 17.03
C ALA D 212 -14.45 -13.64 16.18
N ALA D 213 -15.58 -14.34 16.13
CA ALA D 213 -15.76 -15.51 15.27
C ALA D 213 -15.54 -15.20 13.78
N LEU D 214 -16.09 -14.08 13.32
CA LEU D 214 -15.94 -13.65 11.93
C LEU D 214 -14.48 -13.36 11.56
N ALA D 215 -13.74 -12.79 12.51
CA ALA D 215 -12.31 -12.51 12.35
C ALA D 215 -11.50 -13.78 12.10
N ALA D 216 -11.96 -14.89 12.69
CA ALA D 216 -11.30 -16.19 12.56
C ALA D 216 -11.74 -16.94 11.29
N LEU D 217 -13.02 -16.84 10.94
CA LEU D 217 -13.54 -17.51 9.75
C LEU D 217 -12.95 -16.99 8.44
N LYS D 218 -12.47 -15.75 8.47
CA LYS D 218 -11.84 -15.11 7.31
C LYS D 218 -10.59 -15.87 6.81
N GLY D 219 -9.83 -16.44 7.74
CA GLY D 219 -8.56 -17.10 7.41
C GLY D 219 -8.65 -18.24 6.39
N PRO D 220 -7.61 -18.38 5.55
CA PRO D 220 -7.57 -19.41 4.50
C PRO D 220 -7.61 -20.84 5.06
N LEU D 221 -7.13 -21.03 6.28
CA LEU D 221 -7.13 -22.36 6.89
C LEU D 221 -8.50 -22.71 7.45
N HIS D 222 -9.37 -21.71 7.51
CA HIS D 222 -10.73 -21.90 8.02
C HIS D 222 -11.73 -21.63 6.90
N GLY D 223 -12.68 -20.73 7.13
CA GLY D 223 -13.73 -20.44 6.14
C GLY D 223 -13.21 -19.95 4.80
N GLY D 224 -12.12 -19.18 4.81
CA GLY D 224 -11.52 -18.62 3.59
C GLY D 224 -11.21 -19.65 2.53
N ALA D 225 -11.08 -20.90 2.95
CA ALA D 225 -10.89 -22.03 2.03
C ALA D 225 -12.10 -22.26 1.13
N ALA D 226 -13.26 -21.73 1.51
CA ALA D 226 -14.46 -21.80 0.67
C ALA D 226 -14.27 -21.02 -0.63
N GLU D 227 -13.35 -20.05 -0.61
CA GLU D 227 -12.95 -19.36 -1.83
C GLU D 227 -11.61 -19.86 -2.37
N ALA D 228 -10.67 -20.15 -1.48
CA ALA D 228 -9.34 -20.57 -1.87
C ALA D 228 -9.34 -21.90 -2.63
N ALA D 229 -10.24 -22.81 -2.26
CA ALA D 229 -10.37 -24.10 -2.91
C ALA D 229 -10.78 -23.97 -4.38
N ILE D 230 -11.81 -23.15 -4.63
CA ILE D 230 -12.31 -22.95 -5.99
C ILE D 230 -11.39 -22.05 -6.82
N ALA D 231 -10.69 -21.14 -6.15
CA ALA D 231 -9.66 -20.31 -6.78
C ALA D 231 -8.62 -21.19 -7.49
N GLN D 232 -8.32 -22.35 -6.91
CA GLN D 232 -7.41 -23.34 -7.49
C GLN D 232 -7.92 -23.83 -8.85
N PHE D 233 -9.22 -24.10 -8.94
CA PHE D 233 -9.83 -24.62 -10.17
C PHE D 233 -9.80 -23.59 -11.29
N ASP D 234 -10.07 -22.34 -10.92
CA ASP D 234 -10.06 -21.22 -11.86
C ASP D 234 -8.64 -20.95 -12.37
N GLU D 235 -7.67 -21.18 -11.50
CA GLU D 235 -6.24 -21.06 -11.81
C GLU D 235 -5.83 -22.10 -12.86
N ILE D 236 -6.29 -23.34 -12.69
CA ILE D 236 -5.97 -24.46 -13.58
C ILE D 236 -6.52 -24.27 -15.01
N LYS D 237 -7.71 -23.65 -15.10
CA LYS D 237 -8.32 -23.26 -16.38
C LYS D 237 -8.88 -24.41 -17.23
N ASP D 238 -8.10 -25.46 -17.45
CA ASP D 238 -8.59 -26.65 -18.19
C ASP D 238 -8.15 -27.97 -17.54
N PRO D 239 -9.02 -29.01 -17.62
CA PRO D 239 -8.78 -30.31 -16.96
C PRO D 239 -7.48 -31.01 -17.34
N ALA D 240 -6.96 -30.75 -18.54
CA ALA D 240 -5.72 -31.38 -19.00
C ALA D 240 -4.49 -30.86 -18.27
N MET D 241 -4.62 -29.67 -17.68
CA MET D 241 -3.52 -29.03 -16.94
C MET D 241 -3.45 -29.41 -15.46
N VAL D 242 -4.38 -30.26 -15.01
CA VAL D 242 -4.50 -30.63 -13.59
C VAL D 242 -3.25 -31.31 -13.03
N GLU D 243 -2.80 -32.38 -13.69
CA GLU D 243 -1.63 -33.15 -13.22
C GLU D 243 -0.39 -32.27 -13.03
N LYS D 244 -0.12 -31.42 -14.01
CA LYS D 244 1.05 -30.53 -13.99
C LYS D 244 0.96 -29.53 -12.85
N TRP D 245 -0.21 -28.90 -12.71
CA TRP D 245 -0.48 -27.95 -11.63
C TRP D 245 -0.34 -28.61 -10.26
N PHE D 246 -0.88 -29.83 -10.14
CA PHE D 246 -0.84 -30.58 -8.88
C PHE D 246 0.57 -30.90 -8.42
N ASN D 247 1.44 -31.27 -9.36
CA ASN D 247 2.84 -31.56 -9.05
C ASN D 247 3.64 -30.30 -8.73
N ASP D 248 3.50 -29.28 -9.56
CA ASP D 248 4.21 -28.01 -9.38
C ASP D 248 3.91 -27.35 -8.03
N ASN D 249 2.65 -27.38 -7.63
CA ASN D 249 2.19 -26.60 -6.48
C ASN D 249 1.96 -27.38 -5.19
N ILE D 250 1.68 -28.68 -5.29
CA ILE D 250 1.27 -29.47 -4.11
C ILE D 250 2.25 -30.58 -3.73
N ILE D 251 2.84 -31.26 -4.70
CA ILE D 251 3.86 -32.27 -4.40
C ILE D 251 5.26 -31.61 -4.37
N ASN D 252 5.50 -30.71 -5.31
CA ASN D 252 6.73 -29.92 -5.34
C ASN D 252 6.47 -28.45 -4.98
N GLY D 253 5.41 -28.22 -4.18
CA GLY D 253 5.07 -26.90 -3.68
C GLY D 253 5.93 -26.50 -2.50
N LYS D 254 5.37 -26.36 -1.29
CA LYS D 254 3.96 -26.54 -0.93
C LYS D 254 3.70 -25.46 0.13
N LYS D 255 2.59 -24.70 0.11
CA LYS D 255 1.38 -24.83 -0.73
C LYS D 255 0.50 -26.07 -0.51
N ARG D 256 -0.39 -25.95 0.47
CA ARG D 256 -1.36 -26.99 0.83
C ARG D 256 -2.48 -27.01 -0.19
N LEU D 257 -3.07 -28.19 -0.40
CA LEU D 257 -4.23 -28.32 -1.28
C LEU D 257 -5.47 -27.83 -0.55
N MET D 258 -6.06 -26.75 -1.06
CA MET D 258 -7.16 -26.07 -0.39
C MET D 258 -8.48 -26.79 -0.62
N GLY D 259 -9.26 -26.93 0.46
CA GLY D 259 -10.50 -27.71 0.43
C GLY D 259 -10.24 -29.17 0.78
N PHE D 260 -9.02 -29.45 1.23
CA PHE D 260 -8.62 -30.78 1.69
C PHE D 260 -8.11 -30.71 3.13
N GLY D 261 -8.40 -31.77 3.89
CA GLY D 261 -7.92 -31.87 5.26
C GLY D 261 -8.86 -31.23 6.28
N HIS D 262 -8.71 -31.68 7.53
CA HIS D 262 -9.59 -31.28 8.61
C HIS D 262 -8.95 -31.70 9.91
N ARG D 263 -9.16 -30.91 10.96
CA ARG D 263 -8.66 -31.23 12.30
C ARG D 263 -9.36 -32.46 12.89
N VAL D 264 -10.64 -32.64 12.58
CA VAL D 264 -11.40 -33.77 13.11
C VAL D 264 -11.55 -34.92 12.10
N TYR D 265 -12.09 -34.63 10.92
CA TYR D 265 -12.29 -35.65 9.89
C TYR D 265 -10.97 -36.20 9.37
N LYS D 266 -10.79 -37.51 9.52
CA LYS D 266 -9.66 -38.23 8.94
C LYS D 266 -10.14 -39.01 7.72
N THR D 267 -11.43 -38.90 7.45
CA THR D 267 -12.04 -39.52 6.30
C THR D 267 -12.72 -38.44 5.45
N TYR D 268 -13.57 -38.84 4.52
CA TYR D 268 -14.33 -37.91 3.69
C TYR D 268 -15.35 -37.15 4.55
N ASP D 269 -15.44 -35.84 4.31
CA ASP D 269 -16.38 -34.96 5.01
C ASP D 269 -17.80 -35.20 4.51
N PRO D 270 -18.72 -35.62 5.42
CA PRO D 270 -20.12 -35.89 5.08
C PRO D 270 -20.78 -34.75 4.32
N ARG D 271 -20.41 -33.51 4.66
CA ARG D 271 -20.94 -32.32 4.01
C ARG D 271 -20.41 -32.18 2.59
N ALA D 272 -19.17 -32.62 2.37
CA ALA D 272 -18.54 -32.60 1.06
C ALA D 272 -19.23 -33.55 0.08
N LYS D 273 -19.69 -34.70 0.58
CA LYS D 273 -20.50 -35.63 -0.20
C LYS D 273 -21.71 -34.90 -0.79
N ILE D 274 -22.51 -34.32 0.09
CA ILE D 274 -23.74 -33.63 -0.28
C ILE D 274 -23.45 -32.43 -1.18
N PHE D 275 -22.46 -31.61 -0.82
CA PHE D 275 -22.05 -30.49 -1.67
C PHE D 275 -21.60 -30.94 -3.06
N LYS D 276 -20.89 -32.07 -3.14
CA LYS D 276 -20.46 -32.61 -4.43
C LYS D 276 -21.65 -33.01 -5.29
N GLY D 277 -22.62 -33.70 -4.68
CA GLY D 277 -23.86 -34.11 -5.34
C GLY D 277 -24.61 -32.94 -5.96
N ILE D 278 -24.72 -31.84 -5.22
CA ILE D 278 -25.40 -30.64 -5.70
C ILE D 278 -24.55 -29.93 -6.76
N ALA D 279 -23.25 -29.81 -6.50
CA ALA D 279 -22.33 -29.21 -7.45
C ALA D 279 -22.45 -29.88 -8.81
N GLU D 280 -22.47 -31.22 -8.81
CA GLU D 280 -22.59 -32.02 -10.02
C GLU D 280 -23.87 -31.71 -10.80
N LYS D 281 -24.99 -31.59 -10.09
CA LYS D 281 -26.30 -31.37 -10.71
C LYS D 281 -26.49 -29.94 -11.25
N LEU D 282 -26.11 -28.95 -10.47
CA LEU D 282 -26.34 -27.55 -10.85
C LEU D 282 -25.38 -27.07 -11.94
N SER D 283 -24.18 -27.64 -11.95
CA SER D 283 -23.19 -27.28 -12.95
C SER D 283 -23.47 -27.92 -14.30
N SER D 284 -24.14 -29.08 -14.28
CA SER D 284 -24.49 -29.82 -15.50
C SER D 284 -24.98 -28.91 -16.63
N LYS D 285 -26.00 -28.12 -16.33
CA LYS D 285 -26.62 -27.23 -17.33
C LYS D 285 -25.94 -25.86 -17.42
N LYS D 286 -24.71 -25.77 -16.95
CA LYS D 286 -23.93 -24.53 -17.05
C LYS D 286 -22.52 -24.84 -17.54
N PRO D 287 -22.27 -24.66 -18.84
CA PRO D 287 -20.97 -25.00 -19.45
C PRO D 287 -19.76 -24.37 -18.77
N GLU D 288 -19.93 -23.16 -18.24
CA GLU D 288 -18.83 -22.44 -17.57
C GLU D 288 -18.51 -23.06 -16.21
N VAL D 289 -19.56 -23.42 -15.47
CA VAL D 289 -19.43 -24.00 -14.14
C VAL D 289 -19.07 -25.49 -14.21
N HIS D 290 -19.59 -26.18 -15.22
CA HIS D 290 -19.27 -27.58 -15.45
C HIS D 290 -17.79 -27.78 -15.73
N LYS D 291 -17.19 -26.77 -16.38
CA LYS D 291 -15.75 -26.74 -16.65
C LYS D 291 -14.96 -26.72 -15.35
N VAL D 292 -15.42 -25.93 -14.39
CA VAL D 292 -14.81 -25.83 -13.06
C VAL D 292 -14.99 -27.13 -12.29
N TYR D 293 -16.19 -27.70 -12.38
CA TYR D 293 -16.49 -28.98 -11.72
C TYR D 293 -15.64 -30.14 -12.23
N GLU D 294 -15.40 -30.16 -13.55
CA GLU D 294 -14.56 -31.20 -14.17
C GLU D 294 -13.12 -31.14 -13.71
N ILE D 295 -12.60 -29.92 -13.52
CA ILE D 295 -11.26 -29.71 -13.00
C ILE D 295 -11.20 -30.14 -11.53
N ALA D 296 -12.23 -29.75 -10.78
CA ALA D 296 -12.33 -30.05 -9.36
C ALA D 296 -12.25 -31.55 -9.04
N THR D 297 -12.99 -32.36 -9.80
CA THR D 297 -13.04 -33.81 -9.55
C THR D 297 -11.78 -34.52 -10.01
N LYS D 298 -11.18 -34.01 -11.08
CA LYS D 298 -9.91 -34.54 -11.58
C LYS D 298 -8.81 -34.30 -10.54
N LEU D 299 -8.80 -33.09 -9.98
CA LEU D 299 -7.87 -32.73 -8.90
C LEU D 299 -8.18 -33.46 -7.60
N GLU D 300 -9.46 -33.74 -7.38
CA GLU D 300 -9.91 -34.51 -6.23
C GLU D 300 -9.29 -35.91 -6.25
N ASP D 301 -9.20 -36.48 -7.45
CA ASP D 301 -8.64 -37.81 -7.65
C ASP D 301 -7.15 -37.85 -7.31
N PHE D 302 -6.40 -36.86 -7.78
CA PHE D 302 -4.98 -36.71 -7.42
C PHE D 302 -4.81 -36.51 -5.91
N GLY D 303 -5.65 -35.66 -5.34
CA GLY D 303 -5.62 -35.35 -3.91
C GLY D 303 -5.79 -36.57 -3.04
N ILE D 304 -6.78 -37.41 -3.37
CA ILE D 304 -7.06 -38.61 -2.61
C ILE D 304 -5.91 -39.63 -2.71
N LYS D 305 -5.34 -39.79 -3.91
CA LYS D 305 -4.21 -40.70 -4.12
C LYS D 305 -2.97 -40.24 -3.36
N ALA D 306 -2.75 -38.93 -3.34
CA ALA D 306 -1.59 -38.35 -2.65
C ALA D 306 -1.74 -38.30 -1.12
N PHE D 307 -2.93 -37.93 -0.64
CA PHE D 307 -3.10 -37.59 0.78
C PHE D 307 -4.03 -38.50 1.59
N GLY D 308 -4.69 -39.43 0.92
CA GLY D 308 -5.68 -40.31 1.56
C GLY D 308 -5.19 -41.07 2.78
N SER D 309 -3.98 -41.64 2.68
CA SER D 309 -3.40 -42.44 3.76
C SER D 309 -2.98 -41.62 4.99
N LYS D 310 -2.71 -40.33 4.78
CA LYS D 310 -2.37 -39.39 5.85
C LYS D 310 -3.60 -38.90 6.63
N GLY D 311 -4.79 -39.31 6.18
CA GLY D 311 -6.05 -38.92 6.81
C GLY D 311 -6.66 -37.66 6.21
N ILE D 312 -6.12 -37.22 5.08
CA ILE D 312 -6.49 -35.93 4.49
C ILE D 312 -7.37 -36.13 3.26
N TYR D 313 -8.63 -35.71 3.39
CA TYR D 313 -9.63 -35.87 2.34
C TYR D 313 -10.34 -34.54 2.02
N PRO D 314 -11.18 -34.51 0.97
CA PRO D 314 -11.97 -33.31 0.72
C PRO D 314 -12.80 -32.91 1.94
N ASN D 315 -12.69 -31.65 2.34
CA ASN D 315 -13.55 -31.08 3.38
C ASN D 315 -14.73 -30.32 2.77
N THR D 316 -15.57 -29.74 3.62
CA THR D 316 -16.80 -29.06 3.20
C THR D 316 -16.58 -27.85 2.29
N ASP D 317 -15.36 -27.35 2.22
CA ASP D 317 -15.04 -26.16 1.43
C ASP D 317 -14.66 -26.46 -0.01
N TYR D 318 -14.46 -27.74 -0.34
CA TYR D 318 -13.99 -28.12 -1.67
C TYR D 318 -15.02 -27.90 -2.77
N PHE D 319 -16.28 -28.21 -2.49
CA PHE D 319 -17.34 -28.13 -3.50
C PHE D 319 -18.36 -27.02 -3.29
N SER D 320 -18.36 -26.42 -2.09
CA SER D 320 -19.32 -25.36 -1.74
C SER D 320 -19.21 -24.16 -2.68
N GLY D 321 -17.98 -23.79 -3.01
CA GLY D 321 -17.71 -22.69 -3.94
C GLY D 321 -18.44 -22.86 -5.25
N ILE D 322 -18.34 -24.06 -5.83
CA ILE D 322 -19.03 -24.40 -7.08
C ILE D 322 -20.54 -24.26 -6.93
N VAL D 323 -21.06 -24.71 -5.79
CA VAL D 323 -22.51 -24.61 -5.49
C VAL D 323 -22.97 -23.14 -5.44
N TYR D 324 -22.25 -22.32 -4.67
CA TYR D 324 -22.53 -20.88 -4.61
C TYR D 324 -22.38 -20.20 -5.96
N MET D 325 -21.40 -20.65 -6.74
CA MET D 325 -21.18 -20.13 -8.09
C MET D 325 -22.34 -20.48 -9.01
N SER D 326 -22.84 -21.72 -8.88
CA SER D 326 -23.97 -22.19 -9.66
C SER D 326 -25.25 -21.40 -9.35
N ILE D 327 -25.44 -21.07 -8.08
CA ILE D 327 -26.60 -20.26 -7.66
C ILE D 327 -26.53 -18.85 -8.24
N GLY D 328 -25.31 -18.38 -8.54
CA GLY D 328 -25.13 -17.08 -9.17
C GLY D 328 -24.09 -16.16 -8.55
N PHE D 329 -23.54 -16.56 -7.40
CA PHE D 329 -22.57 -15.74 -6.68
C PHE D 329 -21.17 -15.83 -7.28
N PRO D 330 -20.55 -14.67 -7.59
CA PRO D 330 -19.25 -14.60 -8.27
C PRO D 330 -18.08 -14.99 -7.38
N LEU D 331 -17.00 -15.45 -8.03
CA LEU D 331 -15.78 -15.82 -7.34
C LEU D 331 -14.88 -14.59 -7.15
N ARG D 332 -15.15 -13.85 -6.08
CA ARG D 332 -14.40 -12.63 -5.75
C ARG D 332 -14.64 -12.22 -4.28
N ASN D 333 -13.71 -11.43 -3.74
CA ASN D 333 -13.89 -10.76 -2.44
C ASN D 333 -14.18 -11.64 -1.21
N ASN D 334 -13.89 -12.95 -1.30
CA ASN D 334 -14.25 -13.92 -0.25
C ASN D 334 -15.75 -13.98 0.05
N ILE D 335 -16.56 -13.82 -1.00
CA ILE D 335 -18.02 -13.85 -0.90
C ILE D 335 -18.55 -15.23 -0.47
N TYR D 336 -17.90 -16.27 -0.97
CA TYR D 336 -18.27 -17.65 -0.61
C TYR D 336 -18.10 -17.90 0.88
N THR D 337 -17.06 -17.30 1.47
CA THR D 337 -16.79 -17.40 2.90
C THR D 337 -17.84 -16.62 3.69
N ALA D 338 -18.35 -15.54 3.09
CA ALA D 338 -19.40 -14.73 3.71
C ALA D 338 -20.75 -15.47 3.75
N LEU D 339 -20.98 -16.33 2.75
CA LEU D 339 -22.20 -17.14 2.69
C LEU D 339 -22.13 -18.29 3.69
N PHE D 340 -20.91 -18.79 3.92
CA PHE D 340 -20.58 -19.69 5.02
C PHE D 340 -21.00 -19.03 6.34
N ALA D 341 -20.50 -17.81 6.58
CA ALA D 341 -20.79 -17.06 7.81
C ALA D 341 -22.27 -16.79 8.01
N LEU D 342 -22.96 -16.43 6.94
CA LEU D 342 -24.40 -16.23 6.99
C LEU D 342 -25.11 -17.44 7.60
N SER D 343 -24.58 -18.62 7.32
CA SER D 343 -25.13 -19.86 7.85
C SER D 343 -24.63 -20.15 9.27
N ARG D 344 -23.34 -19.98 9.50
CA ARG D 344 -22.70 -20.37 10.76
C ARG D 344 -23.08 -19.49 11.96
N VAL D 345 -23.67 -18.33 11.69
CA VAL D 345 -24.12 -17.42 12.76
C VAL D 345 -25.07 -18.10 13.75
N THR D 346 -25.88 -19.04 13.25
CA THR D 346 -26.81 -19.83 14.08
C THR D 346 -26.05 -20.70 15.08
N GLY D 347 -25.05 -21.44 14.59
CA GLY D 347 -24.21 -22.28 15.44
C GLY D 347 -23.40 -21.49 16.44
N TRP D 348 -22.76 -20.41 15.97
CA TRP D 348 -22.02 -19.50 16.84
C TRP D 348 -22.84 -19.09 18.04
N GLN D 349 -24.00 -18.49 17.78
CA GLN D 349 -24.88 -17.99 18.84
C GLN D 349 -25.41 -19.10 19.74
N ALA D 350 -25.76 -20.24 19.13
CA ALA D 350 -26.18 -21.41 19.89
C ALA D 350 -25.12 -21.83 20.91
N HIS D 351 -23.86 -21.85 20.48
CA HIS D 351 -22.74 -22.20 21.35
C HIS D 351 -22.42 -21.14 22.42
N PHE D 352 -22.61 -19.86 22.09
CA PHE D 352 -22.35 -18.79 23.08
C PHE D 352 -23.39 -18.85 24.22
N ILE D 353 -24.66 -18.95 23.85
CA ILE D 353 -25.77 -19.04 24.81
C ILE D 353 -25.54 -20.22 25.76
N GLU D 354 -25.26 -21.38 25.17
CA GLU D 354 -25.04 -22.61 25.92
C GLU D 354 -23.85 -22.52 26.89
N TYR D 355 -22.84 -21.75 26.51
CA TYR D 355 -21.65 -21.57 27.35
C TYR D 355 -21.88 -20.63 28.54
N VAL D 356 -22.44 -19.45 28.26
CA VAL D 356 -22.65 -18.41 29.27
C VAL D 356 -23.68 -18.85 30.31
N GLU D 357 -24.77 -19.47 29.86
CA GLU D 357 -25.84 -19.90 30.76
C GLU D 357 -25.42 -21.00 31.73
N GLU D 358 -24.88 -22.10 31.19
CA GLU D 358 -24.78 -23.35 31.95
C GLU D 358 -23.37 -23.83 32.31
N GLN D 359 -22.34 -23.15 31.80
CA GLN D 359 -20.96 -23.57 32.05
C GLN D 359 -19.97 -22.41 31.97
N GLN D 360 -20.43 -21.22 32.32
CA GLN D 360 -19.62 -20.01 32.24
C GLN D 360 -18.37 -20.05 33.09
N ARG D 361 -17.23 -19.83 32.43
CA ARG D 361 -15.97 -19.49 33.07
C ARG D 361 -15.09 -18.73 32.07
N LEU D 362 -14.29 -17.81 32.59
CA LEU D 362 -13.33 -17.06 31.77
C LEU D 362 -12.37 -18.02 31.09
N ILE D 363 -12.20 -17.86 29.79
CA ILE D 363 -11.22 -18.66 29.04
C ILE D 363 -9.87 -17.94 29.06
N ARG D 364 -8.94 -18.52 29.82
CA ARG D 364 -7.64 -17.93 30.07
C ARG D 364 -6.58 -19.02 30.20
N PRO D 365 -5.94 -19.38 29.07
CA PRO D 365 -4.87 -20.38 29.08
C PRO D 365 -3.53 -19.78 29.51
N ARG D 366 -2.47 -20.57 29.40
CA ARG D 366 -1.12 -20.10 29.72
C ARG D 366 -0.17 -20.29 28.54
N ALA D 367 1.05 -19.80 28.69
CA ALA D 367 2.12 -20.05 27.74
C ALA D 367 3.33 -20.56 28.49
N VAL D 368 4.16 -21.35 27.82
CA VAL D 368 5.47 -21.72 28.39
C VAL D 368 6.49 -20.64 28.01
N TYR D 369 7.29 -20.22 28.98
CA TYR D 369 8.24 -19.13 28.76
C TYR D 369 9.60 -19.64 28.29
N VAL D 370 10.05 -19.11 27.16
CA VAL D 370 11.32 -19.50 26.53
C VAL D 370 12.20 -18.27 26.24
N GLY D 371 11.79 -17.12 26.78
CA GLY D 371 12.51 -15.86 26.56
C GLY D 371 13.66 -15.59 27.52
N PRO D 372 14.19 -14.35 27.52
CA PRO D 372 15.32 -13.94 28.36
C PRO D 372 15.04 -14.02 29.86
N ALA D 373 16.07 -14.37 30.63
CA ALA D 373 16.00 -14.38 32.09
C ALA D 373 16.22 -12.96 32.63
N GLU D 374 16.14 -12.80 33.95
CA GLU D 374 16.21 -11.50 34.61
C GLU D 374 17.27 -10.56 34.05
N ARG D 375 16.82 -9.40 33.57
CA ARG D 375 17.69 -8.37 33.02
C ARG D 375 17.47 -7.06 33.76
N LYS D 376 18.57 -6.42 34.14
CA LYS D 376 18.51 -5.05 34.65
C LYS D 376 18.35 -4.08 33.49
N TYR D 377 17.46 -3.11 33.66
CA TYR D 377 17.25 -2.06 32.66
C TYR D 377 18.48 -1.17 32.61
N VAL D 378 18.98 -0.95 31.39
CA VAL D 378 20.13 -0.09 31.16
C VAL D 378 19.67 1.12 30.34
N PRO D 379 19.91 2.35 30.84
CA PRO D 379 19.52 3.59 30.17
C PRO D 379 19.93 3.63 28.70
N ILE D 380 19.16 4.36 27.89
CA ILE D 380 19.36 4.41 26.43
C ILE D 380 20.69 5.02 25.98
N ALA D 381 21.31 5.78 26.87
CA ALA D 381 22.61 6.40 26.58
C ALA D 381 23.75 5.40 26.58
N GLU D 382 23.63 4.35 27.39
CA GLU D 382 24.68 3.34 27.54
C GLU D 382 24.17 1.94 27.96
N ARG D 383 23.73 1.09 27.03
CA ARG D 383 23.52 1.36 25.59
C ARG D 383 24.35 2.48 24.95
#